data_1LGX
# 
_entry.id   1LGX 
# 
_audit_conform.dict_name       mmcif_pdbx.dic 
_audit_conform.dict_version    5.376 
_audit_conform.dict_location   http://mmcif.pdb.org/dictionaries/ascii/mmcif_pdbx.dic 
# 
loop_
_database_2.database_id 
_database_2.database_code 
_database_2.pdbx_database_accession 
_database_2.pdbx_DOI 
PDB   1LGX         pdb_00001lgx 10.2210/pdb1lgx/pdb 
RCSB  RCSB015941   ?            ?                   
WWPDB D_1000015941 ?            ?                   
# 
loop_
_pdbx_database_related.db_name 
_pdbx_database_related.db_id 
_pdbx_database_related.details 
_pdbx_database_related.content_type 
PDB 1LGU 'T4 Lysozyme Mutant L99A/M102Q'                          unspecified 
PDB 1LGW 'T4 lysozyme mutant L99A/M102Q bound by 2-fluoroaniline' unspecified 
PDB 1LI2 'T4 lysozyme mutant L99A/M102Q bound by phenol'          unspecified 
PDB 1LI3 'T4 lysozyme mutant L99A/M102Q bound by 3-chlorophenol'  unspecified 
PDB 1LI6 'T4 lysozyme mutant L99A/M102Q bound by 5-methylpyrrole' unspecified 
# 
_pdbx_database_status.status_code                     REL 
_pdbx_database_status.entry_id                        1LGX 
_pdbx_database_status.recvd_initial_deposition_date   2002-04-16 
_pdbx_database_status.deposit_site                    RCSB 
_pdbx_database_status.process_site                    RCSB 
_pdbx_database_status.status_code_sf                  REL 
_pdbx_database_status.SG_entry                        . 
_pdbx_database_status.pdb_format_compatible           Y 
_pdbx_database_status.status_code_mr                  ? 
_pdbx_database_status.status_code_cs                  ? 
_pdbx_database_status.status_code_nmr_data            ? 
_pdbx_database_status.methods_development_category    ? 
# 
loop_
_audit_author.name 
_audit_author.pdbx_ordinal 
'Wei, B.Q.'      1 
'Baase, W.A.'    2 
'Weaver, L.H.'   3 
'Matthews, B.W.' 4 
'Shoichet, B.K.' 5 
# 
_citation.id                        primary 
_citation.title                     'A Model Binding Site for Testing Scoring Functions in Molecular Docking' 
_citation.journal_abbrev            J.Mol.Biol. 
_citation.journal_volume            322 
_citation.page_first                339 
_citation.page_last                 355 
_citation.year                      2002 
_citation.journal_id_ASTM           JMOBAK 
_citation.country                   UK 
_citation.journal_id_ISSN           0022-2836 
_citation.journal_id_CSD            0070 
_citation.book_publisher            ? 
_citation.pdbx_database_id_PubMed   12217695 
_citation.pdbx_database_id_DOI      '10.1016/S0022-2836(02)00777-5' 
# 
loop_
_citation_author.citation_id 
_citation_author.name 
_citation_author.ordinal 
_citation_author.identifier_ORCID 
primary 'Wei, B.Q.'      1 ? 
primary 'Baase, W.A.'    2 ? 
primary 'Weaver, L.H.'   3 ? 
primary 'Matthews, B.W.' 4 ? 
primary 'Shoichet, B.K.' 5 ? 
# 
_cell.entry_id           1LGX 
_cell.length_a           60.760 
_cell.length_b           60.760 
_cell.length_c           97.580 
_cell.angle_alpha        90.00 
_cell.angle_beta         90.00 
_cell.angle_gamma        120.00 
_cell.Z_PDB              6 
_cell.pdbx_unique_axis   ? 
# 
_symmetry.entry_id                         1LGX 
_symmetry.space_group_name_H-M             'P 32 2 1' 
_symmetry.pdbx_full_space_group_name_H-M   ? 
_symmetry.cell_setting                     ? 
_symmetry.Int_Tables_number                154 
# 
loop_
_entity.id 
_entity.type 
_entity.src_method 
_entity.pdbx_description 
_entity.formula_weight 
_entity.pdbx_number_of_molecules 
_entity.pdbx_ec 
_entity.pdbx_mutation 
_entity.pdbx_fragment 
_entity.details 
1 polymer     man Lysozyme             18617.320 1  3.2.1.17 'L99A, M102Q' ? ? 
2 non-polymer syn 'CHLORIDE ION'       35.453    2  ?        ?             ? ? 
3 non-polymer syn BETA-MERCAPTOETHANOL 78.133    2  ?        ?             ? ? 
4 non-polymer syn 3,5-DIFLUOROANILINE  129.107   1  ?        ?             ? ? 
5 water       nat water                18.015    61 ?        ?             ? ? 
# 
_entity_name_com.entity_id   1 
_entity_name_com.name        'Lysis protein, Muramidase, Endolysin' 
# 
_entity_poly.entity_id                      1 
_entity_poly.type                           'polypeptide(L)' 
_entity_poly.nstd_linkage                   no 
_entity_poly.nstd_monomer                   no 
_entity_poly.pdbx_seq_one_letter_code       
;MNIFEMLRIDEGLRLKIYKDTEGYYTIGIGHLLTKSPSLNAAKSELDKAIGRNCNGVITKDEAEKLFNQDVDAAVRGILR
NAKLKPVYDSLDAVRRCAAINQVFQMGETGVAGFTNSLRMLQQKRWDEAAVNLAKSRWYNQTPNRAKRVITTFRTGTWDA
YKNL
;
_entity_poly.pdbx_seq_one_letter_code_can   
;MNIFEMLRIDEGLRLKIYKDTEGYYTIGIGHLLTKSPSLNAAKSELDKAIGRNCNGVITKDEAEKLFNQDVDAAVRGILR
NAKLKPVYDSLDAVRRCAAINQVFQMGETGVAGFTNSLRMLQQKRWDEAAVNLAKSRWYNQTPNRAKRVITTFRTGTWDA
YKNL
;
_entity_poly.pdbx_strand_id                 A 
_entity_poly.pdbx_target_identifier         ? 
# 
loop_
_entity_poly_seq.entity_id 
_entity_poly_seq.num 
_entity_poly_seq.mon_id 
_entity_poly_seq.hetero 
1 1   MET n 
1 2   ASN n 
1 3   ILE n 
1 4   PHE n 
1 5   GLU n 
1 6   MET n 
1 7   LEU n 
1 8   ARG n 
1 9   ILE n 
1 10  ASP n 
1 11  GLU n 
1 12  GLY n 
1 13  LEU n 
1 14  ARG n 
1 15  LEU n 
1 16  LYS n 
1 17  ILE n 
1 18  TYR n 
1 19  LYS n 
1 20  ASP n 
1 21  THR n 
1 22  GLU n 
1 23  GLY n 
1 24  TYR n 
1 25  TYR n 
1 26  THR n 
1 27  ILE n 
1 28  GLY n 
1 29  ILE n 
1 30  GLY n 
1 31  HIS n 
1 32  LEU n 
1 33  LEU n 
1 34  THR n 
1 35  LYS n 
1 36  SER n 
1 37  PRO n 
1 38  SER n 
1 39  LEU n 
1 40  ASN n 
1 41  ALA n 
1 42  ALA n 
1 43  LYS n 
1 44  SER n 
1 45  GLU n 
1 46  LEU n 
1 47  ASP n 
1 48  LYS n 
1 49  ALA n 
1 50  ILE n 
1 51  GLY n 
1 52  ARG n 
1 53  ASN n 
1 54  CYS n 
1 55  ASN n 
1 56  GLY n 
1 57  VAL n 
1 58  ILE n 
1 59  THR n 
1 60  LYS n 
1 61  ASP n 
1 62  GLU n 
1 63  ALA n 
1 64  GLU n 
1 65  LYS n 
1 66  LEU n 
1 67  PHE n 
1 68  ASN n 
1 69  GLN n 
1 70  ASP n 
1 71  VAL n 
1 72  ASP n 
1 73  ALA n 
1 74  ALA n 
1 75  VAL n 
1 76  ARG n 
1 77  GLY n 
1 78  ILE n 
1 79  LEU n 
1 80  ARG n 
1 81  ASN n 
1 82  ALA n 
1 83  LYS n 
1 84  LEU n 
1 85  LYS n 
1 86  PRO n 
1 87  VAL n 
1 88  TYR n 
1 89  ASP n 
1 90  SER n 
1 91  LEU n 
1 92  ASP n 
1 93  ALA n 
1 94  VAL n 
1 95  ARG n 
1 96  ARG n 
1 97  CYS n 
1 98  ALA n 
1 99  ALA n 
1 100 ILE n 
1 101 ASN n 
1 102 GLN n 
1 103 VAL n 
1 104 PHE n 
1 105 GLN n 
1 106 MET n 
1 107 GLY n 
1 108 GLU n 
1 109 THR n 
1 110 GLY n 
1 111 VAL n 
1 112 ALA n 
1 113 GLY n 
1 114 PHE n 
1 115 THR n 
1 116 ASN n 
1 117 SER n 
1 118 LEU n 
1 119 ARG n 
1 120 MET n 
1 121 LEU n 
1 122 GLN n 
1 123 GLN n 
1 124 LYS n 
1 125 ARG n 
1 126 TRP n 
1 127 ASP n 
1 128 GLU n 
1 129 ALA n 
1 130 ALA n 
1 131 VAL n 
1 132 ASN n 
1 133 LEU n 
1 134 ALA n 
1 135 LYS n 
1 136 SER n 
1 137 ARG n 
1 138 TRP n 
1 139 TYR n 
1 140 ASN n 
1 141 GLN n 
1 142 THR n 
1 143 PRO n 
1 144 ASN n 
1 145 ARG n 
1 146 ALA n 
1 147 LYS n 
1 148 ARG n 
1 149 VAL n 
1 150 ILE n 
1 151 THR n 
1 152 THR n 
1 153 PHE n 
1 154 ARG n 
1 155 THR n 
1 156 GLY n 
1 157 THR n 
1 158 TRP n 
1 159 ASP n 
1 160 ALA n 
1 161 TYR n 
1 162 LYS n 
1 163 ASN n 
1 164 LEU n 
# 
_entity_src_gen.entity_id                          1 
_entity_src_gen.pdbx_src_id                        1 
_entity_src_gen.pdbx_alt_source_flag               sample 
_entity_src_gen.pdbx_seq_type                      ? 
_entity_src_gen.pdbx_beg_seq_num                   ? 
_entity_src_gen.pdbx_end_seq_num                   ? 
_entity_src_gen.gene_src_common_name               ? 
_entity_src_gen.gene_src_genus                     'T4-like viruses' 
_entity_src_gen.pdbx_gene_src_gene                 ? 
_entity_src_gen.gene_src_species                   'Enterobacteria phage T4 sensu lato' 
_entity_src_gen.gene_src_strain                    ? 
_entity_src_gen.gene_src_tissue                    ? 
_entity_src_gen.gene_src_tissue_fraction           ? 
_entity_src_gen.gene_src_details                   ? 
_entity_src_gen.pdbx_gene_src_fragment             ? 
_entity_src_gen.pdbx_gene_src_scientific_name      'Enterobacteria phage T4' 
_entity_src_gen.pdbx_gene_src_ncbi_taxonomy_id     10665 
_entity_src_gen.pdbx_gene_src_variant              ? 
_entity_src_gen.pdbx_gene_src_cell_line            ? 
_entity_src_gen.pdbx_gene_src_atcc                 ? 
_entity_src_gen.pdbx_gene_src_organ                ? 
_entity_src_gen.pdbx_gene_src_organelle            ? 
_entity_src_gen.pdbx_gene_src_cell                 ? 
_entity_src_gen.pdbx_gene_src_cellular_location    ? 
_entity_src_gen.host_org_common_name               ? 
_entity_src_gen.pdbx_host_org_scientific_name      'Escherichia coli' 
_entity_src_gen.pdbx_host_org_ncbi_taxonomy_id     562 
_entity_src_gen.host_org_genus                     Escherichia 
_entity_src_gen.pdbx_host_org_gene                 ? 
_entity_src_gen.pdbx_host_org_organ                ? 
_entity_src_gen.host_org_species                   ? 
_entity_src_gen.pdbx_host_org_tissue               ? 
_entity_src_gen.pdbx_host_org_tissue_fraction      ? 
_entity_src_gen.pdbx_host_org_strain               ? 
_entity_src_gen.pdbx_host_org_variant              ? 
_entity_src_gen.pdbx_host_org_cell_line            ? 
_entity_src_gen.pdbx_host_org_atcc                 ? 
_entity_src_gen.pdbx_host_org_culture_collection   ? 
_entity_src_gen.pdbx_host_org_cell                 ? 
_entity_src_gen.pdbx_host_org_organelle            ? 
_entity_src_gen.pdbx_host_org_cellular_location    ? 
_entity_src_gen.pdbx_host_org_vector_type          ? 
_entity_src_gen.pdbx_host_org_vector               ? 
_entity_src_gen.host_org_details                   ? 
_entity_src_gen.expression_system_id               ? 
_entity_src_gen.plasmid_name                       ? 
_entity_src_gen.plasmid_details                    ? 
_entity_src_gen.pdbx_description                   ? 
# 
_struct_ref.id                         1 
_struct_ref.db_name                    UNP 
_struct_ref.db_code                    LYS_BPT4 
_struct_ref.entity_id                  1 
_struct_ref.pdbx_seq_one_letter_code   
;MNIFEMLRIDEGLRLKIYKDTEGYYTIGIGHLLTKSPSLNAAKSELDKAIGRNCNGVITKDEAEKLFNQDVDAAVRGILR
NAKLKPVYDSLDAVRRCALINMVFQMGETGVAGFTNSLRMLQQKRWDEAAVNLAKSRWYNQTPNRAKRVITTFRTGTWDA
YKNL
;
_struct_ref.pdbx_align_begin           1 
_struct_ref.pdbx_db_accession          P00720 
_struct_ref.pdbx_db_isoform            ? 
# 
_struct_ref_seq.align_id                      1 
_struct_ref_seq.ref_id                        1 
_struct_ref_seq.pdbx_PDB_id_code              1LGX 
_struct_ref_seq.pdbx_strand_id                A 
_struct_ref_seq.seq_align_beg                 1 
_struct_ref_seq.pdbx_seq_align_beg_ins_code   ? 
_struct_ref_seq.seq_align_end                 164 
_struct_ref_seq.pdbx_seq_align_end_ins_code   ? 
_struct_ref_seq.pdbx_db_accession             P00720 
_struct_ref_seq.db_align_beg                  1 
_struct_ref_seq.pdbx_db_align_beg_ins_code    ? 
_struct_ref_seq.db_align_end                  164 
_struct_ref_seq.pdbx_db_align_end_ins_code    ? 
_struct_ref_seq.pdbx_auth_seq_align_beg       1 
_struct_ref_seq.pdbx_auth_seq_align_end       164 
# 
loop_
_struct_ref_seq_dif.align_id 
_struct_ref_seq_dif.pdbx_pdb_id_code 
_struct_ref_seq_dif.mon_id 
_struct_ref_seq_dif.pdbx_pdb_strand_id 
_struct_ref_seq_dif.seq_num 
_struct_ref_seq_dif.pdbx_pdb_ins_code 
_struct_ref_seq_dif.pdbx_seq_db_name 
_struct_ref_seq_dif.pdbx_seq_db_accession_code 
_struct_ref_seq_dif.db_mon_id 
_struct_ref_seq_dif.pdbx_seq_db_seq_num 
_struct_ref_seq_dif.details 
_struct_ref_seq_dif.pdbx_auth_seq_num 
_struct_ref_seq_dif.pdbx_ordinal 
1 1LGX ALA A 99  ? UNP P00720 LEU 99  'engineered mutation' 99  1 
1 1LGX GLN A 102 ? UNP P00720 MET 102 'engineered mutation' 102 2 
# 
loop_
_chem_comp.id 
_chem_comp.type 
_chem_comp.mon_nstd_flag 
_chem_comp.name 
_chem_comp.pdbx_synonyms 
_chem_comp.formula 
_chem_comp.formula_weight 
5AN non-polymer         . 3,5-DIFLUOROANILINE  ? 'C6 H5 F2 N'     129.107 
ALA 'L-peptide linking' y ALANINE              ? 'C3 H7 N O2'     89.093  
ARG 'L-peptide linking' y ARGININE             ? 'C6 H15 N4 O2 1' 175.209 
ASN 'L-peptide linking' y ASPARAGINE           ? 'C4 H8 N2 O3'    132.118 
ASP 'L-peptide linking' y 'ASPARTIC ACID'      ? 'C4 H7 N O4'     133.103 
BME non-polymer         . BETA-MERCAPTOETHANOL ? 'C2 H6 O S'      78.133  
CL  non-polymer         . 'CHLORIDE ION'       ? 'Cl -1'          35.453  
CYS 'L-peptide linking' y CYSTEINE             ? 'C3 H7 N O2 S'   121.158 
GLN 'L-peptide linking' y GLUTAMINE            ? 'C5 H10 N2 O3'   146.144 
GLU 'L-peptide linking' y 'GLUTAMIC ACID'      ? 'C5 H9 N O4'     147.129 
GLY 'peptide linking'   y GLYCINE              ? 'C2 H5 N O2'     75.067  
HIS 'L-peptide linking' y HISTIDINE            ? 'C6 H10 N3 O2 1' 156.162 
HOH non-polymer         . WATER                ? 'H2 O'           18.015  
ILE 'L-peptide linking' y ISOLEUCINE           ? 'C6 H13 N O2'    131.173 
LEU 'L-peptide linking' y LEUCINE              ? 'C6 H13 N O2'    131.173 
LYS 'L-peptide linking' y LYSINE               ? 'C6 H15 N2 O2 1' 147.195 
MET 'L-peptide linking' y METHIONINE           ? 'C5 H11 N O2 S'  149.211 
PHE 'L-peptide linking' y PHENYLALANINE        ? 'C9 H11 N O2'    165.189 
PRO 'L-peptide linking' y PROLINE              ? 'C5 H9 N O2'     115.130 
SER 'L-peptide linking' y SERINE               ? 'C3 H7 N O3'     105.093 
THR 'L-peptide linking' y THREONINE            ? 'C4 H9 N O3'     119.119 
TRP 'L-peptide linking' y TRYPTOPHAN           ? 'C11 H12 N2 O2'  204.225 
TYR 'L-peptide linking' y TYROSINE             ? 'C9 H11 N O3'    181.189 
VAL 'L-peptide linking' y VALINE               ? 'C5 H11 N O2'    117.146 
# 
_exptl.entry_id          1LGX 
_exptl.method            'X-RAY DIFFRACTION' 
_exptl.crystals_number   1 
# 
_exptl_crystal.id                    1 
_exptl_crystal.density_meas          ? 
_exptl_crystal.density_percent_sol   55.95 
_exptl_crystal.density_Matthews      2.79 
_exptl_crystal.description           ? 
# 
_diffrn.id                     1 
_diffrn.ambient_temp           298 
_diffrn.ambient_temp_details   ? 
_diffrn.crystal_id             1 
# 
_diffrn_detector.diffrn_id              1 
_diffrn_detector.detector               'AREA DETECTOR' 
_diffrn_detector.type                   SDMS 
_diffrn_detector.pdbx_collection_date   2001-05-01 
_diffrn_detector.details                'graphite plus pinhole' 
# 
_diffrn_radiation.diffrn_id                        1 
_diffrn_radiation.wavelength_id                    1 
_diffrn_radiation.pdbx_monochromatic_or_laue_m_l   M 
_diffrn_radiation.monochromator                    graphite 
_diffrn_radiation.pdbx_diffrn_protocol             'SINGLE WAVELENGTH' 
_diffrn_radiation.pdbx_scattering_type             x-ray 
# 
_diffrn_radiation_wavelength.id           1 
_diffrn_radiation_wavelength.wavelength   1.5418 
_diffrn_radiation_wavelength.wt           1.0 
# 
_diffrn_source.diffrn_id                   1 
_diffrn_source.source                      'ROTATING ANODE' 
_diffrn_source.type                        'RIGAKU RU200' 
_diffrn_source.pdbx_synchrotron_site       ? 
_diffrn_source.pdbx_synchrotron_beamline   ? 
_diffrn_source.pdbx_wavelength             ? 
_diffrn_source.pdbx_wavelength_list        1.5418 
# 
_reflns.entry_id                     1LGX 
_reflns.observed_criterion_sigma_I   0.0 
_reflns.observed_criterion_sigma_F   ? 
_reflns.d_resolution_low             15. 
_reflns.d_resolution_high            1.9 
_reflns.number_obs                   15458 
_reflns.number_all                   15458 
_reflns.percent_possible_obs         88 
_reflns.pdbx_Rmerge_I_obs            0.059 
_reflns.pdbx_Rsym_value              ? 
_reflns.pdbx_netI_over_sigmaI        8.8 
_reflns.B_iso_Wilson_estimate        ? 
_reflns.pdbx_redundancy              ? 
_reflns.R_free_details               ? 
_reflns.limit_h_max                  ? 
_reflns.limit_h_min                  ? 
_reflns.limit_k_max                  ? 
_reflns.limit_k_min                  ? 
_reflns.limit_l_max                  ? 
_reflns.limit_l_min                  ? 
_reflns.observed_criterion_F_max     ? 
_reflns.observed_criterion_F_min     ? 
_reflns.pdbx_diffrn_id               1 
_reflns.pdbx_ordinal                 1 
# 
_reflns_shell.d_res_high             1.9 
_reflns_shell.d_res_low              2.0 
_reflns_shell.percent_possible_all   81 
_reflns_shell.Rmerge_I_obs           0.165 
_reflns_shell.pdbx_Rsym_value        ? 
_reflns_shell.meanI_over_sigI_obs    2.6 
_reflns_shell.pdbx_redundancy        ? 
_reflns_shell.percent_possible_obs   ? 
_reflns_shell.number_unique_all      2697 
_reflns_shell.pdbx_diffrn_id         ? 
_reflns_shell.pdbx_ordinal           1 
# 
_refine.entry_id                                 1LGX 
_refine.ls_number_reflns_obs                     15458 
_refine.ls_number_reflns_all                     15458 
_refine.pdbx_ls_sigma_I                          ? 
_refine.pdbx_ls_sigma_F                          0. 
_refine.pdbx_data_cutoff_high_absF               ? 
_refine.pdbx_data_cutoff_low_absF                ? 
_refine.ls_d_res_low                             15. 
_refine.ls_d_res_high                            1.9 
_refine.ls_percent_reflns_obs                    88 
_refine.ls_R_factor_obs                          ? 
_refine.ls_R_factor_all                          ? 
_refine.ls_R_factor_R_work                       0.176 
_refine.ls_R_factor_R_free                       ? 
_refine.ls_R_factor_R_free_error                 ? 
_refine.ls_R_factor_R_free_error_details         ? 
_refine.ls_percent_reflns_R_free                 ? 
_refine.ls_number_reflns_R_free                  ? 
_refine.ls_number_parameters                     ? 
_refine.ls_number_restraints                     ? 
_refine.occupancy_min                            ? 
_refine.occupancy_max                            ? 
_refine.correlation_coeff_Fo_to_Fc               ? 
_refine.correlation_coeff_Fo_to_Fc_free          ? 
_refine.B_iso_mean                               ? 
_refine.aniso_B[1][1]                            ? 
_refine.aniso_B[2][2]                            ? 
_refine.aniso_B[3][3]                            ? 
_refine.aniso_B[1][2]                            ? 
_refine.aniso_B[1][3]                            ? 
_refine.aniso_B[2][3]                            ? 
_refine.solvent_model_details                    ? 
_refine.solvent_model_param_ksol                 ? 
_refine.solvent_model_param_bsol                 ? 
_refine.pdbx_solvent_vdw_probe_radii             ? 
_refine.pdbx_solvent_ion_probe_radii             ? 
_refine.pdbx_solvent_shrinkage_radii             ? 
_refine.pdbx_ls_cross_valid_method               ? 
_refine.details                                  'residues ASN163 and LEU164 are missing in the electron density' 
_refine.pdbx_starting_model                      'PDB ENTRY 1LGU' 
_refine.pdbx_method_to_determine_struct          'MOLECULAR REPLACEMENT' 
_refine.pdbx_isotropic_thermal_model             ? 
_refine.pdbx_stereochemistry_target_values       'Engh & Huber' 
_refine.pdbx_stereochem_target_val_spec_case     ? 
_refine.pdbx_R_Free_selection_details            ? 
_refine.pdbx_overall_ESU_R_Free                  ? 
_refine.overall_SU_B                             ? 
_refine.ls_redundancy_reflns_obs                 ? 
_refine.B_iso_min                                ? 
_refine.B_iso_max                                ? 
_refine.overall_SU_R_Cruickshank_DPI             ? 
_refine.overall_SU_R_free                        ? 
_refine.overall_SU_ML                            ? 
_refine.pdbx_overall_ESU_R                       ? 
_refine.pdbx_data_cutoff_high_rms_absF           ? 
_refine.pdbx_refine_id                           'X-RAY DIFFRACTION' 
_refine.pdbx_diffrn_id                           1 
_refine.pdbx_TLS_residual_ADP_flag               ? 
_refine.pdbx_overall_phase_error                 ? 
_refine.pdbx_overall_SU_R_free_Cruickshank_DPI   ? 
_refine.pdbx_overall_SU_R_Blow_DPI               ? 
_refine.pdbx_overall_SU_R_free_Blow_DPI          ? 
# 
_refine_hist.pdbx_refine_id                   'X-RAY DIFFRACTION' 
_refine_hist.cycle_id                         LAST 
_refine_hist.pdbx_number_atoms_protein        1290 
_refine_hist.pdbx_number_atoms_nucleic_acid   0 
_refine_hist.pdbx_number_atoms_ligand         28 
_refine_hist.number_atoms_solvent             61 
_refine_hist.number_atoms_total               1379 
_refine_hist.d_res_high                       1.9 
_refine_hist.d_res_low                        15. 
# 
loop_
_refine_ls_restr.type 
_refine_ls_restr.dev_ideal 
_refine_ls_restr.dev_ideal_target 
_refine_ls_restr.weight 
_refine_ls_restr.number 
_refine_ls_restr.pdbx_refine_id 
_refine_ls_restr.pdbx_restraint_function 
t_bond_d    0.018 ? ? ? 'X-RAY DIFFRACTION' ? 
t_angle_deg 2.7   ? ? ? 'X-RAY DIFFRACTION' ? 
# 
_struct.entry_id                  1LGX 
_struct.title                     'T4 Lysozyme Mutant L99A/M102Q Bound by 3,5-difluoroaniline' 
_struct.pdbx_model_details        ? 
_struct.pdbx_CASP_flag            ? 
_struct.pdbx_model_type_details   ? 
# 
_struct_keywords.entry_id        1LGX 
_struct_keywords.pdbx_keywords   HYDROLASE 
_struct_keywords.text            'Glycosidase, Bacteriolytic enzyme, HYDROLASE' 
# 
loop_
_struct_asym.id 
_struct_asym.pdbx_blank_PDB_chainid_flag 
_struct_asym.pdbx_modified 
_struct_asym.entity_id 
_struct_asym.details 
A N N 1 ? 
B N N 2 ? 
C N N 2 ? 
D N N 3 ? 
E N N 3 ? 
F N N 4 ? 
G N N 5 ? 
# 
_struct_biol.id                    1 
_struct_biol.pdbx_parent_biol_id   ? 
_struct_biol.details               ? 
# 
loop_
_struct_conf.conf_type_id 
_struct_conf.id 
_struct_conf.pdbx_PDB_helix_id 
_struct_conf.beg_label_comp_id 
_struct_conf.beg_label_asym_id 
_struct_conf.beg_label_seq_id 
_struct_conf.pdbx_beg_PDB_ins_code 
_struct_conf.end_label_comp_id 
_struct_conf.end_label_asym_id 
_struct_conf.end_label_seq_id 
_struct_conf.pdbx_end_PDB_ins_code 
_struct_conf.beg_auth_comp_id 
_struct_conf.beg_auth_asym_id 
_struct_conf.beg_auth_seq_id 
_struct_conf.end_auth_comp_id 
_struct_conf.end_auth_asym_id 
_struct_conf.end_auth_seq_id 
_struct_conf.pdbx_PDB_helix_class 
_struct_conf.details 
_struct_conf.pdbx_PDB_helix_length 
HELX_P HELX_P1  1  ASN A 2   ? GLY A 12  ? ASN A 2   GLY A 12  1 ? 11 
HELX_P HELX_P2  2  SER A 38  ? GLY A 51  ? SER A 38  GLY A 51  1 ? 14 
HELX_P HELX_P3  3  THR A 59  ? ASN A 81  ? THR A 59  ASN A 81  1 ? 23 
HELX_P HELX_P4  4  LEU A 84  ? LEU A 91  ? LEU A 84  LEU A 91  1 ? 8  
HELX_P HELX_P5  5  ASP A 92  ? VAL A 111 ? ASP A 92  VAL A 111 1 ? 20 
HELX_P HELX_P6  6  PHE A 114 ? GLN A 123 ? PHE A 114 GLN A 123 1 ? 10 
HELX_P HELX_P7  7  ARG A 125 ? LYS A 135 ? ARG A 125 LYS A 135 1 ? 11 
HELX_P HELX_P8  8  SER A 136 ? THR A 142 ? SER A 136 THR A 142 1 ? 7  
HELX_P HELX_P9  9  THR A 142 ? GLY A 156 ? THR A 142 GLY A 156 1 ? 15 
HELX_P HELX_P10 10 TRP A 158 ? LYS A 162 ? TRP A 158 LYS A 162 5 ? 5  
# 
_struct_conf_type.id          HELX_P 
_struct_conf_type.criteria    ? 
_struct_conf_type.reference   ? 
# 
_struct_sheet.id               A 
_struct_sheet.type             ? 
_struct_sheet.number_strands   3 
_struct_sheet.details          ? 
# 
loop_
_struct_sheet_order.sheet_id 
_struct_sheet_order.range_id_1 
_struct_sheet_order.range_id_2 
_struct_sheet_order.offset 
_struct_sheet_order.sense 
A 1 2 ? anti-parallel 
A 2 3 ? anti-parallel 
# 
loop_
_struct_sheet_range.sheet_id 
_struct_sheet_range.id 
_struct_sheet_range.beg_label_comp_id 
_struct_sheet_range.beg_label_asym_id 
_struct_sheet_range.beg_label_seq_id 
_struct_sheet_range.pdbx_beg_PDB_ins_code 
_struct_sheet_range.end_label_comp_id 
_struct_sheet_range.end_label_asym_id 
_struct_sheet_range.end_label_seq_id 
_struct_sheet_range.pdbx_end_PDB_ins_code 
_struct_sheet_range.beg_auth_comp_id 
_struct_sheet_range.beg_auth_asym_id 
_struct_sheet_range.beg_auth_seq_id 
_struct_sheet_range.end_auth_comp_id 
_struct_sheet_range.end_auth_asym_id 
_struct_sheet_range.end_auth_seq_id 
A 1 ARG A 14 ? LYS A 19 ? ARG A 14 LYS A 19 
A 2 TYR A 25 ? GLY A 28 ? TYR A 25 GLY A 28 
A 3 HIS A 31 ? THR A 34 ? HIS A 31 THR A 34 
# 
loop_
_pdbx_struct_sheet_hbond.sheet_id 
_pdbx_struct_sheet_hbond.range_id_1 
_pdbx_struct_sheet_hbond.range_id_2 
_pdbx_struct_sheet_hbond.range_1_label_atom_id 
_pdbx_struct_sheet_hbond.range_1_label_comp_id 
_pdbx_struct_sheet_hbond.range_1_label_asym_id 
_pdbx_struct_sheet_hbond.range_1_label_seq_id 
_pdbx_struct_sheet_hbond.range_1_PDB_ins_code 
_pdbx_struct_sheet_hbond.range_1_auth_atom_id 
_pdbx_struct_sheet_hbond.range_1_auth_comp_id 
_pdbx_struct_sheet_hbond.range_1_auth_asym_id 
_pdbx_struct_sheet_hbond.range_1_auth_seq_id 
_pdbx_struct_sheet_hbond.range_2_label_atom_id 
_pdbx_struct_sheet_hbond.range_2_label_comp_id 
_pdbx_struct_sheet_hbond.range_2_label_asym_id 
_pdbx_struct_sheet_hbond.range_2_label_seq_id 
_pdbx_struct_sheet_hbond.range_2_PDB_ins_code 
_pdbx_struct_sheet_hbond.range_2_auth_atom_id 
_pdbx_struct_sheet_hbond.range_2_auth_comp_id 
_pdbx_struct_sheet_hbond.range_2_auth_asym_id 
_pdbx_struct_sheet_hbond.range_2_auth_seq_id 
A 1 2 N TYR A 18 ? N TYR A 18 O THR A 26 ? O THR A 26 
A 2 3 N TYR A 25 ? N TYR A 25 O LEU A 33 ? O LEU A 33 
# 
loop_
_struct_site.id 
_struct_site.pdbx_evidence_code 
_struct_site.pdbx_auth_asym_id 
_struct_site.pdbx_auth_comp_id 
_struct_site.pdbx_auth_seq_id 
_struct_site.pdbx_auth_ins_code 
_struct_site.pdbx_num_residues 
_struct_site.details 
AC1 Software A CL  173 ? 4  'BINDING SITE FOR RESIDUE CL A 173'  
AC2 Software A CL  178 ? 5  'BINDING SITE FOR RESIDUE CL A 178'  
AC3 Software A BME 169 ? 6  'BINDING SITE FOR RESIDUE BME A 169' 
AC4 Software A BME 170 ? 2  'BINDING SITE FOR RESIDUE BME A 170' 
AC5 Software A 5AN 401 ? 12 'BINDING SITE FOR RESIDUE 5AN A 401' 
# 
loop_
_struct_site_gen.id 
_struct_site_gen.site_id 
_struct_site_gen.pdbx_num_res 
_struct_site_gen.label_comp_id 
_struct_site_gen.label_asym_id 
_struct_site_gen.label_seq_id 
_struct_site_gen.pdbx_auth_ins_code 
_struct_site_gen.auth_comp_id 
_struct_site_gen.auth_asym_id 
_struct_site_gen.auth_seq_id 
_struct_site_gen.label_atom_id 
_struct_site_gen.label_alt_id 
_struct_site_gen.symmetry 
_struct_site_gen.details 
1  AC1 4  THR A 142 ? THR A 142 . ? 1_555 ? 
2  AC1 4  ASN A 144 ? ASN A 144 . ? 1_555 ? 
3  AC1 4  ARG A 145 ? ARG A 145 . ? 1_555 ? 
4  AC1 4  HOH G .   ? HOH A 291 . ? 4_655 ? 
5  AC2 5  ALA A 49  ? ALA A 49  . ? 1_555 ? 
6  AC2 5  GLN A 69  ? GLN A 69  . ? 1_555 ? 
7  AC2 5  SER A 136 ? SER A 136 . ? 3_665 ? 
8  AC2 5  ARG A 137 ? ARG A 137 . ? 3_665 ? 
9  AC2 5  ASN A 140 ? ASN A 140 . ? 3_665 ? 
10 AC3 6  ASP A 72  ? ASP A 72  . ? 1_555 ? 
11 AC3 6  VAL A 75  ? VAL A 75  . ? 5_555 ? 
12 AC3 6  VAL A 75  ? VAL A 75  . ? 1_555 ? 
13 AC3 6  ARG A 76  ? ARG A 76  . ? 1_555 ? 
14 AC3 6  LEU A 79  ? LEU A 79  . ? 5_555 ? 
15 AC3 6  TYR A 88  ? TYR A 88  . ? 5_555 ? 
16 AC4 2  ASP A 72  ? ASP A 72  . ? 5_555 ? 
17 AC4 2  HOH G .   ? HOH A 199 . ? 1_555 ? 
18 AC5 12 ILE A 78  ? ILE A 78  . ? 1_555 ? 
19 AC5 12 LEU A 84  ? LEU A 84  . ? 1_555 ? 
20 AC5 12 VAL A 87  ? VAL A 87  . ? 1_555 ? 
21 AC5 12 TYR A 88  ? TYR A 88  . ? 1_555 ? 
22 AC5 12 LEU A 91  ? LEU A 91  . ? 1_555 ? 
23 AC5 12 ALA A 99  ? ALA A 99  . ? 1_555 ? 
24 AC5 12 GLN A 102 ? GLN A 102 . ? 1_555 ? 
25 AC5 12 VAL A 103 ? VAL A 103 . ? 1_555 ? 
26 AC5 12 VAL A 111 ? VAL A 111 . ? 1_555 ? 
27 AC5 12 LEU A 118 ? LEU A 118 . ? 1_555 ? 
28 AC5 12 LEU A 121 ? LEU A 121 . ? 1_555 ? 
29 AC5 12 PHE A 153 ? PHE A 153 . ? 1_555 ? 
# 
_atom_sites.entry_id                    1LGX 
_atom_sites.fract_transf_matrix[1][1]   0.01313747 
_atom_sites.fract_transf_matrix[1][2]   -0.01173628 
_atom_sites.fract_transf_matrix[1][3]   0.00712884 
_atom_sites.fract_transf_matrix[2][1]   -0.00370854 
_atom_sites.fract_transf_matrix[2][2]   -0.00997297 
_atom_sites.fract_transf_matrix[2][3]   0.01574607 
_atom_sites.fract_transf_matrix[3][1]   -0.00372559 
_atom_sites.fract_transf_matrix[3][2]   -0.00764423 
_atom_sites.fract_transf_matrix[3][3]   -0.00571903 
_atom_sites.fract_transf_vector[1]      0.682290 
_atom_sites.fract_transf_vector[2]      0.221391 
_atom_sites.fract_transf_vector[3]      0.100499 
# 
loop_
_atom_type.symbol 
C  
CL 
F  
N  
O  
S  
# 
loop_
_atom_site.group_PDB 
_atom_site.id 
_atom_site.type_symbol 
_atom_site.label_atom_id 
_atom_site.label_alt_id 
_atom_site.label_comp_id 
_atom_site.label_asym_id 
_atom_site.label_entity_id 
_atom_site.label_seq_id 
_atom_site.pdbx_PDB_ins_code 
_atom_site.Cartn_x 
_atom_site.Cartn_y 
_atom_site.Cartn_z 
_atom_site.occupancy 
_atom_site.B_iso_or_equiv 
_atom_site.pdbx_formal_charge 
_atom_site.auth_seq_id 
_atom_site.auth_comp_id 
_atom_site.auth_asym_id 
_atom_site.auth_atom_id 
_atom_site.pdbx_PDB_model_num 
ATOM   1    N  N   . MET A 1 1   ? 11.546  4.459   -12.263 1.00 16.71  ? 1   MET A N   1 
ATOM   2    C  CA  . MET A 1 1   ? 10.732  4.053   -11.130 1.00 20.70  ? 1   MET A CA  1 
ATOM   3    C  C   . MET A 1 1   ? 9.263   4.208   -11.507 1.00 17.68  ? 1   MET A C   1 
ATOM   4    O  O   . MET A 1 1   ? 8.945   5.116   -12.219 1.00 15.03  ? 1   MET A O   1 
ATOM   5    C  CB  . MET A 1 1   ? 11.338  4.782   -9.913  1.00 15.85  ? 1   MET A CB  1 
ATOM   6    C  CG  . MET A 1 1   ? 10.663  4.547   -8.587  1.00 41.86  ? 1   MET A CG  1 
ATOM   7    S  SD  . MET A 1 1   ? 11.131  3.008   -7.771  1.00 37.44  ? 1   MET A SD  1 
ATOM   8    C  CE  . MET A 1 1   ? 12.901  3.216   -7.852  1.00 18.33  ? 1   MET A CE  1 
ATOM   9    N  N   . ASN A 1 2   ? 8.412   3.310   -11.044 1.00 11.37  ? 2   ASN A N   1 
ATOM   10   C  CA  . ASN A 1 2   ? 6.983   3.336   -11.237 1.00 13.04  ? 2   ASN A CA  1 
ATOM   11   C  C   . ASN A 1 2   ? 6.404   2.729   -9.945  1.00 9.63   ? 2   ASN A C   1 
ATOM   12   O  O   . ASN A 1 2   ? 7.114   2.193   -9.089  1.00 6.41   ? 2   ASN A O   1 
ATOM   13   C  CB  . ASN A 1 2   ? 6.619   2.768   -12.638 1.00 10.60  ? 2   ASN A CB  1 
ATOM   14   C  CG  . ASN A 1 2   ? 6.947   1.314   -12.769 1.00 13.93  ? 2   ASN A CG  1 
ATOM   15   O  OD1 . ASN A 1 2   ? 6.642   0.465   -11.916 1.00 9.09   ? 2   ASN A OD1 1 
ATOM   16   N  ND2 . ASN A 1 2   ? 7.695   1.041   -13.819 1.00 15.32  ? 2   ASN A ND2 1 
ATOM   17   N  N   . ILE A 1 3   ? 5.099   2.740   -9.855  1.00 9.58   ? 3   ILE A N   1 
ATOM   18   C  CA  . ILE A 1 3   ? 4.392   2.238   -8.731  1.00 12.96  ? 3   ILE A CA  1 
ATOM   19   C  C   . ILE A 1 3   ? 4.762   0.775   -8.416  1.00 15.07  ? 3   ILE A C   1 
ATOM   20   O  O   . ILE A 1 3   ? 4.822   0.374   -7.262  1.00 5.43   ? 3   ILE A O   1 
ATOM   21   C  CB  . ILE A 1 3   ? 2.900   2.572   -8.942  1.00 8.98   ? 3   ILE A CB  1 
ATOM   22   C  CG1 . ILE A 1 3   ? 2.105   2.216   -7.705  1.00 4.41   ? 3   ILE A CG1 1 
ATOM   23   C  CG2 . ILE A 1 3   ? 2.279   1.695   -10.036 1.00 3.32   ? 3   ILE A CG2 1 
ATOM   24   C  CD1 . ILE A 1 3   ? 2.585   2.856   -6.385  1.00 8.67   ? 3   ILE A CD1 1 
ATOM   25   N  N   . PHE A 1 4   ? 4.858   -0.068  -9.460  1.00 10.58  ? 4   PHE A N   1 
ATOM   26   C  CA  . PHE A 1 4   ? 5.114   -1.500  -9.246  1.00 9.44   ? 4   PHE A CA  1 
ATOM   27   C  C   . PHE A 1 4   ? 6.450   -1.779  -8.618  1.00 9.03   ? 4   PHE A C   1 
ATOM   28   O  O   . PHE A 1 4   ? 6.572   -2.548  -7.676  1.00 10.38  ? 4   PHE A O   1 
ATOM   29   C  CB  . PHE A 1 4   ? 5.026   -2.230  -10.583 1.00 11.35  ? 4   PHE A CB  1 
ATOM   30   C  CG  . PHE A 1 4   ? 3.579   -2.254  -11.049 1.00 13.39  ? 4   PHE A CG  1 
ATOM   31   C  CD1 . PHE A 1 4   ? 3.103   -1.388  -12.036 1.00 13.22  ? 4   PHE A CD1 1 
ATOM   32   C  CD2 . PHE A 1 4   ? 2.658   -3.117  -10.448 1.00 9.89   ? 4   PHE A CD2 1 
ATOM   33   C  CE1 . PHE A 1 4   ? 1.768   -1.400  -12.455 1.00 13.55  ? 4   PHE A CE1 1 
ATOM   34   C  CE2 . PHE A 1 4   ? 1.337   -3.186  -10.877 1.00 12.77  ? 4   PHE A CE2 1 
ATOM   35   C  CZ  . PHE A 1 4   ? 0.886   -2.323  -11.872 1.00 17.32  ? 4   PHE A CZ  1 
ATOM   36   N  N   . GLU A 1 5   ? 7.452   -1.083  -9.147  1.00 10.60  ? 5   GLU A N   1 
ATOM   37   C  CA  . GLU A 1 5   ? 8.819   -1.208  -8.638  1.00 5.92   ? 5   GLU A CA  1 
ATOM   38   C  C   . GLU A 1 5   ? 8.900   -0.687  -7.249  1.00 15.18  ? 5   GLU A C   1 
ATOM   39   O  O   . GLU A 1 5   ? 9.612   -1.225  -6.420  1.00 16.16  ? 5   GLU A O   1 
ATOM   40   C  CB  . GLU A 1 5   ? 9.739   -0.258  -9.422  1.00 6.70   ? 5   GLU A CB  1 
ATOM   41   C  CG  . GLU A 1 5   ? 9.783   -0.784  -10.884 1.00 18.72  ? 5   GLU A CG  1 
ATOM   42   C  CD  . GLU A 1 5   ? 10.714  -0.123  -11.868 1.00 26.57  ? 5   GLU A CD  1 
ATOM   43   O  OE1 . GLU A 1 5   ? 11.121  1.026   -11.741 1.00 47.62  ? 5   GLU A OE1 1 
ATOM   44   O  OE2 . GLU A 1 5   ? 11.036  -0.932  -12.857 1.00 85.53  ? 5   GLU A OE2 1 
ATOM   45   N  N   . MET A 1 6   ? 8.179   0.402   -7.021  1.00 6.25   ? 6   MET A N   1 
ATOM   46   C  CA  . MET A 1 6   ? 8.162   1.030   -5.705  1.00 5.81   ? 6   MET A CA  1 
ATOM   47   C  C   . MET A 1 6   ? 7.534   0.123   -4.673  1.00 15.76  ? 6   MET A C   1 
ATOM   48   O  O   . MET A 1 6   ? 8.093   -0.204  -3.622  1.00 9.54   ? 6   MET A O   1 
ATOM   49   C  CB  . MET A 1 6   ? 7.341   2.344   -5.799  1.00 10.07  ? 6   MET A CB  1 
ATOM   50   C  CG  . MET A 1 6   ? 7.249   3.107   -4.468  1.00 9.54   ? 6   MET A CG  1 
ATOM   51   S  SD  . MET A 1 6   ? 5.895   4.304   -4.441  1.00 9.40   ? 6   MET A SD  1 
ATOM   52   C  CE  . MET A 1 6   ? 6.572   5.589   -3.306  1.00 11.71  ? 6   MET A CE  1 
ATOM   53   N  N   . LEU A 1 7   ? 6.328   -0.290  -4.959  1.00 9.97   ? 7   LEU A N   1 
ATOM   54   C  CA  . LEU A 1 7   ? 5.721   -1.214  -3.987  1.00 6.67   ? 7   LEU A CA  1 
ATOM   55   C  C   . LEU A 1 7   ? 6.458   -2.545  -3.909  1.00 13.91  ? 7   LEU A C   1 
ATOM   56   O  O   . LEU A 1 7   ? 6.507   -3.213  -2.869  1.00 8.56   ? 7   LEU A O   1 
ATOM   57   C  CB  . LEU A 1 7   ? 4.249   -1.504  -4.374  1.00 8.84   ? 7   LEU A CB  1 
ATOM   58   C  CG  . LEU A 1 7   ? 3.332   -0.406  -3.778  1.00 11.84  ? 7   LEU A CG  1 
ATOM   59   C  CD1 . LEU A 1 7   ? 2.027   -0.544  -4.520  1.00 15.02  ? 7   LEU A CD1 1 
ATOM   60   C  CD2 . LEU A 1 7   ? 3.284   -0.493  -2.275  1.00 9.67   ? 7   LEU A CD2 1 
ATOM   61   N  N   . ARG A 1 8   ? 7.033   -2.950  -5.035  1.00 11.11  ? 8   ARG A N   1 
ATOM   62   C  CA  . ARG A 1 8   ? 7.752   -4.191  -4.937  1.00 8.06   ? 8   ARG A CA  1 
ATOM   63   C  C   . ARG A 1 8   ? 8.890   -4.058  -3.980  1.00 16.65  ? 8   ARG A C   1 
ATOM   64   O  O   . ARG A 1 8   ? 9.175   -5.008  -3.262  1.00 16.33  ? 8   ARG A O   1 
ATOM   65   C  CB  . ARG A 1 8   ? 8.254   -4.774  -6.258  1.00 17.74  ? 8   ARG A CB  1 
ATOM   66   C  CG  . ARG A 1 8   ? 9.265   -5.883  -6.025  1.00 14.95  ? 8   ARG A CG  1 
ATOM   67   C  CD  . ARG A 1 8   ? 8.745   -7.258  -6.443  1.00 27.15  ? 8   ARG A CD  1 
ATOM   68   N  NE  . ARG A 1 8   ? 9.685   -8.371  -6.343  1.00 42.65  ? 8   ARG A NE  1 
ATOM   69   C  CZ  . ARG A 1 8   ? 10.589  -8.529  -5.357  1.00 100.00 ? 8   ARG A CZ  1 
ATOM   70   N  NH1 . ARG A 1 8   ? 10.738  -7.663  -4.331  1.00 55.22  ? 8   ARG A NH1 1 
ATOM   71   N  NH2 . ARG A 1 8   ? 11.382  -9.607  -5.406  1.00 100.00 ? 8   ARG A NH2 1 
ATOM   72   N  N   . ILE A 1 9   ? 9.490   -2.872  -3.920  1.00 7.40   ? 9   ILE A N   1 
ATOM   73   C  CA  . ILE A 1 9   ? 10.555  -2.660  -2.999  1.00 7.21   ? 9   ILE A CA  1 
ATOM   74   C  C   . ILE A 1 9   ? 9.993   -2.606  -1.547  1.00 12.96  ? 9   ILE A C   1 
ATOM   75   O  O   . ILE A 1 9   ? 10.585  -3.106  -0.628  1.00 12.06  ? 9   ILE A O   1 
ATOM   76   C  CB  . ILE A 1 9   ? 11.315  -1.363  -3.299  1.00 11.89  ? 9   ILE A CB  1 
ATOM   77   C  CG1 . ILE A 1 9   ? 12.273  -1.515  -4.487  1.00 11.56  ? 9   ILE A CG1 1 
ATOM   78   C  CG2 . ILE A 1 9   ? 12.079  -0.828  -2.035  1.00 12.77  ? 9   ILE A CG2 1 
ATOM   79   C  CD1 . ILE A 1 9   ? 12.692  -0.139  -4.992  1.00 16.10  ? 9   ILE A CD1 1 
ATOM   80   N  N   . ASP A 1 10  ? 8.849   -2.009  -1.318  1.00 11.95  ? 10  ASP A N   1 
ATOM   81   C  CA  . ASP A 1 10  ? 8.311   -1.878  0.013   1.00 11.60  ? 10  ASP A CA  1 
ATOM   82   C  C   . ASP A 1 10  ? 7.704   -3.158  0.614   1.00 17.62  ? 10  ASP A C   1 
ATOM   83   O  O   . ASP A 1 10  ? 7.784   -3.419  1.819   1.00 11.56  ? 10  ASP A O   1 
ATOM   84   C  CB  . ASP A 1 10  ? 7.251   -0.726  0.073   1.00 13.06  ? 10  ASP A CB  1 
ATOM   85   C  CG  . ASP A 1 10  ? 7.889   0.649   0.082   1.00 10.77  ? 10  ASP A CG  1 
ATOM   86   O  OD1 . ASP A 1 10  ? 9.003   0.819   0.479   1.00 10.92  ? 10  ASP A OD1 1 
ATOM   87   O  OD2 . ASP A 1 10  ? 7.289   1.569   -0.608  1.00 9.56   ? 10  ASP A OD2 1 
ATOM   88   N  N   . GLU A 1 11  ? 7.138   -4.004  -0.207  1.00 8.58   ? 11  GLU A N   1 
ATOM   89   C  CA  . GLU A 1 11  ? 6.428   -5.215  0.268   1.00 9.44   ? 11  GLU A CA  1 
ATOM   90   C  C   . GLU A 1 11  ? 7.232   -6.533  0.148   1.00 15.38  ? 11  GLU A C   1 
ATOM   91   O  O   . GLU A 1 11  ? 6.929   -7.585  0.684   1.00 21.15  ? 11  GLU A O   1 
ATOM   92   C  CB  . GLU A 1 11  ? 5.184   -5.398  -0.651  1.00 10.22  ? 11  GLU A CB  1 
ATOM   93   C  CG  . GLU A 1 11  ? 4.275   -4.170  -0.497  1.00 9.05   ? 11  GLU A CG  1 
ATOM   94   C  CD  . GLU A 1 11  ? 3.665   -4.169  0.885   1.00 12.78  ? 11  GLU A CD  1 
ATOM   95   O  OE1 . GLU A 1 11  ? 3.800   -5.096  1.666   1.00 21.18  ? 11  GLU A OE1 1 
ATOM   96   O  OE2 . GLU A 1 11  ? 2.930   -3.141  1.159   1.00 12.17  ? 11  GLU A OE2 1 
ATOM   97   N  N   . GLY A 1 12  ? 8.248   -6.497  -0.664  1.00 9.92   ? 12  GLY A N   1 
ATOM   98   C  CA  . GLY A 1 12  ? 9.099   -7.675  -0.976  1.00 14.94  ? 12  GLY A CA  1 
ATOM   99   C  C   . GLY A 1 12  ? 8.259   -8.683  -1.713  1.00 24.37  ? 12  GLY A C   1 
ATOM   100  O  O   . GLY A 1 12  ? 7.130   -8.347  -2.107  1.00 18.00  ? 12  GLY A O   1 
ATOM   101  N  N   . LEU A 1 13  ? 8.792   -9.911  -1.928  1.00 16.10  ? 13  LEU A N   1 
ATOM   102  C  CA  . LEU A 1 13  ? 8.007   -10.953 -2.634  1.00 16.74  ? 13  LEU A CA  1 
ATOM   103  C  C   . LEU A 1 13  ? 8.136   -12.293 -1.966  1.00 24.85  ? 13  LEU A C   1 
ATOM   104  O  O   . LEU A 1 13  ? 9.227   -12.694 -1.753  1.00 17.03  ? 13  LEU A O   1 
ATOM   105  C  CB  . LEU A 1 13  ? 8.442   -11.117 -4.087  1.00 13.60  ? 13  LEU A CB  1 
ATOM   106  C  CG  . LEU A 1 13  ? 7.898   -12.372 -4.831  1.00 23.11  ? 13  LEU A CG  1 
ATOM   107  C  CD1 . LEU A 1 13  ? 6.399   -12.447 -4.935  1.00 14.13  ? 13  LEU A CD1 1 
ATOM   108  C  CD2 . LEU A 1 13  ? 8.291   -12.331 -6.312  1.00 22.70  ? 13  LEU A CD2 1 
ATOM   109  N  N   . ARG A 1 14  ? 7.064   -12.973 -1.604  1.00 18.40  ? 14  ARG A N   1 
ATOM   110  C  CA  . ARG A 1 14  ? 7.157   -14.257 -0.949  1.00 17.23  ? 14  ARG A CA  1 
ATOM   111  C  C   . ARG A 1 14  ? 6.138   -15.172 -1.505  1.00 22.38  ? 14  ARG A C   1 
ATOM   112  O  O   . ARG A 1 14  ? 4.980   -14.755 -1.640  1.00 14.01  ? 14  ARG A O   1 
ATOM   113  C  CB  . ARG A 1 14  ? 6.831   -14.204 0.531   1.00 15.85  ? 14  ARG A CB  1 
ATOM   114  C  CG  . ARG A 1 14  ? 7.730   -13.170 1.176   1.00 33.48  ? 14  ARG A CG  1 
ATOM   115  C  CD  . ARG A 1 14  ? 8.287   -13.600 2.515   1.00 21.59  ? 14  ARG A CD  1 
ATOM   116  N  NE  . ARG A 1 14  ? 8.338   -12.426 3.389   1.00 100.00 ? 14  ARG A NE  1 
ATOM   117  C  CZ  . ARG A 1 14  ? 8.319   -12.478 4.728   1.00 100.00 ? 14  ARG A CZ  1 
ATOM   118  N  NH1 . ARG A 1 14  ? 8.255   -13.667 5.379   1.00 49.30  ? 14  ARG A NH1 1 
ATOM   119  N  NH2 . ARG A 1 14  ? 8.376   -11.304 5.413   1.00 66.91  ? 14  ARG A NH2 1 
ATOM   120  N  N   . LEU A 1 15  ? 6.592   -16.381 -1.845  1.00 18.12  ? 15  LEU A N   1 
ATOM   121  C  CA  . LEU A 1 15  ? 5.674   -17.297 -2.476  1.00 12.19  ? 15  LEU A CA  1 
ATOM   122  C  C   . LEU A 1 15  ? 4.918   -18.222 -1.567  1.00 15.78  ? 15  LEU A C   1 
ATOM   123  O  O   . LEU A 1 15  ? 4.099   -18.984 -2.102  1.00 21.31  ? 15  LEU A O   1 
ATOM   124  C  CB  . LEU A 1 15  ? 6.444   -18.136 -3.487  1.00 12.88  ? 15  LEU A CB  1 
ATOM   125  C  CG  . LEU A 1 15  ? 7.054   -17.173 -4.483  1.00 14.23  ? 15  LEU A CG  1 
ATOM   126  C  CD1 . LEU A 1 15  ? 7.614   -17.952 -5.664  1.00 21.39  ? 15  LEU A CD1 1 
ATOM   127  C  CD2 . LEU A 1 15  ? 5.973   -16.213 -5.003  1.00 24.92  ? 15  LEU A CD2 1 
ATOM   128  N  N   . LYS A 1 16  ? 5.194   -18.137 -0.241  1.00 7.66   ? 16  LYS A N   1 
ATOM   129  C  CA  . LYS A 1 16  ? 4.587   -18.998 0.765   1.00 12.36  ? 16  LYS A CA  1 
ATOM   130  C  C   . LYS A 1 16  ? 3.852   -18.153 1.752   1.00 14.39  ? 16  LYS A C   1 
ATOM   131  O  O   . LYS A 1 16  ? 4.326   -17.067 2.022   1.00 23.69  ? 16  LYS A O   1 
ATOM   132  C  CB  . LYS A 1 16  ? 5.615   -19.879 1.565   1.00 17.03  ? 16  LYS A CB  1 
ATOM   133  C  CG  . LYS A 1 16  ? 5.466   -19.753 3.089   1.00 100.00 ? 16  LYS A CG  1 
ATOM   134  C  CD  . LYS A 1 16  ? 5.172   -21.043 3.906   1.00 100.00 ? 16  LYS A CD  1 
ATOM   135  C  CE  . LYS A 1 16  ? 3.891   -21.837 3.544   1.00 100.00 ? 16  LYS A CE  1 
ATOM   136  N  NZ  . LYS A 1 16  ? 2.830   -22.041 4.575   1.00 66.49  ? 16  LYS A NZ  1 
ATOM   137  N  N   . ILE A 1 17  ? 2.673   -18.610 2.235   1.00 11.64  ? 17  ILE A N   1 
ATOM   138  C  CA  . ILE A 1 17  ? 1.949   -17.794 3.194   1.00 6.37   ? 17  ILE A CA  1 
ATOM   139  C  C   . ILE A 1 17  ? 2.856   -17.272 4.283   1.00 26.41  ? 17  ILE A C   1 
ATOM   140  O  O   . ILE A 1 17  ? 3.696   -18.058 4.781   1.00 12.32  ? 17  ILE A O   1 
ATOM   141  C  CB  . ILE A 1 17  ? 0.826   -18.605 3.834   1.00 7.27   ? 17  ILE A CB  1 
ATOM   142  C  CG1 . ILE A 1 17  ? -0.196  -18.720 2.729   1.00 11.84  ? 17  ILE A CG1 1 
ATOM   143  C  CG2 . ILE A 1 17  ? 0.254   -17.879 5.080   1.00 7.83   ? 17  ILE A CG2 1 
ATOM   144  C  CD1 . ILE A 1 17  ? -1.529  -19.375 3.170   1.00 14.29  ? 17  ILE A CD1 1 
ATOM   145  N  N   . TYR A 1 18  ? 2.707   -15.960 4.613   1.00 10.73  ? 18  TYR A N   1 
ATOM   146  C  CA  . TYR A 1 18  ? 3.533   -15.408 5.682   1.00 13.02  ? 18  TYR A CA  1 
ATOM   147  C  C   . TYR A 1 18  ? 2.696   -14.490 6.561   1.00 17.29  ? 18  TYR A C   1 
ATOM   148  O  O   . TYR A 1 18  ? 1.588   -14.102 6.152   1.00 19.97  ? 18  TYR A O   1 
ATOM   149  C  CB  . TYR A 1 18  ? 4.827   -14.705 5.094   1.00 11.38  ? 18  TYR A CB  1 
ATOM   150  C  CG  . TYR A 1 18  ? 4.620   -13.448 4.258   1.00 22.60  ? 18  TYR A CG  1 
ATOM   151  C  CD1 . TYR A 1 18  ? 4.737   -12.157 4.803   1.00 18.31  ? 18  TYR A CD1 1 
ATOM   152  C  CD2 . TYR A 1 18  ? 4.347   -13.558 2.893   1.00 22.01  ? 18  TYR A CD2 1 
ATOM   153  C  CE1 . TYR A 1 18  ? 4.591   -10.986 4.036   1.00 17.73  ? 18  TYR A CE1 1 
ATOM   154  C  CE2 . TYR A 1 18  ? 4.187   -12.408 2.116   1.00 32.40  ? 18  TYR A CE2 1 
ATOM   155  C  CZ  . TYR A 1 18  ? 4.295   -11.118 2.673   1.00 20.53  ? 18  TYR A CZ  1 
ATOM   156  O  OH  . TYR A 1 18  ? 4.167   -10.022 1.807   1.00 40.42  ? 18  TYR A OH  1 
ATOM   157  N  N   . LYS A 1 19  ? 3.265   -14.047 7.702   1.00 9.39   ? 19  LYS A N   1 
ATOM   158  C  CA  . LYS A 1 19  ? 2.547   -13.066 8.512   1.00 14.67  ? 19  LYS A CA  1 
ATOM   159  C  C   . LYS A 1 19  ? 3.174   -11.695 8.249   1.00 16.25  ? 19  LYS A C   1 
ATOM   160  O  O   . LYS A 1 19  ? 4.436   -11.557 8.180   1.00 17.45  ? 19  LYS A O   1 
ATOM   161  C  CB  . LYS A 1 19  ? 2.499   -13.237 10.024  1.00 14.14  ? 19  LYS A CB  1 
ATOM   162  C  CG  . LYS A 1 19  ? 1.666   -14.417 10.470  1.00 10.20  ? 19  LYS A CG  1 
ATOM   163  C  CD  . LYS A 1 19  ? 1.327   -14.452 11.963  1.00 48.28  ? 19  LYS A CD  1 
ATOM   164  C  CE  . LYS A 1 19  ? 1.141   -15.884 12.453  1.00 26.33  ? 19  LYS A CE  1 
ATOM   165  N  NZ  . LYS A 1 19  ? 0.874   -16.058 13.907  1.00 30.97  ? 19  LYS A NZ  1 
ATOM   166  N  N   . ASP A 1 20  ? 2.318   -10.683 8.104   1.00 12.07  ? 20  ASP A N   1 
ATOM   167  C  CA  . ASP A 1 20  ? 2.883   -9.363  7.798   1.00 6.08   ? 20  ASP A CA  1 
ATOM   168  C  C   . ASP A 1 20  ? 3.296   -8.660  9.065   1.00 12.20  ? 20  ASP A C   1 
ATOM   169  O  O   . ASP A 1 20  ? 3.189   -9.218  10.152  1.00 16.29  ? 20  ASP A O   1 
ATOM   170  C  CB  . ASP A 1 20  ? 1.899   -8.506  7.027   1.00 12.48  ? 20  ASP A CB  1 
ATOM   171  C  CG  . ASP A 1 20  ? 0.702   -8.165  7.883   1.00 21.27  ? 20  ASP A CG  1 
ATOM   172  O  OD1 . ASP A 1 20  ? 0.521   -8.495  9.064   1.00 14.16  ? 20  ASP A OD1 1 
ATOM   173  O  OD2 . ASP A 1 20  ? -0.144  -7.428  7.235   1.00 20.38  ? 20  ASP A OD2 1 
ATOM   174  N  N   . THR A 1 21  ? 3.687   -7.403  8.925   1.00 15.07  ? 21  THR A N   1 
ATOM   175  C  CA  . THR A 1 21  ? 4.165   -6.708  10.119  1.00 18.90  ? 21  THR A CA  1 
ATOM   176  C  C   . THR A 1 21  ? 3.136   -6.646  11.235  1.00 33.43  ? 21  THR A C   1 
ATOM   177  O  O   . THR A 1 21  ? 3.521   -6.513  12.394  1.00 15.81  ? 21  THR A O   1 
ATOM   178  C  CB  . THR A 1 21  ? 4.835   -5.422  9.713   1.00 41.26  ? 21  THR A CB  1 
ATOM   179  O  OG1 . THR A 1 21  ? 3.746   -4.585  9.421   1.00 22.71  ? 21  THR A OG1 1 
ATOM   180  C  CG2 . THR A 1 21  ? 5.541   -5.782  8.399   1.00 62.90  ? 21  THR A CG2 1 
ATOM   181  N  N   . GLU A 1 22  ? 1.830   -6.779  10.909  1.00 13.54  ? 22  GLU A N   1 
ATOM   182  C  CA  . GLU A 1 22  ? 0.755   -6.764  11.929  1.00 10.78  ? 22  GLU A CA  1 
ATOM   183  C  C   . GLU A 1 22  ? 0.350   -8.147  12.421  1.00 10.13  ? 22  GLU A C   1 
ATOM   184  O  O   . GLU A 1 22  ? -0.458  -8.245  13.334  1.00 13.98  ? 22  GLU A O   1 
ATOM   185  C  CB  . GLU A 1 22  ? -0.550  -6.024  11.564  1.00 14.91  ? 22  GLU A CB  1 
ATOM   186  C  CG  . GLU A 1 22  ? -0.333  -4.591  11.040  1.00 22.20  ? 22  GLU A CG  1 
ATOM   187  C  CD  . GLU A 1 22  ? -0.738  -3.563  12.044  1.00 45.65  ? 22  GLU A CD  1 
ATOM   188  O  OE1 . GLU A 1 22  ? -1.891  -3.180  12.195  1.00 75.95  ? 22  GLU A OE1 1 
ATOM   189  O  OE2 . GLU A 1 22  ? 0.287   -3.173  12.740  1.00 38.84  ? 22  GLU A OE2 1 
ATOM   190  N  N   . GLY A 1 23  ? 0.956   -9.157  11.782  1.00 12.16  ? 23  GLY A N   1 
ATOM   191  C  CA  . GLY A 1 23  ? 0.788   -10.566 12.038  1.00 11.42  ? 23  GLY A CA  1 
ATOM   192  C  C   . GLY A 1 23  ? -0.376  -11.181 11.297  1.00 30.94  ? 23  GLY A C   1 
ATOM   193  O  O   . GLY A 1 23  ? -0.947  -12.138 11.727  1.00 22.70  ? 23  GLY A O   1 
ATOM   194  N  N   . TYR A 1 24  ? -0.715  -10.655 10.152  1.00 16.59  ? 24  TYR A N   1 
ATOM   195  C  CA  . TYR A 1 24  ? -1.787  -11.270 9.437   1.00 18.93  ? 24  TYR A CA  1 
ATOM   196  C  C   . TYR A 1 24  ? -1.303  -11.986 8.239   1.00 16.07  ? 24  TYR A C   1 
ATOM   197  O  O   . TYR A 1 24  ? -0.278  -11.626 7.600   1.00 12.08  ? 24  TYR A O   1 
ATOM   198  C  CB  . TYR A 1 24  ? -2.669  -10.254 8.768   1.00 18.68  ? 24  TYR A CB  1 
ATOM   199  C  CG  . TYR A 1 24  ? -3.301  -9.352  9.794   1.00 18.80  ? 24  TYR A CG  1 
ATOM   200  C  CD1 . TYR A 1 24  ? -3.280  -7.975  9.579   1.00 21.88  ? 24  TYR A CD1 1 
ATOM   201  C  CD2 . TYR A 1 24  ? -3.937  -9.883  10.916  1.00 36.11  ? 24  TYR A CD2 1 
ATOM   202  C  CE1 . TYR A 1 24  ? -3.873  -7.083  10.470  1.00 27.52  ? 24  TYR A CE1 1 
ATOM   203  C  CE2 . TYR A 1 24  ? -4.536  -8.998  11.813  1.00 55.18  ? 24  TYR A CE2 1 
ATOM   204  C  CZ  . TYR A 1 24  ? -4.485  -7.615  11.605  1.00 48.30  ? 24  TYR A CZ  1 
ATOM   205  O  OH  . TYR A 1 24  ? -5.074  -6.759  12.515  1.00 43.85  ? 24  TYR A OH  1 
ATOM   206  N  N   . TYR A 1 25  ? -2.105  -12.986 7.948   1.00 12.78  ? 25  TYR A N   1 
ATOM   207  C  CA  . TYR A 1 25  ? -1.721  -13.822 6.814   1.00 11.75  ? 25  TYR A CA  1 
ATOM   208  C  C   . TYR A 1 25  ? -1.711  -13.100 5.451   1.00 8.50   ? 25  TYR A C   1 
ATOM   209  O  O   . TYR A 1 25  ? -2.736  -12.536 4.983   1.00 14.75  ? 25  TYR A O   1 
ATOM   210  C  CB  . TYR A 1 25  ? -2.695  -15.030 6.818   1.00 6.01   ? 25  TYR A CB  1 
ATOM   211  C  CG  . TYR A 1 25  ? -2.337  -15.985 7.942   1.00 19.30  ? 25  TYR A CG  1 
ATOM   212  C  CD1 . TYR A 1 25  ? -3.327  -16.395 8.841   1.00 20.13  ? 25  TYR A CD1 1 
ATOM   213  C  CD2 . TYR A 1 25  ? -1.029  -16.430 8.141   1.00 17.41  ? 25  TYR A CD2 1 
ATOM   214  C  CE1 . TYR A 1 25  ? -3.034  -17.198 9.946   1.00 14.66  ? 25  TYR A CE1 1 
ATOM   215  C  CE2 . TYR A 1 25  ? -0.727  -17.290 9.198   1.00 32.89  ? 25  TYR A CE2 1 
ATOM   216  C  CZ  . TYR A 1 25  ? -1.740  -17.704 10.070  1.00 23.27  ? 25  TYR A CZ  1 
ATOM   217  O  OH  . TYR A 1 25  ? -1.460  -18.583 11.078  1.00 46.06  ? 25  TYR A OH  1 
ATOM   218  N  N   . THR A 1 26  ? -0.594  -13.247 4.773   1.00 8.13   ? 26  THR A N   1 
ATOM   219  C  CA  . THR A 1 26  ? -0.393  -12.600 3.521   1.00 10.99  ? 26  THR A CA  1 
ATOM   220  C  C   . THR A 1 26  ? 0.422   -13.511 2.636   1.00 8.27   ? 26  THR A C   1 
ATOM   221  O  O   . THR A 1 26  ? 1.056   -14.450 3.117   1.00 13.54  ? 26  THR A O   1 
ATOM   222  C  CB  . THR A 1 26  ? 0.554   -11.378 3.854   1.00 17.26  ? 26  THR A CB  1 
ATOM   223  O  OG1 . THR A 1 26  ? -0.129  -10.593 4.810   1.00 10.29  ? 26  THR A OG1 1 
ATOM   224  C  CG2 . THR A 1 26  ? 1.084   -10.463 2.733   1.00 6.49   ? 26  THR A CG2 1 
ATOM   225  N  N   . ILE A 1 27  ? 0.543   -13.123 1.354   1.00 9.89   ? 27  ILE A N   1 
ATOM   226  C  CA  . ILE A 1 27  ? 1.343   -13.878 0.397   1.00 16.77  ? 27  ILE A CA  1 
ATOM   227  C  C   . ILE A 1 27  ? 1.723   -12.977 -0.766  1.00 8.98   ? 27  ILE A C   1 
ATOM   228  O  O   . ILE A 1 27  ? 1.190   -11.878 -0.965  1.00 10.42  ? 27  ILE A O   1 
ATOM   229  C  CB  . ILE A 1 27  ? 0.549   -15.120 -0.074  1.00 17.27  ? 27  ILE A CB  1 
ATOM   230  C  CG1 . ILE A 1 27  ? 1.463   -16.096 -0.836  1.00 9.79   ? 27  ILE A CG1 1 
ATOM   231  C  CG2 . ILE A 1 27  ? -0.551  -14.541 -0.969  1.00 14.55  ? 27  ILE A CG2 1 
ATOM   232  C  CD1 . ILE A 1 27  ? 1.006   -17.506 -0.932  1.00 13.81  ? 27  ILE A CD1 1 
ATOM   233  N  N   . GLY A 1 28  ? 2.651   -13.469 -1.537  1.00 6.63   ? 28  GLY A N   1 
ATOM   234  C  CA  . GLY A 1 28  ? 3.109   -12.776 -2.723  1.00 6.23   ? 28  GLY A CA  1 
ATOM   235  C  C   . GLY A 1 28  ? 3.765   -11.413 -2.418  1.00 22.90  ? 28  GLY A C   1 
ATOM   236  O  O   . GLY A 1 28  ? 4.704   -11.277 -1.580  1.00 8.39   ? 28  GLY A O   1 
ATOM   237  N  N   . ILE A 1 29  ? 3.216   -10.384 -3.105  1.00 11.43  ? 29  ILE A N   1 
ATOM   238  C  CA  . ILE A 1 29  ? 3.666   -8.996  -2.994  1.00 4.20   ? 29  ILE A CA  1 
ATOM   239  C  C   . ILE A 1 29  ? 2.729   -8.134  -2.134  1.00 10.32  ? 29  ILE A C   1 
ATOM   240  O  O   . ILE A 1 29  ? 2.029   -7.240  -2.642  1.00 13.27  ? 29  ILE A O   1 
ATOM   241  C  CB  . ILE A 1 29  ? 3.971   -8.322  -4.364  1.00 11.57  ? 29  ILE A CB  1 
ATOM   242  C  CG1 . ILE A 1 29  ? 4.972   -9.231  -5.133  1.00 11.55  ? 29  ILE A CG1 1 
ATOM   243  C  CG2 . ILE A 1 29  ? 4.480   -6.900  -4.053  1.00 11.71  ? 29  ILE A CG2 1 
ATOM   244  C  CD1 . ILE A 1 29  ? 5.106   -9.023  -6.625  1.00 16.14  ? 29  ILE A CD1 1 
ATOM   245  N  N   . GLY A 1 30  ? 2.725   -8.470  -0.831  1.00 11.86  ? 30  GLY A N   1 
ATOM   246  C  CA  . GLY A 1 30  ? 1.882   -7.782  0.118   1.00 7.23   ? 30  GLY A CA  1 
ATOM   247  C  C   . GLY A 1 30  ? 0.384   -8.076  -0.066  1.00 7.20   ? 30  GLY A C   1 
ATOM   248  O  O   . GLY A 1 30  ? -0.442  -7.281  0.284   1.00 13.65  ? 30  GLY A O   1 
ATOM   249  N  N   . HIS A 1 31  ? -0.013  -9.226  -0.596  1.00 5.45   ? 31  HIS A N   1 
ATOM   250  C  CA  . HIS A 1 31  ? -1.411  -9.486  -0.712  1.00 5.79   ? 31  HIS A CA  1 
ATOM   251  C  C   . HIS A 1 31  ? -2.040  -10.092 0.547   1.00 8.69   ? 31  HIS A C   1 
ATOM   252  O  O   . HIS A 1 31  ? -1.781  -11.241 0.962   1.00 11.97  ? 31  HIS A O   1 
ATOM   253  C  CB  . HIS A 1 31  ? -1.558  -10.441 -1.906  1.00 3.39   ? 31  HIS A CB  1 
ATOM   254  C  CG  . HIS A 1 31  ? -3.047  -10.739 -2.065  1.00 10.77  ? 31  HIS A CG  1 
ATOM   255  N  ND1 . HIS A 1 31  ? -3.901  -9.924  -2.832  1.00 12.61  ? 31  HIS A ND1 1 
ATOM   256  C  CD2 . HIS A 1 31  ? -3.814  -11.745 -1.583  1.00 9.87   ? 31  HIS A CD2 1 
ATOM   257  C  CE1 . HIS A 1 31  ? -5.171  -10.351 -2.756  1.00 6.59   ? 31  HIS A CE1 1 
ATOM   258  N  NE2 . HIS A 1 31  ? -5.150  -11.471 -2.016  1.00 12.89  ? 31  HIS A NE2 1 
ATOM   259  N  N   . LEU A 1 32  ? -2.852  -9.296  1.229   1.00 8.78   ? 32  LEU A N   1 
ATOM   260  C  CA  . LEU A 1 32  ? -3.422  -9.709  2.484   1.00 11.52  ? 32  LEU A CA  1 
ATOM   261  C  C   . LEU A 1 32  ? -4.432  -10.805 2.267   1.00 14.47  ? 32  LEU A C   1 
ATOM   262  O  O   . LEU A 1 32  ? -5.273  -10.701 1.396   1.00 17.65  ? 32  LEU A O   1 
ATOM   263  C  CB  . LEU A 1 32  ? -4.111  -8.498  3.130   1.00 20.16  ? 32  LEU A CB  1 
ATOM   264  C  CG  . LEU A 1 32  ? -4.853  -8.898  4.411   1.00 32.42  ? 32  LEU A CG  1 
ATOM   265  C  CD1 . LEU A 1 32  ? -3.845  -9.374  5.463   1.00 28.67  ? 32  LEU A CD1 1 
ATOM   266  C  CD2 . LEU A 1 32  ? -5.815  -7.812  4.907   1.00 26.01  ? 32  LEU A CD2 1 
ATOM   267  N  N   . LEU A 1 33  ? -4.358  -11.893 3.000   1.00 8.87   ? 33  LEU A N   1 
ATOM   268  C  CA  . LEU A 1 33  ? -5.360  -12.896 2.742   1.00 8.18   ? 33  LEU A CA  1 
ATOM   269  C  C   . LEU A 1 33  ? -6.569  -12.820 3.721   1.00 16.36  ? 33  LEU A C   1 
ATOM   270  O  O   . LEU A 1 33  ? -7.747  -12.955 3.368   1.00 15.25  ? 33  LEU A O   1 
ATOM   271  C  CB  . LEU A 1 33  ? -4.689  -14.262 2.956   1.00 11.84  ? 33  LEU A CB  1 
ATOM   272  C  CG  . LEU A 1 33  ? -3.699  -14.486 1.854   1.00 20.87  ? 33  LEU A CG  1 
ATOM   273  C  CD1 . LEU A 1 33  ? -2.946  -15.733 2.224   1.00 10.64  ? 33  LEU A CD1 1 
ATOM   274  C  CD2 . LEU A 1 33  ? -4.561  -14.743 0.627   1.00 14.37  ? 33  LEU A CD2 1 
ATOM   275  N  N   . THR A 1 34  ? -6.277  -12.665 5.005   1.00 15.83  ? 34  THR A N   1 
ATOM   276  C  CA  . THR A 1 34  ? -7.300  -12.574 6.007   1.00 18.28  ? 34  THR A CA  1 
ATOM   277  C  C   . THR A 1 34  ? -6.708  -12.015 7.266   1.00 25.07  ? 34  THR A C   1 
ATOM   278  O  O   . THR A 1 34  ? -5.507  -12.133 7.516   1.00 27.08  ? 34  THR A O   1 
ATOM   279  C  CB  . THR A 1 34  ? -7.890  -13.960 6.363   1.00 28.97  ? 34  THR A CB  1 
ATOM   280  O  OG1 . THR A 1 34  ? -8.858  -13.750 7.384   1.00 18.86  ? 34  THR A OG1 1 
ATOM   281  C  CG2 . THR A 1 34  ? -6.843  -15.000 6.797   1.00 17.20  ? 34  THR A CG2 1 
ATOM   282  N  N   . LYS A 1 35  ? -7.561  -11.457 8.073   1.00 22.70  ? 35  LYS A N   1 
ATOM   283  C  CA  . LYS A 1 35  ? -7.084  -10.920 9.343   1.00 24.18  ? 35  LYS A CA  1 
ATOM   284  C  C   . LYS A 1 35  ? -7.261  -11.942 10.449  1.00 33.99  ? 35  LYS A C   1 
ATOM   285  O  O   . LYS A 1 35  ? -6.824  -11.802 11.576  1.00 29.64  ? 35  LYS A O   1 
ATOM   286  C  CB  . LYS A 1 35  ? -7.848  -9.684  9.772   1.00 22.98  ? 35  LYS A CB  1 
ATOM   287  C  CG  . LYS A 1 35  ? -7.202  -8.352  9.336   1.00 30.28  ? 35  LYS A CG  1 
ATOM   288  C  CD  . LYS A 1 35  ? -8.159  -7.232  8.906   1.00 28.24  ? 35  LYS A CD  1 
ATOM   289  C  CE  . LYS A 1 35  ? -7.705  -5.791  9.116   1.00 68.03  ? 35  LYS A CE  1 
ATOM   290  N  NZ  . LYS A 1 35  ? -8.835  -4.831  9.145   1.00 100.00 ? 35  LYS A NZ  1 
ATOM   291  N  N   . SER A 1 36  ? -7.914  -13.017 10.100  1.00 23.47  ? 36  SER A N   1 
ATOM   292  C  CA  . SER A 1 36  ? -8.137  -14.077 11.047  1.00 19.34  ? 36  SER A CA  1 
ATOM   293  C  C   . SER A 1 36  ? -6.854  -14.796 11.361  1.00 17.97  ? 36  SER A C   1 
ATOM   294  O  O   . SER A 1 36  ? -5.987  -15.015 10.533  1.00 18.74  ? 36  SER A O   1 
ATOM   295  C  CB  . SER A 1 36  ? -9.198  -15.090 10.582  1.00 30.68  ? 36  SER A CB  1 
ATOM   296  O  OG  . SER A 1 36  ? -8.951  -16.443 11.009  1.00 35.50  ? 36  SER A OG  1 
ATOM   297  N  N   . PRO A 1 37  ? -6.804  -15.311 12.565  1.00 23.88  ? 37  PRO A N   1 
ATOM   298  C  CA  . PRO A 1 37  ? -5.658  -16.058 13.030  1.00 25.34  ? 37  PRO A CA  1 
ATOM   299  C  C   . PRO A 1 37  ? -5.652  -17.523 12.603  1.00 31.59  ? 37  PRO A C   1 
ATOM   300  O  O   . PRO A 1 37  ? -4.689  -18.219 12.948  1.00 44.45  ? 37  PRO A O   1 
ATOM   301  C  CB  . PRO A 1 37  ? -5.701  -15.887 14.533  1.00 31.50  ? 37  PRO A CB  1 
ATOM   302  C  CG  . PRO A 1 37  ? -7.145  -15.607 14.862  1.00 24.32  ? 37  PRO A CG  1 
ATOM   303  C  CD  . PRO A 1 37  ? -7.788  -15.044 13.623  1.00 25.91  ? 37  PRO A CD  1 
ATOM   304  N  N   . SER A 1 38  ? -6.663  -17.989 11.822  1.00 29.48  ? 38  SER A N   1 
ATOM   305  C  CA  . SER A 1 38  ? -6.717  -19.391 11.359  1.00 33.87  ? 38  SER A CA  1 
ATOM   306  C  C   . SER A 1 38  ? -6.003  -19.597 10.025  1.00 29.42  ? 38  SER A C   1 
ATOM   307  O  O   . SER A 1 38  ? -6.407  -19.101 8.990   1.00 25.90  ? 38  SER A O   1 
ATOM   308  C  CB  . SER A 1 38  ? -8.131  -20.092 11.380  1.00 30.85  ? 38  SER A CB  1 
ATOM   309  O  OG  . SER A 1 38  ? -8.050  -21.536 11.172  1.00 30.93  ? 38  SER A OG  1 
ATOM   310  N  N   . LEU A 1 39  ? -4.954  -20.398 10.057  1.00 28.53  ? 39  LEU A N   1 
ATOM   311  C  CA  . LEU A 1 39  ? -4.216  -20.716 8.886   1.00 22.64  ? 39  LEU A CA  1 
ATOM   312  C  C   . LEU A 1 39  ? -5.107  -21.317 7.838   1.00 24.87  ? 39  LEU A C   1 
ATOM   313  O  O   . LEU A 1 39  ? -4.888  -21.178 6.629   1.00 22.43  ? 39  LEU A O   1 
ATOM   314  C  CB  . LEU A 1 39  ? -2.954  -21.576 9.179   1.00 17.64  ? 39  LEU A CB  1 
ATOM   315  C  CG  . LEU A 1 39  ? -2.120  -21.802 7.918   1.00 40.99  ? 39  LEU A CG  1 
ATOM   316  C  CD1 . LEU A 1 39  ? -1.653  -20.454 7.351   1.00 34.97  ? 39  LEU A CD1 1 
ATOM   317  C  CD2 . LEU A 1 39  ? -0.853  -22.612 8.198   1.00 33.05  ? 39  LEU A CD2 1 
ATOM   318  N  N   . ASN A 1 40  ? -6.021  -22.122 8.325   1.00 19.37  ? 40  ASN A N   1 
ATOM   319  C  CA  . ASN A 1 40  ? -6.878  -22.797 7.401   1.00 18.87  ? 40  ASN A CA  1 
ATOM   320  C  C   . ASN A 1 40  ? -7.758  -21.765 6.709   1.00 22.34  ? 40  ASN A C   1 
ATOM   321  O  O   . ASN A 1 40  ? -8.077  -21.889 5.538   1.00 21.04  ? 40  ASN A O   1 
ATOM   322  C  CB  . ASN A 1 40  ? -7.350  -24.152 7.981   1.00 43.59  ? 40  ASN A CB  1 
ATOM   323  C  CG  . ASN A 1 40  ? -6.247  -25.223 7.923   1.00 31.03  ? 40  ASN A CG  1 
ATOM   324  O  OD1 . ASN A 1 40  ? -5.911  -25.736 6.841   1.00 100.00 ? 40  ASN A OD1 1 
ATOM   325  N  ND2 . ASN A 1 40  ? -5.518  -25.402 9.034   1.00 100.00 ? 40  ASN A ND2 1 
ATOM   326  N  N   . ALA A 1 41  ? -8.164  -20.716 7.410   1.00 16.95  ? 41  ALA A N   1 
ATOM   327  C  CA  . ALA A 1 41  ? -8.952  -19.708 6.734   1.00 16.77  ? 41  ALA A CA  1 
ATOM   328  C  C   . ALA A 1 41  ? -8.084  -19.026 5.678   1.00 29.77  ? 41  ALA A C   1 
ATOM   329  O  O   . ALA A 1 41  ? -8.480  -18.736 4.552   1.00 21.08  ? 41  ALA A O   1 
ATOM   330  C  CB  . ALA A 1 41  ? -9.423  -18.654 7.712   1.00 20.17  ? 41  ALA A CB  1 
ATOM   331  N  N   . ALA A 1 42  ? -6.876  -18.744 6.060   1.00 12.82  ? 42  ALA A N   1 
ATOM   332  C  CA  . ALA A 1 42  ? -5.981  -18.150 5.114   1.00 16.11  ? 42  ALA A CA  1 
ATOM   333  C  C   . ALA A 1 42  ? -5.777  -19.021 3.863   1.00 10.34  ? 42  ALA A C   1 
ATOM   334  O  O   . ALA A 1 42  ? -5.720  -18.552 2.719   1.00 13.75  ? 42  ALA A O   1 
ATOM   335  C  CB  . ALA A 1 42  ? -4.690  -17.776 5.843   1.00 11.10  ? 42  ALA A CB  1 
ATOM   336  N  N   . LYS A 1 43  ? -5.562  -20.322 3.994   1.00 15.41  ? 43  LYS A N   1 
ATOM   337  C  CA  . LYS A 1 43  ? -5.303  -21.153 2.791   1.00 16.06  ? 43  LYS A CA  1 
ATOM   338  C  C   . LYS A 1 43  ? -6.502  -21.338 1.828   1.00 11.94  ? 43  LYS A C   1 
ATOM   339  O  O   . LYS A 1 43  ? -6.399  -21.457 0.607   1.00 18.07  ? 43  LYS A O   1 
ATOM   340  C  CB  . LYS A 1 43  ? -5.054  -22.579 3.196   1.00 11.84  ? 43  LYS A CB  1 
ATOM   341  C  CG  . LYS A 1 43  ? -3.633  -22.753 3.629   1.00 26.49  ? 43  LYS A CG  1 
ATOM   342  C  CD  . LYS A 1 43  ? -3.472  -23.930 4.565   1.00 26.73  ? 43  LYS A CD  1 
ATOM   343  C  CE  . LYS A 1 43  ? -2.204  -24.733 4.319   1.00 55.73  ? 43  LYS A CE  1 
ATOM   344  N  NZ  . LYS A 1 43  ? -2.534  -26.137 4.003   1.00 100.00 ? 43  LYS A NZ  1 
ATOM   345  N  N   . SER A 1 44  ? -7.656  -21.278 2.434   1.00 15.48  ? 44  SER A N   1 
ATOM   346  C  CA  . SER A 1 44  ? -8.944  -21.299 1.763   1.00 24.00  ? 44  SER A CA  1 
ATOM   347  C  C   . SER A 1 44  ? -9.091  -19.983 0.949   1.00 17.24  ? 44  SER A C   1 
ATOM   348  O  O   . SER A 1 44  ? -9.427  -19.904 -0.228  1.00 15.18  ? 44  SER A O   1 
ATOM   349  C  CB  . SER A 1 44  ? -9.967  -21.309 2.887   1.00 13.62  ? 44  SER A CB  1 
ATOM   350  O  OG  . SER A 1 44  ? -11.209 -21.674 2.390   1.00 42.49  ? 44  SER A OG  1 
ATOM   351  N  N   . GLU A 1 45  ? -8.771  -18.900 1.603   1.00 13.16  ? 45  GLU A N   1 
ATOM   352  C  CA  . GLU A 1 45  ? -8.778  -17.582 0.972   1.00 13.77  ? 45  GLU A CA  1 
ATOM   353  C  C   . GLU A 1 45  ? -7.791  -17.557 -0.175  1.00 11.77  ? 45  GLU A C   1 
ATOM   354  O  O   . GLU A 1 45  ? -8.162  -17.029 -1.235  1.00 14.67  ? 45  GLU A O   1 
ATOM   355  C  CB  . GLU A 1 45  ? -8.308  -16.423 1.858   1.00 13.40  ? 45  GLU A CB  1 
ATOM   356  C  CG  . GLU A 1 45  ? -9.369  -15.777 2.757   1.00 8.03   ? 45  GLU A CG  1 
ATOM   357  C  CD  . GLU A 1 45  ? -10.645 -15.442 2.025   1.00 35.89  ? 45  GLU A CD  1 
ATOM   358  O  OE1 . GLU A 1 45  ? -10.744 -14.654 1.100   1.00 20.67  ? 45  GLU A OE1 1 
ATOM   359  O  OE2 . GLU A 1 45  ? -11.682 -16.009 2.552   1.00 20.33  ? 45  GLU A OE2 1 
ATOM   360  N  N   . LEU A 1 46  ? -6.573  -18.100 0.030   1.00 8.69   ? 46  LEU A N   1 
ATOM   361  C  CA  . LEU A 1 46  ? -5.615  -18.178 -1.038  1.00 3.09   ? 46  LEU A CA  1 
ATOM   362  C  C   . LEU A 1 46  ? -6.164  -18.991 -2.224  1.00 28.05  ? 46  LEU A C   1 
ATOM   363  O  O   . LEU A 1 46  ? -6.120  -18.550 -3.371  1.00 11.26  ? 46  LEU A O   1 
ATOM   364  C  CB  . LEU A 1 46  ? -4.356  -18.902 -0.595  1.00 6.38   ? 46  LEU A CB  1 
ATOM   365  C  CG  . LEU A 1 46  ? -3.367  -19.131 -1.741  1.00 9.95   ? 46  LEU A CG  1 
ATOM   366  C  CD1 . LEU A 1 46  ? -2.923  -17.768 -2.295  1.00 10.08  ? 46  LEU A CD1 1 
ATOM   367  C  CD2 . LEU A 1 46  ? -2.071  -19.675 -1.121  1.00 17.17  ? 46  LEU A CD2 1 
ATOM   368  N  N   . ASP A 1 47  ? -6.750  -20.180 -1.963  1.00 10.32  ? 47  ASP A N   1 
ATOM   369  C  CA  . ASP A 1 47  ? -7.286  -20.994 -3.034  1.00 20.77  ? 47  ASP A CA  1 
ATOM   370  C  C   . ASP A 1 47  ? -8.321  -20.299 -3.862  1.00 21.15  ? 47  ASP A C   1 
ATOM   371  O  O   . ASP A 1 47  ? -8.321  -20.472 -5.062  1.00 20.54  ? 47  ASP A O   1 
ATOM   372  C  CB  . ASP A 1 47  ? -7.863  -22.340 -2.580  1.00 15.71  ? 47  ASP A CB  1 
ATOM   373  C  CG  . ASP A 1 47  ? -6.708  -23.230 -2.156  1.00 31.64  ? 47  ASP A CG  1 
ATOM   374  O  OD1 . ASP A 1 47  ? -5.552  -23.155 -2.481  1.00 23.83  ? 47  ASP A OD1 1 
ATOM   375  O  OD2 . ASP A 1 47  ? -7.065  -24.045 -1.289  1.00 25.26  ? 47  ASP A OD2 1 
ATOM   376  N  N   . LYS A 1 48  ? -9.177  -19.553 -3.168  1.00 12.53  ? 48  LYS A N   1 
ATOM   377  C  CA  . LYS A 1 48  ? -10.258 -18.773 -3.774  1.00 14.70  ? 48  LYS A CA  1 
ATOM   378  C  C   . LYS A 1 48  ? -9.668  -17.697 -4.679  1.00 8.98   ? 48  LYS A C   1 
ATOM   379  O  O   . LYS A 1 48  ? -10.091 -17.454 -5.808  1.00 14.51  ? 48  LYS A O   1 
ATOM   380  C  CB  . LYS A 1 48  ? -11.232 -18.223 -2.690  1.00 6.40   ? 48  LYS A CB  1 
ATOM   381  C  CG  . LYS A 1 48  ? -12.271 -17.195 -3.157  1.00 9.35   ? 48  LYS A CG  1 
ATOM   382  C  CD  . LYS A 1 48  ? -13.360 -16.960 -2.140  1.00 9.94   ? 48  LYS A CD  1 
ATOM   383  C  CE  . LYS A 1 48  ? -12.872 -16.490 -0.802  1.00 10.12  ? 48  LYS A CE  1 
ATOM   384  N  NZ  . LYS A 1 48  ? -12.703 -15.032 -0.857  1.00 6.02   ? 48  LYS A NZ  1 
ATOM   385  N  N   . ALA A 1 49  ? -8.623  -17.037 -4.161  1.00 13.19  ? 49  ALA A N   1 
ATOM   386  C  CA  . ALA A 1 49  ? -8.016  -15.967 -4.951  1.00 20.68  ? 49  ALA A CA  1 
ATOM   387  C  C   . ALA A 1 49  ? -7.329  -16.461 -6.223  1.00 12.98  ? 49  ALA A C   1 
ATOM   388  O  O   . ALA A 1 49  ? -7.443  -15.832 -7.265  1.00 9.60   ? 49  ALA A O   1 
ATOM   389  C  CB  . ALA A 1 49  ? -7.043  -15.123 -4.127  1.00 18.59  ? 49  ALA A CB  1 
ATOM   390  N  N   . ILE A 1 50  ? -6.649  -17.610 -6.137  1.00 12.15  ? 50  ILE A N   1 
ATOM   391  C  CA  . ILE A 1 50  ? -5.921  -18.195 -7.230  1.00 11.73  ? 50  ILE A CA  1 
ATOM   392  C  C   . ILE A 1 50  ? -6.752  -19.070 -8.116  1.00 15.33  ? 50  ILE A C   1 
ATOM   393  O  O   . ILE A 1 50  ? -6.485  -19.211 -9.317  1.00 22.81  ? 50  ILE A O   1 
ATOM   394  C  CB  . ILE A 1 50  ? -4.762  -19.074 -6.669  1.00 21.40  ? 50  ILE A CB  1 
ATOM   395  C  CG1 . ILE A 1 50  ? -3.926  -18.216 -5.702  1.00 22.14  ? 50  ILE A CG1 1 
ATOM   396  C  CG2 . ILE A 1 50  ? -3.890  -19.579 -7.812  1.00 16.39  ? 50  ILE A CG2 1 
ATOM   397  C  CD1 . ILE A 1 50  ? -3.239  -17.060 -6.448  1.00 7.90   ? 50  ILE A CD1 1 
ATOM   398  N  N   . GLY A 1 51  ? -7.737  -19.700 -7.532  1.00 17.63  ? 51  GLY A N   1 
ATOM   399  C  CA  . GLY A 1 51  ? -8.558  -20.508 -8.406  1.00 15.09  ? 51  GLY A CA  1 
ATOM   400  C  C   . GLY A 1 51  ? -8.006  -21.919 -8.542  1.00 26.64  ? 51  GLY A C   1 
ATOM   401  O  O   . GLY A 1 51  ? -8.005  -22.513 -9.614  1.00 32.05  ? 51  GLY A O   1 
ATOM   402  N  N   . ARG A 1 52  ? -7.530  -22.452 -7.434  1.00 26.74  ? 52  ARG A N   1 
ATOM   403  C  CA  . ARG A 1 52  ? -6.932  -23.779 -7.383  1.00 21.14  ? 52  ARG A CA  1 
ATOM   404  C  C   . ARG A 1 52  ? -6.429  -24.029 -6.007  1.00 14.34  ? 52  ARG A C   1 
ATOM   405  O  O   . ARG A 1 52  ? -6.285  -23.075 -5.177  1.00 21.33  ? 52  ARG A O   1 
ATOM   406  C  CB  . ARG A 1 52  ? -5.773  -24.024 -8.353  1.00 18.36  ? 52  ARG A CB  1 
ATOM   407  C  CG  . ARG A 1 52  ? -4.353  -23.686 -7.874  1.00 25.12  ? 52  ARG A CG  1 
ATOM   408  C  CD  . ARG A 1 52  ? -3.310  -23.563 -9.015  1.00 18.00  ? 52  ARG A CD  1 
ATOM   409  N  NE  . ARG A 1 52  ? -2.063  -22.878 -8.605  1.00 19.99  ? 52  ARG A NE  1 
ATOM   410  C  CZ  . ARG A 1 52  ? -1.132  -23.413 -7.777  1.00 28.61  ? 52  ARG A CZ  1 
ATOM   411  N  NH1 . ARG A 1 52  ? -1.225  -24.642 -7.318  1.00 22.44  ? 52  ARG A NH1 1 
ATOM   412  N  NH2 . ARG A 1 52  ? -0.030  -22.760 -7.392  1.00 24.86  ? 52  ARG A NH2 1 
ATOM   413  N  N   . ASN A 1 53  ? -6.194  -25.333 -5.752  1.00 18.84  ? 53  ASN A N   1 
ATOM   414  C  CA  . ASN A 1 53  ? -5.705  -25.794 -4.413  1.00 23.49  ? 53  ASN A CA  1 
ATOM   415  C  C   . ASN A 1 53  ? -4.208  -25.548 -4.404  1.00 20.38  ? 53  ASN A C   1 
ATOM   416  O  O   . ASN A 1 53  ? -3.442  -26.136 -5.184  1.00 21.31  ? 53  ASN A O   1 
ATOM   417  C  CB  . ASN A 1 53  ? -6.149  -27.253 -4.040  1.00 43.86  ? 53  ASN A CB  1 
ATOM   418  C  CG  . ASN A 1 53  ? -7.654  -27.457 -3.975  1.00 100.00 ? 53  ASN A CG  1 
ATOM   419  O  OD1 . ASN A 1 53  ? -8.443  -26.737 -4.642  1.00 100.00 ? 53  ASN A OD1 1 
ATOM   420  N  ND2 . ASN A 1 53  ? -8.063  -28.427 -3.135  1.00 100.00 ? 53  ASN A ND2 1 
ATOM   421  N  N   . CYS A 1 54  ? -3.806  -24.532 -3.637  1.00 18.70  ? 54  CYS A N   1 
ATOM   422  C  CA  . CYS A 1 54  ? -2.469  -24.053 -3.648  1.00 16.04  ? 54  CYS A CA  1 
ATOM   423  C  C   . CYS A 1 54  ? -1.655  -24.680 -2.545  1.00 26.03  ? 54  CYS A C   1 
ATOM   424  O  O   . CYS A 1 54  ? -0.429  -24.686 -2.590  1.00 40.48  ? 54  CYS A O   1 
ATOM   425  C  CB  . CYS A 1 54  ? -2.526  -22.506 -3.376  1.00 13.88  ? 54  CYS A CB  1 
ATOM   426  S  SG  . CYS A 1 54  ? -3.113  -21.737 -4.966  1.00 22.43  ? 54  CYS A SG  1 
ATOM   427  N  N   . ASN A 1 55  ? -2.348  -25.041 -1.488  1.00 16.35  ? 55  ASN A N   1 
ATOM   428  C  CA  . ASN A 1 55  ? -1.678  -25.579 -0.350  1.00 26.37  ? 55  ASN A CA  1 
ATOM   429  C  C   . ASN A 1 55  ? -0.711  -24.523 0.178   1.00 39.22  ? 55  ASN A C   1 
ATOM   430  O  O   . ASN A 1 55  ? 0.424   -24.858 0.487   1.00 27.82  ? 55  ASN A O   1 
ATOM   431  C  CB  . ASN A 1 55  ? -1.082  -26.983 -0.697  1.00 47.60  ? 55  ASN A CB  1 
ATOM   432  C  CG  . ASN A 1 55  ? -0.804  -27.826 0.556   1.00 100.00 ? 55  ASN A CG  1 
ATOM   433  O  OD1 . ASN A 1 55  ? -1.531  -27.658 1.586   1.00 30.20  ? 55  ASN A OD1 1 
ATOM   434  N  ND2 . ASN A 1 55  ? 0.258   -28.683 0.485   1.00 40.71  ? 55  ASN A ND2 1 
ATOM   435  N  N   . GLY A 1 56  ? -1.131  -23.249 0.251   1.00 14.91  ? 56  GLY A N   1 
ATOM   436  C  CA  . GLY A 1 56  ? -0.255  -22.232 0.831   1.00 13.36  ? 56  GLY A CA  1 
ATOM   437  C  C   . GLY A 1 56  ? 0.961   -21.799 0.043   1.00 15.87  ? 56  GLY A C   1 
ATOM   438  O  O   . GLY A 1 56  ? 1.791   -21.015 0.502   1.00 17.29  ? 56  GLY A O   1 
ATOM   439  N  N   . VAL A 1 57  ? 1.090   -22.308 -1.143  1.00 11.96  ? 57  VAL A N   1 
ATOM   440  C  CA  . VAL A 1 57  ? 2.212   -21.858 -1.968  1.00 6.15   ? 57  VAL A CA  1 
ATOM   441  C  C   . VAL A 1 57  ? 1.794   -21.413 -3.391  1.00 19.35  ? 57  VAL A C   1 
ATOM   442  O  O   . VAL A 1 57  ? 0.957   -22.013 -4.057  1.00 15.20  ? 57  VAL A O   1 
ATOM   443  C  CB  . VAL A 1 57  ? 3.147   -23.032 -2.106  1.00 20.45  ? 57  VAL A CB  1 
ATOM   444  C  CG1 . VAL A 1 57  ? 4.192   -22.686 -3.120  1.00 25.68  ? 57  VAL A CG1 1 
ATOM   445  C  CG2 . VAL A 1 57  ? 3.481   -23.428 -0.680  1.00 29.47  ? 57  VAL A CG2 1 
ATOM   446  N  N   . ILE A 1 58  ? 2.384   -20.386 -3.947  1.00 11.36  ? 58  ILE A N   1 
ATOM   447  C  CA  . ILE A 1 58  ? 1.960   -20.036 -5.271  1.00 16.95  ? 58  ILE A CA  1 
ATOM   448  C  C   . ILE A 1 58  ? 3.165   -19.821 -6.144  1.00 17.60  ? 58  ILE A C   1 
ATOM   449  O  O   . ILE A 1 58  ? 4.284   -19.792 -5.652  1.00 14.73  ? 58  ILE A O   1 
ATOM   450  C  CB  . ILE A 1 58  ? 1.196   -18.696 -5.246  1.00 14.28  ? 58  ILE A CB  1 
ATOM   451  C  CG1 . ILE A 1 58  ? 2.019   -17.489 -4.671  1.00 11.78  ? 58  ILE A CG1 1 
ATOM   452  C  CG2 . ILE A 1 58  ? -0.168  -18.848 -4.560  1.00 8.16   ? 58  ILE A CG2 1 
ATOM   453  C  CD1 . ILE A 1 58  ? 1.134   -16.225 -4.662  1.00 8.86   ? 58  ILE A CD1 1 
ATOM   454  N  N   . THR A 1 59  ? 2.917   -19.577 -7.420  1.00 8.73   ? 59  THR A N   1 
ATOM   455  C  CA  . THR A 1 59  ? 4.012   -19.252 -8.327  1.00 11.59  ? 59  THR A CA  1 
ATOM   456  C  C   . THR A 1 59  ? 4.281   -17.743 -8.453  1.00 23.13  ? 59  THR A C   1 
ATOM   457  O  O   . THR A 1 59  ? 3.450   -16.890 -8.177  1.00 17.71  ? 59  THR A O   1 
ATOM   458  C  CB  . THR A 1 59  ? 3.654   -19.874 -9.722  1.00 18.38  ? 59  THR A CB  1 
ATOM   459  O  OG1 . THR A 1 59  ? 2.845   -18.984 -10.460 1.00 16.76  ? 59  THR A OG1 1 
ATOM   460  C  CG2 . THR A 1 59  ? 2.947   -21.253 -9.578  1.00 20.90  ? 59  THR A CG2 1 
ATOM   461  N  N   . LYS A 1 60  ? 5.425   -17.364 -8.978  1.00 16.82  ? 60  LYS A N   1 
ATOM   462  C  CA  . LYS A 1 60  ? 5.767   -15.956 -9.176  1.00 7.98   ? 60  LYS A CA  1 
ATOM   463  C  C   . LYS A 1 60  ? 4.782   -15.225 -10.073 1.00 12.70  ? 60  LYS A C   1 
ATOM   464  O  O   . LYS A 1 60  ? 4.394   -14.023 -9.967  1.00 12.99  ? 60  LYS A O   1 
ATOM   465  C  CB  . LYS A 1 60  ? 7.192   -15.915 -9.774  1.00 13.51  ? 60  LYS A CB  1 
ATOM   466  C  CG  . LYS A 1 60  ? 7.762   -14.498 -9.721  1.00 27.58  ? 60  LYS A CG  1 
ATOM   467  C  CD  . LYS A 1 60  ? 8.890   -14.213 -10.698 1.00 77.23  ? 60  LYS A CD  1 
ATOM   468  C  CE  . LYS A 1 60  ? 9.822   -13.110 -10.219 1.00 29.37  ? 60  LYS A CE  1 
ATOM   469  N  NZ  . LYS A 1 60  ? 11.238  -13.481 -10.393 1.00 100.00 ? 60  LYS A NZ  1 
ATOM   470  N  N   . ASP A 1 61  ? 4.338   -15.972 -11.064 1.00 16.67  ? 61  ASP A N   1 
ATOM   471  C  CA  . ASP A 1 61  ? 3.368   -15.399 -12.025 1.00 17.85  ? 61  ASP A CA  1 
ATOM   472  C  C   . ASP A 1 61  ? 2.049   -15.096 -11.337 1.00 13.25  ? 61  ASP A C   1 
ATOM   473  O  O   . ASP A 1 61  ? 1.405   -14.062 -11.562 1.00 14.75  ? 61  ASP A O   1 
ATOM   474  C  CB  . ASP A 1 61  ? 3.159   -16.315 -13.245 1.00 22.43  ? 61  ASP A CB  1 
ATOM   475  C  CG  . ASP A 1 61  ? 4.539   -16.537 -13.814 1.00 100.00 ? 61  ASP A CG  1 
ATOM   476  O  OD1 . ASP A 1 61  ? 5.098   -15.696 -14.500 1.00 60.23  ? 61  ASP A OD1 1 
ATOM   477  O  OD2 . ASP A 1 61  ? 5.147   -17.605 -13.308 1.00 100.00 ? 61  ASP A OD2 1 
ATOM   478  N  N   . GLU A 1 62  ? 1.682   -16.051 -10.488 1.00 17.66  ? 62  GLU A N   1 
ATOM   479  C  CA  . GLU A 1 62  ? 0.501   -15.987 -9.713  1.00 8.78   ? 62  GLU A CA  1 
ATOM   480  C  C   . GLU A 1 62  ? 0.672   -14.790 -8.797  1.00 18.59  ? 62  GLU A C   1 
ATOM   481  O  O   . GLU A 1 62  ? -0.245  -14.032 -8.606  1.00 13.07  ? 62  GLU A O   1 
ATOM   482  C  CB  . GLU A 1 62  ? 0.380   -17.244 -8.864  1.00 11.90  ? 62  GLU A CB  1 
ATOM   483  C  CG  . GLU A 1 62  ? -0.326  -18.277 -9.756  1.00 15.44  ? 62  GLU A CG  1 
ATOM   484  C  CD  . GLU A 1 62  ? -0.349  -19.631 -9.131  1.00 35.19  ? 62  GLU A CD  1 
ATOM   485  O  OE1 . GLU A 1 62  ? 0.266   -19.951 -8.138  1.00 18.23  ? 62  GLU A OE1 1 
ATOM   486  O  OE2 . GLU A 1 62  ? -1.083  -20.441 -9.832  1.00 13.83  ? 62  GLU A OE2 1 
ATOM   487  N  N   . ALA A 1 63  ? 1.861   -14.634 -8.195  1.00 13.47  ? 63  ALA A N   1 
ATOM   488  C  CA  . ALA A 1 63  ? 2.021   -13.518 -7.296  1.00 6.97   ? 63  ALA A CA  1 
ATOM   489  C  C   . ALA A 1 63  ? 1.891   -12.225 -8.059  1.00 14.63  ? 63  ALA A C   1 
ATOM   490  O  O   . ALA A 1 63  ? 1.295   -11.224 -7.581  1.00 14.12  ? 63  ALA A O   1 
ATOM   491  C  CB  . ALA A 1 63  ? 3.457   -13.480 -6.800  1.00 10.34  ? 63  ALA A CB  1 
ATOM   492  N  N   . GLU A 1 64  ? 2.484   -12.233 -9.279  1.00 8.58   ? 64  GLU A N   1 
ATOM   493  C  CA  . GLU A 1 64  ? 2.427   -10.992 -10.027 1.00 10.12  ? 64  GLU A CA  1 
ATOM   494  C  C   . GLU A 1 64  ? 1.038   -10.634 -10.506 1.00 23.81  ? 64  GLU A C   1 
ATOM   495  O  O   . GLU A 1 64  ? 0.695   -9.448  -10.718 1.00 6.92   ? 64  GLU A O   1 
ATOM   496  C  CB  . GLU A 1 64  ? 3.423   -11.077 -11.161 1.00 10.42  ? 64  GLU A CB  1 
ATOM   497  C  CG  . GLU A 1 64  ? 4.836   -10.694 -10.620 1.00 16.14  ? 64  GLU A CG  1 
ATOM   498  C  CD  . GLU A 1 64  ? 5.953   -11.061 -11.547 1.00 36.49  ? 64  GLU A CD  1 
ATOM   499  O  OE1 . GLU A 1 64  ? 5.827   -11.648 -12.612 1.00 52.38  ? 64  GLU A OE1 1 
ATOM   500  O  OE2 . GLU A 1 64  ? 7.085   -10.757 -11.020 1.00 43.28  ? 64  GLU A OE2 1 
ATOM   501  N  N   . LYS A 1 65  ? 0.257   -11.688 -10.696 1.00 12.32  ? 65  LYS A N   1 
ATOM   502  C  CA  . LYS A 1 65  ? -1.106  -11.460 -11.135 1.00 11.41  ? 65  LYS A CA  1 
ATOM   503  C  C   . LYS A 1 65  ? -1.890  -10.791 -10.017 1.00 19.39  ? 65  LYS A C   1 
ATOM   504  O  O   . LYS A 1 65  ? -2.621  -9.806  -10.199 1.00 13.75  ? 65  LYS A O   1 
ATOM   505  C  CB  . LYS A 1 65  ? -1.761  -12.731 -11.646 1.00 16.99  ? 65  LYS A CB  1 
ATOM   506  C  CG  . LYS A 1 65  ? -3.216  -12.485 -12.063 1.00 25.82  ? 65  LYS A CG  1 
ATOM   507  C  CD  . LYS A 1 65  ? -3.821  -13.593 -12.926 1.00 34.07  ? 65  LYS A CD  1 
ATOM   508  C  CE  . LYS A 1 65  ? -4.917  -13.072 -13.847 1.00 45.78  ? 65  LYS A CE  1 
ATOM   509  N  NZ  . LYS A 1 65  ? -5.797  -14.157 -14.301 1.00 50.93  ? 65  LYS A NZ  1 
ATOM   510  N  N   . LEU A 1 66  ? -1.754  -11.353 -8.821  1.00 10.40  ? 66  LEU A N   1 
ATOM   511  C  CA  . LEU A 1 66  ? -2.431  -10.754 -7.666  1.00 11.28  ? 66  LEU A CA  1 
ATOM   512  C  C   . LEU A 1 66  ? -2.029  -9.279  -7.481  1.00 13.39  ? 66  LEU A C   1 
ATOM   513  O  O   . LEU A 1 66  ? -2.868  -8.399  -7.157  1.00 7.70   ? 66  LEU A O   1 
ATOM   514  C  CB  . LEU A 1 66  ? -2.010  -11.377 -6.286  1.00 14.92  ? 66  LEU A CB  1 
ATOM   515  C  CG  . LEU A 1 66  ? -2.548  -12.786 -6.135  1.00 20.91  ? 66  LEU A CG  1 
ATOM   516  C  CD1 . LEU A 1 66  ? -2.124  -13.335 -4.782  1.00 16.84  ? 66  LEU A CD1 1 
ATOM   517  C  CD2 . LEU A 1 66  ? -4.072  -12.816 -6.241  1.00 12.20  ? 66  LEU A CD2 1 
ATOM   518  N  N   . PHE A 1 67  ? -0.741  -9.011  -7.703  1.00 7.43   ? 67  PHE A N   1 
ATOM   519  C  CA  . PHE A 1 67  ? -0.235  -7.667  -7.520  1.00 6.03   ? 67  PHE A CA  1 
ATOM   520  C  C   . PHE A 1 67  ? -0.846  -6.667  -8.486  1.00 9.02   ? 67  PHE A C   1 
ATOM   521  O  O   . PHE A 1 67  ? -1.286  -5.531  -8.169  1.00 12.23  ? 67  PHE A O   1 
ATOM   522  C  CB  . PHE A 1 67  ? 1.245   -7.819  -7.744  1.00 9.82   ? 67  PHE A CB  1 
ATOM   523  C  CG  . PHE A 1 67  ? 2.057   -6.547  -7.420  1.00 12.55  ? 67  PHE A CG  1 
ATOM   524  C  CD1 . PHE A 1 67  ? 1.720   -5.690  -6.356  1.00 17.21  ? 67  PHE A CD1 1 
ATOM   525  C  CD2 . PHE A 1 67  ? 3.213   -6.262  -8.143  1.00 10.23  ? 67  PHE A CD2 1 
ATOM   526  C  CE1 . PHE A 1 67  ? 2.454   -4.542  -6.036  1.00 8.73   ? 67  PHE A CE1 1 
ATOM   527  C  CE2 . PHE A 1 67  ? 4.008   -5.154  -7.818  1.00 16.93  ? 67  PHE A CE2 1 
ATOM   528  C  CZ  . PHE A 1 67  ? 3.589   -4.267  -6.813  1.00 10.41  ? 67  PHE A CZ  1 
ATOM   529  N  N   . ASN A 1 68  ? -0.942  -7.118  -9.733  1.00 9.63   ? 68  ASN A N   1 
ATOM   530  C  CA  . ASN A 1 68  ? -1.590  -6.231  -10.716 1.00 10.23  ? 68  ASN A CA  1 
ATOM   531  C  C   . ASN A 1 68  ? -3.034  -5.900  -10.345 1.00 4.62   ? 68  ASN A C   1 
ATOM   532  O  O   . ASN A 1 68  ? -3.560  -4.768  -10.420 1.00 11.22  ? 68  ASN A O   1 
ATOM   533  C  CB  . ASN A 1 68  ? -1.595  -6.976  -12.087 1.00 11.88  ? 68  ASN A CB  1 
ATOM   534  C  CG  . ASN A 1 68  ? -0.241  -6.922  -12.840 1.00 20.60  ? 68  ASN A CG  1 
ATOM   535  O  OD1 . ASN A 1 68  ? 0.478   -5.915  -12.753 1.00 26.58  ? 68  ASN A OD1 1 
ATOM   536  N  ND2 . ASN A 1 68  ? 0.122   -7.973  -13.611 1.00 18.48  ? 68  ASN A ND2 1 
ATOM   537  N  N   . GLN A 1 69  ? -3.747  -6.947  -9.923  1.00 4.75   ? 69  GLN A N   1 
ATOM   538  C  CA  . GLN A 1 69  ? -5.113  -6.686  -9.577  1.00 8.82   ? 69  GLN A CA  1 
ATOM   539  C  C   . GLN A 1 69  ? -5.141  -5.857  -8.332  1.00 6.04   ? 69  GLN A C   1 
ATOM   540  O  O   . GLN A 1 69  ? -6.012  -5.062  -8.153  1.00 12.33  ? 69  GLN A O   1 
ATOM   541  C  CB  . GLN A 1 69  ? -5.841  -7.945  -9.102  1.00 7.38   ? 69  GLN A CB  1 
ATOM   542  C  CG  . GLN A 1 69  ? -5.959  -8.941  -10.280 1.00 10.15  ? 69  GLN A CG  1 
ATOM   543  C  CD  . GLN A 1 69  ? -6.448  -10.345 -9.923  1.00 25.25  ? 69  GLN A CD  1 
ATOM   544  O  OE1 . GLN A 1 69  ? -6.724  -11.177 -10.778 1.00 13.21  ? 69  GLN A OE1 1 
ATOM   545  N  NE2 . GLN A 1 69  ? -6.553  -10.655 -8.633  1.00 12.18  ? 69  GLN A NE2 1 
ATOM   546  N  N   . ASP A 1 70  ? -4.198  -6.013  -7.430  1.00 13.15  ? 70  ASP A N   1 
ATOM   547  C  CA  . ASP A 1 70  ? -4.295  -5.200  -6.227  1.00 7.32   ? 70  ASP A CA  1 
ATOM   548  C  C   . ASP A 1 70  ? -3.910  -3.727  -6.445  1.00 11.72  ? 70  ASP A C   1 
ATOM   549  O  O   . ASP A 1 70  ? -4.460  -2.849  -5.812  1.00 8.28   ? 70  ASP A O   1 
ATOM   550  C  CB  . ASP A 1 70  ? -3.308  -5.639  -5.138  1.00 8.71   ? 70  ASP A CB  1 
ATOM   551  C  CG  . ASP A 1 70  ? -3.780  -6.919  -4.518  1.00 26.43  ? 70  ASP A CG  1 
ATOM   552  O  OD1 . ASP A 1 70  ? -4.886  -7.290  -4.619  1.00 9.59   ? 70  ASP A OD1 1 
ATOM   553  O  OD2 . ASP A 1 70  ? -2.881  -7.634  -3.945  1.00 9.67   ? 70  ASP A OD2 1 
ATOM   554  N  N   . VAL A 1 71  ? -3.010  -3.469  -7.422  1.00 10.59  ? 71  VAL A N   1 
ATOM   555  C  CA  . VAL A 1 71  ? -2.635  -2.101  -7.674  1.00 13.23  ? 71  VAL A CA  1 
ATOM   556  C  C   . VAL A 1 71  ? -3.833  -1.419  -8.280  1.00 8.10   ? 71  VAL A C   1 
ATOM   557  O  O   . VAL A 1 71  ? -4.245  -0.272  -8.014  1.00 11.76  ? 71  VAL A O   1 
ATOM   558  C  CB  . VAL A 1 71  ? -1.369  -1.992  -8.591  1.00 19.22  ? 71  VAL A CB  1 
ATOM   559  C  CG1 . VAL A 1 71  ? -1.286  -0.536  -9.113  1.00 7.69   ? 71  VAL A CG1 1 
ATOM   560  C  CG2 . VAL A 1 71  ? -0.049  -2.298  -7.850  1.00 8.62   ? 71  VAL A CG2 1 
ATOM   561  N  N   . ASP A 1 72  ? -4.413  -2.169  -9.195  1.00 8.27   ? 72  ASP A N   1 
ATOM   562  C  CA  . ASP A 1 72  ? -5.584  -1.672  -9.867  1.00 3.77   ? 72  ASP A CA  1 
ATOM   563  C  C   . ASP A 1 72  ? -6.719  -1.244  -8.953  1.00 12.07  ? 72  ASP A C   1 
ATOM   564  O  O   . ASP A 1 72  ? -7.310  -0.106  -8.986  1.00 13.04  ? 72  ASP A O   1 
ATOM   565  C  CB  . ASP A 1 72  ? -6.036  -2.686  -10.917 1.00 10.53  ? 72  ASP A CB  1 
ATOM   566  C  CG  . ASP A 1 72  ? -6.856  -1.908  -11.911 1.00 23.57  ? 72  ASP A CG  1 
ATOM   567  O  OD1 . ASP A 1 72  ? -6.593  -0.751  -12.193 1.00 100.00 ? 72  ASP A OD1 1 
ATOM   568  O  OD2 . ASP A 1 72  ? -7.756  -2.618  -12.520 1.00 22.94  ? 72  ASP A OD2 1 
ATOM   569  N  N   . ALA A 1 73  ? -7.011  -2.188  -8.080  1.00 13.32  ? 73  ALA A N   1 
ATOM   570  C  CA  . ALA A 1 73  ? -8.071  -1.971  -7.105  1.00 22.80  ? 73  ALA A CA  1 
ATOM   571  C  C   . ALA A 1 73  ? -7.789  -0.760  -6.216  1.00 19.90  ? 73  ALA A C   1 
ATOM   572  O  O   . ALA A 1 73  ? -8.647  0.090   -5.857  1.00 21.35  ? 73  ALA A O   1 
ATOM   573  C  CB  . ALA A 1 73  ? -8.264  -3.275  -6.329  1.00 14.23  ? 73  ALA A CB  1 
ATOM   574  N  N   . ALA A 1 74  ? -6.534  -0.634  -5.847  1.00 11.96  ? 74  ALA A N   1 
ATOM   575  C  CA  . ALA A 1 74  ? -6.155  0.522   -5.003  1.00 15.54  ? 74  ALA A CA  1 
ATOM   576  C  C   . ALA A 1 74  ? -6.441  1.888   -5.656  1.00 8.24   ? 74  ALA A C   1 
ATOM   577  O  O   . ALA A 1 74  ? -7.104  2.722   -5.038  1.00 18.42  ? 74  ALA A O   1 
ATOM   578  C  CB  . ALA A 1 74  ? -4.661  0.581   -4.595  1.00 13.08  ? 74  ALA A CB  1 
ATOM   579  N  N   . VAL A 1 75  ? -5.944  2.051   -6.892  1.00 17.49  ? 75  VAL A N   1 
ATOM   580  C  CA  . VAL A 1 75  ? -6.208  3.280   -7.598  1.00 16.09  ? 75  VAL A CA  1 
ATOM   581  C  C   . VAL A 1 75  ? -7.704  3.525   -7.802  1.00 19.23  ? 75  VAL A C   1 
ATOM   582  O  O   . VAL A 1 75  ? -8.233  4.688   -7.632  1.00 19.23  ? 75  VAL A O   1 
ATOM   583  C  CB  . VAL A 1 75  ? -5.687  3.249   -9.033  1.00 28.64  ? 75  VAL A CB  1 
ATOM   584  C  CG1 . VAL A 1 75  ? -5.766  4.663   -9.646  1.00 24.69  ? 75  VAL A CG1 1 
ATOM   585  C  CG2 . VAL A 1 75  ? -4.219  2.955   -8.987  1.00 13.80  ? 75  VAL A CG2 1 
ATOM   586  N  N   . ARG A 1 76  ? -8.358  2.422   -8.193  1.00 10.66  ? 76  ARG A N   1 
ATOM   587  C  CA  . ARG A 1 76  ? -9.783  2.557   -8.408  1.00 18.43  ? 76  ARG A CA  1 
ATOM   588  C  C   . ARG A 1 76  ? -10.444 2.981   -7.113  1.00 10.83  ? 76  ARG A C   1 
ATOM   589  O  O   . ARG A 1 76  ? -11.344 3.845   -7.049  1.00 20.49  ? 76  ARG A O   1 
ATOM   590  C  CB  . ARG A 1 76  ? -10.345 1.311   -9.098  1.00 11.17  ? 76  ARG A CB  1 
ATOM   591  C  CG  . ARG A 1 76  ? -10.576 1.590   -10.563 1.00 36.75  ? 76  ARG A CG  1 
ATOM   592  C  CD  . ARG A 1 76  ? -10.570 0.279   -11.329 1.00 41.38  ? 76  ARG A CD  1 
ATOM   593  N  NE  . ARG A 1 76  ? -10.917 0.542   -12.714 1.00 100.00 ? 76  ARG A NE  1 
ATOM   594  C  CZ  . ARG A 1 76  ? -11.347 -0.396  -13.548 1.00 100.00 ? 76  ARG A CZ  1 
ATOM   595  N  NH1 . ARG A 1 76  ? -11.501 -1.641  -13.113 1.00 100.00 ? 76  ARG A NH1 1 
ATOM   596  N  NH2 . ARG A 1 76  ? -11.659 -0.069  -14.815 1.00 100.00 ? 76  ARG A NH2 1 
ATOM   597  N  N   . GLY A 1 77  ? -10.012 2.408   -5.994  1.00 7.46   ? 77  GLY A N   1 
ATOM   598  C  CA  . GLY A 1 77  ? -10.600 2.800   -4.698  1.00 9.55   ? 77  GLY A CA  1 
ATOM   599  C  C   . GLY A 1 77  ? -10.403 4.313   -4.466  1.00 26.01  ? 77  GLY A C   1 
ATOM   600  O  O   . GLY A 1 77  ? -11.226 5.080   -3.964  1.00 19.34  ? 77  GLY A O   1 
ATOM   601  N  N   . ILE A 1 78  ? -9.288  4.818   -4.891  1.00 12.37  ? 78  ILE A N   1 
ATOM   602  C  CA  . ILE A 1 78  ? -9.051  6.216   -4.721  1.00 15.85  ? 78  ILE A CA  1 
ATOM   603  C  C   . ILE A 1 78  ? -10.002 7.059   -5.515  1.00 17.36  ? 78  ILE A C   1 
ATOM   604  O  O   . ILE A 1 78  ? -10.584 8.022   -4.992  1.00 18.20  ? 78  ILE A O   1 
ATOM   605  C  CB  . ILE A 1 78  ? -7.604  6.589   -5.178  1.00 14.58  ? 78  ILE A CB  1 
ATOM   606  C  CG1 . ILE A 1 78  ? -6.695  6.226   -3.995  1.00 9.00   ? 78  ILE A CG1 1 
ATOM   607  C  CG2 . ILE A 1 78  ? -7.362  8.109   -5.331  1.00 12.76  ? 78  ILE A CG2 1 
ATOM   608  C  CD1 . ILE A 1 78  ? -5.179  6.274   -4.312  1.00 8.89   ? 78  ILE A CD1 1 
ATOM   609  N  N   . LEU A 1 79  ? -10.157 6.668   -6.791  1.00 11.40  ? 79  LEU A N   1 
ATOM   610  C  CA  . LEU A 1 79  ? -10.940 7.520   -7.687  1.00 12.12  ? 79  LEU A CA  1 
ATOM   611  C  C   . LEU A 1 79  ? -12.391 7.531   -7.362  1.00 16.59  ? 79  LEU A C   1 
ATOM   612  O  O   . LEU A 1 79  ? -13.127 8.376   -7.795  1.00 27.46  ? 79  LEU A O   1 
ATOM   613  C  CB  . LEU A 1 79  ? -10.737 7.093   -9.159  1.00 18.01  ? 79  LEU A CB  1 
ATOM   614  C  CG  . LEU A 1 79  ? -9.291  7.240   -9.636  1.00 26.16  ? 79  LEU A CG  1 
ATOM   615  C  CD1 . LEU A 1 79  ? -9.259  6.768   -11.091 1.00 17.81  ? 79  LEU A CD1 1 
ATOM   616  C  CD2 . LEU A 1 79  ? -8.793  8.695   -9.651  1.00 15.86  ? 79  LEU A CD2 1 
ATOM   617  N  N   . ARG A 1 80  ? -12.802 6.503   -6.634  1.00 16.88  ? 80  ARG A N   1 
ATOM   618  C  CA  . ARG A 1 80  ? -14.185 6.277   -6.282  1.00 23.54  ? 80  ARG A CA  1 
ATOM   619  C  C   . ARG A 1 80  ? -14.474 6.930   -4.942  1.00 22.99  ? 80  ARG A C   1 
ATOM   620  O  O   . ARG A 1 80  ? -15.598 7.115   -4.574  1.00 29.08  ? 80  ARG A O   1 
ATOM   621  C  CB  . ARG A 1 80  ? -14.565 4.773   -6.420  1.00 37.09  ? 80  ARG A CB  1 
ATOM   622  C  CG  . ARG A 1 80  ? -14.396 4.209   -7.858  1.00 100.00 ? 80  ARG A CG  1 
ATOM   623  C  CD  . ARG A 1 80  ? -15.341 3.072   -8.314  1.00 100.00 ? 80  ARG A CD  1 
ATOM   624  N  NE  . ARG A 1 80  ? -15.067 2.588   -9.693  1.00 100.00 ? 80  ARG A NE  1 
ATOM   625  C  CZ  . ARG A 1 80  ? -15.882 2.477   -10.793 1.00 100.00 ? 80  ARG A CZ  1 
ATOM   626  N  NH1 . ARG A 1 80  ? -17.192 2.811   -10.857 1.00 52.63  ? 80  ARG A NH1 1 
ATOM   627  N  NH2 . ARG A 1 80  ? -15.327 2.000   -11.916 1.00 94.11  ? 80  ARG A NH2 1 
ATOM   628  N  N   . ASN A 1 81  ? -13.464 7.272   -4.191  1.00 9.68   ? 81  ASN A N   1 
ATOM   629  C  CA  . ASN A 1 81  ? -13.653 7.953   -2.923  1.00 13.03  ? 81  ASN A CA  1 
ATOM   630  C  C   . ASN A 1 81  ? -13.811 9.456   -3.103  1.00 33.91  ? 81  ASN A C   1 
ATOM   631  O  O   . ASN A 1 81  ? -12.947 10.141  -3.637  1.00 29.65  ? 81  ASN A O   1 
ATOM   632  C  CB  . ASN A 1 81  ? -12.547 7.648   -1.909  1.00 15.97  ? 81  ASN A CB  1 
ATOM   633  C  CG  . ASN A 1 81  ? -12.847 8.220   -0.530  1.00 22.31  ? 81  ASN A CG  1 
ATOM   634  O  OD1 . ASN A 1 81  ? -13.203 9.405   -0.312  1.00 26.58  ? 81  ASN A OD1 1 
ATOM   635  N  ND2 . ASN A 1 81  ? -12.722 7.341   0.431   1.00 26.98  ? 81  ASN A ND2 1 
ATOM   636  N  N   . ALA A 1 82  ? -14.906 10.029  -2.619  1.00 20.30  ? 82  ALA A N   1 
ATOM   637  C  CA  . ALA A 1 82  ? -15.085 11.490  -2.772  1.00 33.70  ? 82  ALA A CA  1 
ATOM   638  C  C   . ALA A 1 82  ? -14.102 12.397  -1.994  1.00 30.23  ? 82  ALA A C   1 
ATOM   639  O  O   . ALA A 1 82  ? -13.797 13.528  -2.384  1.00 38.86  ? 82  ALA A O   1 
ATOM   640  C  CB  . ALA A 1 82  ? -16.526 11.891  -2.455  1.00 32.66  ? 82  ALA A CB  1 
ATOM   641  N  N   . LYS A 1 83  ? -13.587 11.925  -0.874  1.00 19.95  ? 83  LYS A N   1 
ATOM   642  C  CA  . LYS A 1 83  ? -12.637 12.701  -0.107  1.00 38.28  ? 83  LYS A CA  1 
ATOM   643  C  C   . LYS A 1 83  ? -11.215 12.608  -0.717  1.00 42.03  ? 83  LYS A C   1 
ATOM   644  O  O   . LYS A 1 83  ? -10.408 13.530  -0.686  1.00 23.21  ? 83  LYS A O   1 
ATOM   645  C  CB  . LYS A 1 83  ? -12.738 12.255  1.346   1.00 44.42  ? 83  LYS A CB  1 
ATOM   646  C  CG  . LYS A 1 83  ? -13.166 13.384  2.278   1.00 100.00 ? 83  LYS A CG  1 
ATOM   647  C  CD  . LYS A 1 83  ? -14.649 13.748  2.207   1.00 100.00 ? 83  LYS A CD  1 
ATOM   648  C  CE  . LYS A 1 83  ? -15.085 14.862  3.171   1.00 94.08  ? 83  LYS A CE  1 
ATOM   649  N  NZ  . LYS A 1 83  ? -14.286 16.102  3.088   1.00 100.00 ? 83  LYS A NZ  1 
ATOM   650  N  N   . LEU A 1 84  ? -10.927 11.461  -1.322  1.00 15.36  ? 84  LEU A N   1 
ATOM   651  C  CA  . LEU A 1 84  ? -9.656  11.165  -1.900  1.00 14.21  ? 84  LEU A CA  1 
ATOM   652  C  C   . LEU A 1 84  ? -9.406  11.746  -3.268  1.00 21.74  ? 84  LEU A C   1 
ATOM   653  O  O   . LEU A 1 84  ? -8.411  12.330  -3.532  1.00 13.12  ? 84  LEU A O   1 
ATOM   654  C  CB  . LEU A 1 84  ? -9.525  9.629   -1.957  1.00 14.08  ? 84  LEU A CB  1 
ATOM   655  C  CG  . LEU A 1 84  ? -9.493  9.016   -0.579  1.00 30.46  ? 84  LEU A CG  1 
ATOM   656  C  CD1 . LEU A 1 84  ? -8.886  7.622   -0.594  1.00 19.02  ? 84  LEU A CD1 1 
ATOM   657  C  CD2 . LEU A 1 84  ? -8.602  9.811   0.368   1.00 16.94  ? 84  LEU A CD2 1 
ATOM   658  N  N   . LYS A 1 85  ? -10.303 11.472  -4.161  1.00 9.83   ? 85  LYS A N   1 
ATOM   659  C  CA  . LYS A 1 85  ? -10.215 11.837  -5.533  1.00 12.55  ? 85  LYS A CA  1 
ATOM   660  C  C   . LYS A 1 85  ? -9.690  13.191  -5.837  1.00 2.08   ? 85  LYS A C   1 
ATOM   661  O  O   . LYS A 1 85  ? -8.745  13.353  -6.609  1.00 7.67   ? 85  LYS A O   1 
ATOM   662  C  CB  . LYS A 1 85  ? -11.527 11.523  -6.191  1.00 16.16  ? 85  LYS A CB  1 
ATOM   663  C  CG  . LYS A 1 85  ? -11.254 11.497  -7.669  1.00 18.19  ? 85  LYS A CG  1 
ATOM   664  C  CD  . LYS A 1 85  ? -12.552 11.526  -8.486  1.00 22.38  ? 85  LYS A CD  1 
ATOM   665  C  CE  . LYS A 1 85  ? -12.378 12.245  -9.850  1.00 28.54  ? 85  LYS A CE  1 
ATOM   666  N  NZ  . LYS A 1 85  ? -11.226 11.796  -10.656 1.00 45.39  ? 85  LYS A NZ  1 
ATOM   667  N  N   . PRO A 1 86  ? -10.286 14.200  -5.250  1.00 11.69  ? 86  PRO A N   1 
ATOM   668  C  CA  . PRO A 1 86  ? -9.822  15.557  -5.482  1.00 43.93  ? 86  PRO A CA  1 
ATOM   669  C  C   . PRO A 1 86  ? -8.388  15.791  -4.981  1.00 19.25  ? 86  PRO A C   1 
ATOM   670  O  O   . PRO A 1 86  ? -7.665  16.565  -5.550  1.00 12.32  ? 86  PRO A O   1 
ATOM   671  C  CB  . PRO A 1 86  ? -10.852 16.524  -4.835  1.00 19.79  ? 86  PRO A CB  1 
ATOM   672  C  CG  . PRO A 1 86  ? -11.645 15.662  -3.883  1.00 35.34  ? 86  PRO A CG  1 
ATOM   673  C  CD  . PRO A 1 86  ? -11.180 14.234  -4.084  1.00 13.71  ? 86  PRO A CD  1 
ATOM   674  N  N   . VAL A 1 87  ? -7.960  15.109  -3.943  1.00 11.47  ? 87  VAL A N   1 
ATOM   675  C  CA  . VAL A 1 87  ? -6.615  15.352  -3.547  1.00 15.31  ? 87  VAL A CA  1 
ATOM   676  C  C   . VAL A 1 87  ? -5.673  14.697  -4.562  1.00 12.64  ? 87  VAL A C   1 
ATOM   677  O  O   . VAL A 1 87  ? -4.647  15.199  -5.031  1.00 7.62   ? 87  VAL A O   1 
ATOM   678  C  CB  . VAL A 1 87  ? -6.369  14.824  -2.105  1.00 10.41  ? 87  VAL A CB  1 
ATOM   679  C  CG1 . VAL A 1 87  ? -4.932  15.234  -1.725  1.00 11.04  ? 87  VAL A CG1 1 
ATOM   680  C  CG2 . VAL A 1 87  ? -7.406  15.373  -1.129  1.00 12.20  ? 87  VAL A CG2 1 
ATOM   681  N  N   . TYR A 1 88  ? -5.974  13.452  -4.801  1.00 7.85   ? 88  TYR A N   1 
ATOM   682  C  CA  . TYR A 1 88  ? -5.169  12.677  -5.736  1.00 5.38   ? 88  TYR A CA  1 
ATOM   683  C  C   . TYR A 1 88  ? -5.030  13.345  -7.081  1.00 12.41  ? 88  TYR A C   1 
ATOM   684  O  O   . TYR A 1 88  ? -3.961  13.419  -7.694  1.00 10.07  ? 88  TYR A O   1 
ATOM   685  C  CB  . TYR A 1 88  ? -5.993  11.421  -5.965  1.00 1.00   ? 88  TYR A CB  1 
ATOM   686  C  CG  . TYR A 1 88  ? -5.230  10.440  -6.840  1.00 9.82   ? 88  TYR A CG  1 
ATOM   687  C  CD1 . TYR A 1 88  ? -4.169  9.689   -6.326  1.00 13.70  ? 88  TYR A CD1 1 
ATOM   688  C  CD2 . TYR A 1 88  ? -5.522  10.387  -8.197  1.00 8.14   ? 88  TYR A CD2 1 
ATOM   689  C  CE1 . TYR A 1 88  ? -3.424  8.854   -7.166  1.00 7.69   ? 88  TYR A CE1 1 
ATOM   690  C  CE2 . TYR A 1 88  ? -4.844  9.495   -9.020  1.00 13.67  ? 88  TYR A CE2 1 
ATOM   691  C  CZ  . TYR A 1 88  ? -3.821  8.714   -8.496  1.00 23.44  ? 88  TYR A CZ  1 
ATOM   692  O  OH  . TYR A 1 88  ? -3.134  7.901   -9.331  1.00 17.77  ? 88  TYR A OH  1 
ATOM   693  N  N   . ASP A 1 89  ? -6.147  13.887  -7.588  1.00 9.37   ? 89  ASP A N   1 
ATOM   694  C  CA  . ASP A 1 89  ? -6.059  14.548  -8.922  1.00 1.00   ? 89  ASP A CA  1 
ATOM   695  C  C   . ASP A 1 89  ? -5.298  15.899  -8.849  1.00 7.92   ? 89  ASP A C   1 
ATOM   696  O  O   . ASP A 1 89  ? -4.777  16.385  -9.858  1.00 16.65  ? 89  ASP A O   1 
ATOM   697  C  CB  . ASP A 1 89  ? -7.384  14.958  -9.508  1.00 16.70  ? 89  ASP A CB  1 
ATOM   698  C  CG  . ASP A 1 89  ? -8.120  13.757  -10.006 1.00 13.72  ? 89  ASP A CG  1 
ATOM   699  O  OD1 . ASP A 1 89  ? -7.553  12.690  -10.126 1.00 16.83  ? 89  ASP A OD1 1 
ATOM   700  O  OD2 . ASP A 1 89  ? -9.388  13.972  -10.160 1.00 20.66  ? 89  ASP A OD2 1 
ATOM   701  N  N   . SER A 1 90  ? -5.094  16.470  -7.655  1.00 5.35   ? 90  SER A N   1 
ATOM   702  C  CA  . SER A 1 90  ? -4.260  17.667  -7.620  1.00 7.57   ? 90  SER A CA  1 
ATOM   703  C  C   . SER A 1 90  ? -2.769  17.393  -7.644  1.00 7.96   ? 90  SER A C   1 
ATOM   704  O  O   . SER A 1 90  ? -1.892  18.296  -7.785  1.00 9.05   ? 90  SER A O   1 
ATOM   705  C  CB  . SER A 1 90  ? -4.364  18.476  -6.371  1.00 11.11  ? 90  SER A CB  1 
ATOM   706  O  OG  . SER A 1 90  ? -4.143  17.720  -5.211  1.00 11.39  ? 90  SER A OG  1 
ATOM   707  N  N   . LEU A 1 91  ? -2.415  16.153  -7.454  1.00 3.34   ? 91  LEU A N   1 
ATOM   708  C  CA  . LEU A 1 91  ? -0.972  15.860  -7.343  1.00 5.92   ? 91  LEU A CA  1 
ATOM   709  C  C   . LEU A 1 91  ? -0.290  15.544  -8.656  1.00 15.54  ? 91  LEU A C   1 
ATOM   710  O  O   . LEU A 1 91  ? -0.967  15.132  -9.604  1.00 10.61  ? 91  LEU A O   1 
ATOM   711  C  CB  . LEU A 1 91  ? -0.725  14.586  -6.504  1.00 9.13   ? 91  LEU A CB  1 
ATOM   712  C  CG  . LEU A 1 91  ? -1.311  14.644  -5.069  1.00 14.20  ? 91  LEU A CG  1 
ATOM   713  C  CD1 . LEU A 1 91  ? -1.497  13.228  -4.532  1.00 9.61   ? 91  LEU A CD1 1 
ATOM   714  C  CD2 . LEU A 1 91  ? -0.384  15.445  -4.175  1.00 11.92  ? 91  LEU A CD2 1 
ATOM   715  N  N   . ASP A 1 92  ? 1.033   15.673  -8.654  1.00 3.14   ? 92  ASP A N   1 
ATOM   716  C  CA  . ASP A 1 92  ? 1.856   15.344  -9.790  1.00 1.00   ? 92  ASP A CA  1 
ATOM   717  C  C   . ASP A 1 92  ? 2.048   13.836  -9.799  1.00 8.26   ? 92  ASP A C   1 
ATOM   718  O  O   . ASP A 1 92  ? 1.642   13.094  -8.889  1.00 9.41   ? 92  ASP A O   1 
ATOM   719  C  CB  . ASP A 1 92  ? 3.184   16.066  -9.690  1.00 7.88   ? 92  ASP A CB  1 
ATOM   720  C  CG  . ASP A 1 92  ? 3.941   15.602  -8.457  1.00 17.17  ? 92  ASP A CG  1 
ATOM   721  O  OD1 . ASP A 1 92  ? 4.705   14.642  -8.506  1.00 10.37  ? 92  ASP A OD1 1 
ATOM   722  O  OD2 . ASP A 1 92  ? 3.629   16.281  -7.327  1.00 15.45  ? 92  ASP A OD2 1 
ATOM   723  N  N   . ALA A 1 93  ? 2.655   13.334  -10.842 1.00 4.39   ? 93  ALA A N   1 
ATOM   724  C  CA  . ALA A 1 93  ? 2.781   11.905  -10.983 1.00 9.38   ? 93  ALA A CA  1 
ATOM   725  C  C   . ALA A 1 93  ? 3.550   11.178  -9.900  1.00 5.12   ? 93  ALA A C   1 
ATOM   726  O  O   . ALA A 1 93  ? 3.169   10.038  -9.522  1.00 12.84  ? 93  ALA A O   1 
ATOM   727  C  CB  . ALA A 1 93  ? 3.351   11.565  -12.362 1.00 11.96  ? 93  ALA A CB  1 
ATOM   728  N  N   . VAL A 1 94  ? 4.703   11.721  -9.462  1.00 9.39   ? 94  VAL A N   1 
ATOM   729  C  CA  . VAL A 1 94  ? 5.421   10.959  -8.522  1.00 5.78   ? 94  VAL A CA  1 
ATOM   730  C  C   . VAL A 1 94  ? 4.634   10.844  -7.196  1.00 6.92   ? 94  VAL A C   1 
ATOM   731  O  O   . VAL A 1 94  ? 4.530   9.804   -6.547  1.00 13.66  ? 94  VAL A O   1 
ATOM   732  C  CB  . VAL A 1 94  ? 6.781   11.612  -8.310  1.00 15.46  ? 94  VAL A CB  1 
ATOM   733  C  CG1 . VAL A 1 94  ? 7.584   10.845  -7.241  1.00 5.35   ? 94  VAL A CG1 1 
ATOM   734  C  CG2 . VAL A 1 94  ? 7.482   11.589  -9.643  1.00 7.17   ? 94  VAL A CG2 1 
ATOM   735  N  N   . ARG A 1 95  ? 4.136   11.980  -6.761  1.00 9.00   ? 95  ARG A N   1 
ATOM   736  C  CA  . ARG A 1 95  ? 3.398   12.025  -5.488  1.00 8.13   ? 95  ARG A CA  1 
ATOM   737  C  C   . ARG A 1 95  ? 2.156   11.173  -5.545  1.00 5.72   ? 95  ARG A C   1 
ATOM   738  O  O   . ARG A 1 95  ? 1.668   10.675  -4.507  1.00 12.33  ? 95  ARG A O   1 
ATOM   739  C  CB  . ARG A 1 95  ? 3.020   13.488  -5.115  1.00 8.01   ? 95  ARG A CB  1 
ATOM   740  C  CG  . ARG A 1 95  ? 4.279   14.267  -4.821  1.00 1.31   ? 95  ARG A CG  1 
ATOM   741  C  CD  . ARG A 1 95  ? 3.841   15.628  -4.235  1.00 9.36   ? 95  ARG A CD  1 
ATOM   742  N  NE  . ARG A 1 95  ? 4.985   16.354  -3.683  1.00 4.84   ? 95  ARG A NE  1 
ATOM   743  C  CZ  . ARG A 1 95  ? 5.725   17.172  -4.416  1.00 22.39  ? 95  ARG A CZ  1 
ATOM   744  N  NH1 . ARG A 1 95  ? 5.483   17.317  -5.717  1.00 9.67   ? 95  ARG A NH1 1 
ATOM   745  N  NH2 . ARG A 1 95  ? 6.738   17.811  -3.837  1.00 10.06  ? 95  ARG A NH2 1 
ATOM   746  N  N   . ARG A 1 96  ? 1.644   10.993  -6.783  1.00 7.90   ? 96  ARG A N   1 
ATOM   747  C  CA  . ARG A 1 96  ? 0.494   10.097  -6.918  1.00 15.29  ? 96  ARG A CA  1 
ATOM   748  C  C   . ARG A 1 96  ? 0.934   8.659   -6.612  1.00 4.81   ? 96  ARG A C   1 
ATOM   749  O  O   . ARG A 1 96  ? 0.138   7.931   -6.052  1.00 9.41   ? 96  ARG A O   1 
ATOM   750  C  CB  . ARG A 1 96  ? -0.131  10.028  -8.287  1.00 7.19   ? 96  ARG A CB  1 
ATOM   751  C  CG  . ARG A 1 96  ? -1.150  11.153  -8.513  1.00 7.18   ? 96  ARG A CG  1 
ATOM   752  C  CD  . ARG A 1 96  ? -1.602  11.231  -9.969  1.00 11.85  ? 96  ARG A CD  1 
ATOM   753  N  NE  . ARG A 1 96  ? -2.364  12.491  -10.056 1.00 14.37  ? 96  ARG A NE  1 
ATOM   754  C  CZ  . ARG A 1 96  ? -2.833  12.887  -11.196 1.00 39.77  ? 96  ARG A CZ  1 
ATOM   755  N  NH1 . ARG A 1 96  ? -2.619  12.084  -12.237 1.00 25.85  ? 96  ARG A NH1 1 
ATOM   756  N  NH2 . ARG A 1 96  ? -3.509  14.055  -11.298 1.00 9.95   ? 96  ARG A NH2 1 
ATOM   757  N  N   . CYS A 1 97  ? 2.188   8.317   -6.892  1.00 7.96   ? 97  CYS A N   1 
ATOM   758  C  CA  . CYS A 1 97  ? 2.612   6.991   -6.534  1.00 7.95   ? 97  CYS A CA  1 
ATOM   759  C  C   . CYS A 1 97  ? 2.703   6.841   -5.042  1.00 17.00  ? 97  CYS A C   1 
ATOM   760  O  O   . CYS A 1 97  ? 2.392   5.808   -4.471  1.00 4.23   ? 97  CYS A O   1 
ATOM   761  C  CB  . CYS A 1 97  ? 4.014   6.746   -7.038  1.00 13.63  ? 97  CYS A CB  1 
ATOM   762  S  SG  . CYS A 1 97  ? 3.881   6.548   -8.843  1.00 14.90  ? 97  CYS A SG  1 
ATOM   763  N  N   . ALA A 1 98  ? 3.123   7.892   -4.373  1.00 15.80  ? 98  ALA A N   1 
ATOM   764  C  CA  . ALA A 1 98  ? 3.131   7.837   -2.917  1.00 11.02  ? 98  ALA A CA  1 
ATOM   765  C  C   . ALA A 1 98  ? 1.718   7.627   -2.324  1.00 24.53  ? 98  ALA A C   1 
ATOM   766  O  O   . ALA A 1 98  ? 1.563   6.925   -1.321  1.00 9.65   ? 98  ALA A O   1 
ATOM   767  C  CB  . ALA A 1 98  ? 3.713   9.089   -2.308  1.00 12.31  ? 98  ALA A CB  1 
ATOM   768  N  N   . ALA A 1 99  ? 0.655   8.239   -2.903  1.00 4.35   ? 99  ALA A N   1 
ATOM   769  C  CA  . ALA A 1 99  ? -0.747  8.085   -2.406  1.00 4.07   ? 99  ALA A CA  1 
ATOM   770  C  C   . ALA A 1 99  ? -1.188  6.630   -2.600  1.00 4.58   ? 99  ALA A C   1 
ATOM   771  O  O   . ALA A 1 99  ? -1.804  6.032   -1.714  1.00 9.13   ? 99  ALA A O   1 
ATOM   772  C  CB  . ALA A 1 99  ? -1.755  9.078   -3.046  1.00 7.59   ? 99  ALA A CB  1 
ATOM   773  N  N   . ILE A 1 100 ? -0.885  6.043   -3.778  1.00 7.34   ? 100 ILE A N   1 
ATOM   774  C  CA  . ILE A 1 100 ? -1.255  4.661   -4.032  1.00 10.05  ? 100 ILE A CA  1 
ATOM   775  C  C   . ILE A 1 100 ? -0.605  3.738   -2.978  1.00 10.66  ? 100 ILE A C   1 
ATOM   776  O  O   . ILE A 1 100 ? -1.182  2.765   -2.454  1.00 11.46  ? 100 ILE A O   1 
ATOM   777  C  CB  . ILE A 1 100 ? -0.940  4.296   -5.520  1.00 13.46  ? 100 ILE A CB  1 
ATOM   778  C  CG1 . ILE A 1 100 ? -1.761  5.141   -6.548  1.00 2.65   ? 100 ILE A CG1 1 
ATOM   779  C  CG2 . ILE A 1 100 ? -1.127  2.807   -5.777  1.00 6.06   ? 100 ILE A CG2 1 
ATOM   780  C  CD1 . ILE A 1 100 ? -1.260  5.167   -7.971  1.00 1.62   ? 100 ILE A CD1 1 
ATOM   781  N  N   . ASN A 1 101 ? 0.683   3.962   -2.728  1.00 7.64   ? 101 ASN A N   1 
ATOM   782  C  CA  . ASN A 1 101 ? 1.422   3.135   -1.760  1.00 6.84   ? 101 ASN A CA  1 
ATOM   783  C  C   . ASN A 1 101 ? 0.755   3.092   -0.405  1.00 5.07   ? 101 ASN A C   1 
ATOM   784  O  O   . ASN A 1 101 ? 0.478   2.022   0.181   1.00 11.26  ? 101 ASN A O   1 
ATOM   785  C  CB  . ASN A 1 101 ? 2.882   3.693   -1.620  1.00 13.57  ? 101 ASN A CB  1 
ATOM   786  C  CG  . ASN A 1 101 ? 3.888   2.753   -0.969  1.00 9.48   ? 101 ASN A CG  1 
ATOM   787  O  OD1 . ASN A 1 101 ? 3.581   2.316   0.125   1.00 10.15  ? 101 ASN A OD1 1 
ATOM   788  N  ND2 . ASN A 1 101 ? 5.063   2.459   -1.551  1.00 2.99   ? 101 ASN A ND2 1 
ATOM   789  N  N   . GLN A 1 102 ? 0.445   4.283   0.073   1.00 3.70   ? 102 GLN A N   1 
ATOM   790  C  CA  . GLN A 1 102 ? -0.177  4.392   1.365   1.00 11.45  ? 102 GLN A CA  1 
ATOM   791  C  C   . GLN A 1 102 ? -1.496  3.657   1.350   1.00 14.82  ? 102 GLN A C   1 
ATOM   792  O  O   . GLN A 1 102 ? -1.838  2.906   2.246   1.00 11.47  ? 102 GLN A O   1 
ATOM   793  C  CB  . GLN A 1 102 ? -0.371  5.895   1.677   1.00 8.09   ? 102 GLN A CB  1 
ATOM   794  C  CG  . GLN A 1 102 ? -0.695  6.228   3.138   1.00 16.42  ? 102 GLN A CG  1 
ATOM   795  C  CD  . GLN A 1 102 ? -0.748  7.728   3.446   1.00 20.31  ? 102 GLN A CD  1 
ATOM   796  O  OE1 . GLN A 1 102 ? -0.854  8.586   2.544   1.00 18.31  ? 102 GLN A OE1 1 
ATOM   797  N  NE2 . GLN A 1 102 ? -0.779  8.021   4.743   1.00 30.70  ? 102 GLN A NE2 1 
ATOM   798  N  N   . VAL A 1 103 ? -2.239  3.821   0.279   1.00 10.18  ? 103 VAL A N   1 
ATOM   799  C  CA  . VAL A 1 103 ? -3.493  3.114   0.234   1.00 9.45   ? 103 VAL A CA  1 
ATOM   800  C  C   . VAL A 1 103 ? -3.340  1.610   0.132   1.00 14.01  ? 103 VAL A C   1 
ATOM   801  O  O   . VAL A 1 103 ? -4.166  0.881   0.691   1.00 18.86  ? 103 VAL A O   1 
ATOM   802  C  CB  . VAL A 1 103 ? -4.412  3.591   -0.905  1.00 22.13  ? 103 VAL A CB  1 
ATOM   803  C  CG1 . VAL A 1 103 ? -5.783  2.886   -0.856  1.00 24.49  ? 103 VAL A CG1 1 
ATOM   804  C  CG2 . VAL A 1 103 ? -4.965  4.950   -0.579  1.00 25.01  ? 103 VAL A CG2 1 
ATOM   805  N  N   . PHE A 1 104 ? -2.342  1.162   -0.645  1.00 6.83   ? 104 PHE A N   1 
ATOM   806  C  CA  . PHE A 1 104 ? -2.108  -0.262  -0.805  1.00 11.31  ? 104 PHE A CA  1 
ATOM   807  C  C   . PHE A 1 104 ? -1.792  -0.877  0.530   1.00 11.37  ? 104 PHE A C   1 
ATOM   808  O  O   . PHE A 1 104 ? -2.285  -1.924  0.910   1.00 21.03  ? 104 PHE A O   1 
ATOM   809  C  CB  . PHE A 1 104 ? -0.894  -0.371  -1.733  1.00 13.79  ? 104 PHE A CB  1 
ATOM   810  C  CG  . PHE A 1 104 ? -0.602  -1.777  -2.090  1.00 5.18   ? 104 PHE A CG  1 
ATOM   811  C  CD1 . PHE A 1 104 ? -0.938  -2.280  -3.352  1.00 7.94   ? 104 PHE A CD1 1 
ATOM   812  C  CD2 . PHE A 1 104 ? 0.174   -2.540  -1.238  1.00 4.53   ? 104 PHE A CD2 1 
ATOM   813  C  CE1 . PHE A 1 104 ? -0.601  -3.575  -3.734  1.00 9.91   ? 104 PHE A CE1 1 
ATOM   814  C  CE2 . PHE A 1 104 ? 0.499   -3.849  -1.608  1.00 10.08  ? 104 PHE A CE2 1 
ATOM   815  C  CZ  . PHE A 1 104 ? 0.107   -4.371  -2.835  1.00 14.49  ? 104 PHE A CZ  1 
ATOM   816  N  N   . GLN A 1 105 ? -1.093  -0.102  1.339   1.00 13.55  ? 105 GLN A N   1 
ATOM   817  C  CA  . GLN A 1 105 ? -0.706  -0.551  2.636   1.00 17.46  ? 105 GLN A CA  1 
ATOM   818  C  C   . GLN A 1 105 ? -1.774  -0.480  3.677   1.00 14.02  ? 105 GLN A C   1 
ATOM   819  O  O   . GLN A 1 105 ? -1.885  -1.380  4.486   1.00 11.67  ? 105 GLN A O   1 
ATOM   820  C  CB  . GLN A 1 105 ? 0.491   0.276   3.177   1.00 12.71  ? 105 GLN A CB  1 
ATOM   821  C  CG  . GLN A 1 105 ? 1.140   -0.291  4.452   1.00 15.50  ? 105 GLN A CG  1 
ATOM   822  C  CD  . GLN A 1 105 ? 2.205   0.586   5.126   1.00 11.51  ? 105 GLN A CD  1 
ATOM   823  O  OE1 . GLN A 1 105 ? 2.777   1.493   4.582   1.00 12.95  ? 105 GLN A OE1 1 
ATOM   824  N  NE2 . GLN A 1 105 ? 2.628   0.169   6.279   1.00 9.04   ? 105 GLN A NE2 1 
ATOM   825  N  N   . MET A 1 106 ? -2.526  0.607   3.726   1.00 15.06  ? 106 MET A N   1 
ATOM   826  C  CA  . MET A 1 106 ? -3.449  0.740   4.812   1.00 13.12  ? 106 MET A CA  1 
ATOM   827  C  C   . MET A 1 106 ? -4.918  0.686   4.512   1.00 16.90  ? 106 MET A C   1 
ATOM   828  O  O   . MET A 1 106 ? -5.757  0.675   5.451   1.00 19.76  ? 106 MET A O   1 
ATOM   829  C  CB  . MET A 1 106 ? -2.872  1.849   5.773   1.00 19.77  ? 106 MET A CB  1 
ATOM   830  C  CG  . MET A 1 106 ? -3.155  3.339   5.593   1.00 27.30  ? 106 MET A CG  1 
ATOM   831  S  SD  . MET A 1 106 ? -1.964  4.372   6.521   1.00 32.69  ? 106 MET A SD  1 
ATOM   832  C  CE  . MET A 1 106 ? -2.459  6.044   6.055   1.00 68.74  ? 106 MET A CE  1 
ATOM   833  N  N   . GLY A 1 107 ? -5.240  0.671   3.251   1.00 14.55  ? 107 GLY A N   1 
ATOM   834  C  CA  . GLY A 1 107 ? -6.609  0.707   2.830   1.00 14.60  ? 107 GLY A CA  1 
ATOM   835  C  C   . GLY A 1 107 ? -7.121  2.163   2.888   1.00 24.32  ? 107 GLY A C   1 
ATOM   836  O  O   . GLY A 1 107 ? -6.558  3.029   3.601   1.00 31.44  ? 107 GLY A O   1 
ATOM   837  N  N   . GLU A 1 108 ? -8.218  2.389   2.138   1.00 41.49  ? 108 GLU A N   1 
ATOM   838  C  CA  . GLU A 1 108 ? -8.886  3.670   1.888   1.00 43.57  ? 108 GLU A CA  1 
ATOM   839  C  C   . GLU A 1 108 ? -9.411  4.232   3.164   1.00 46.83  ? 108 GLU A C   1 
ATOM   840  O  O   . GLU A 1 108 ? -9.601  5.438   3.345   1.00 61.52  ? 108 GLU A O   1 
ATOM   841  C  CB  . GLU A 1 108 ? -9.662  3.595   0.548   1.00 37.22  ? 108 GLU A CB  1 
ATOM   842  C  CG  . GLU A 1 108 ? -11.169 3.840   0.569   1.00 58.25  ? 108 GLU A CG  1 
ATOM   843  C  CD  . GLU A 1 108 ? -11.716 3.359   -0.733  1.00 75.29  ? 108 GLU A CD  1 
ATOM   844  O  OE1 . GLU A 1 108 ? -11.309 2.323   -1.228  1.00 100.00 ? 108 GLU A OE1 1 
ATOM   845  O  OE2 . GLU A 1 108 ? -12.594 4.167   -1.291  1.00 84.62  ? 108 GLU A OE2 1 
ATOM   846  N  N   . THR A 1 109 ? -9.578  3.271   4.040   1.00 52.16  ? 109 THR A N   1 
ATOM   847  C  CA  . THR A 1 109 ? -10.065 3.436   5.382   1.00 54.64  ? 109 THR A CA  1 
ATOM   848  C  C   . THR A 1 109 ? -8.983  4.023   6.258   1.00 79.25  ? 109 THR A C   1 
ATOM   849  O  O   . THR A 1 109 ? -9.165  5.044   6.915   1.00 85.77  ? 109 THR A O   1 
ATOM   850  C  CB  . THR A 1 109 ? -10.556 2.067   5.890   1.00 100.00 ? 109 THR A CB  1 
ATOM   851  O  OG1 . THR A 1 109 ? -9.472  1.272   6.366   1.00 100.00 ? 109 THR A OG1 1 
ATOM   852  C  CG2 . THR A 1 109 ? -11.159 1.480   4.612   1.00 100.00 ? 109 THR A CG2 1 
ATOM   853  N  N   . GLY A 1 110 ? -7.839  3.339   6.244   1.00 71.80  ? 110 GLY A N   1 
ATOM   854  C  CA  . GLY A 1 110 ? -6.695  3.762   7.014   1.00 44.40  ? 110 GLY A CA  1 
ATOM   855  C  C   . GLY A 1 110 ? -6.386  5.205   6.693   1.00 36.87  ? 110 GLY A C   1 
ATOM   856  O  O   . GLY A 1 110 ? -6.241  6.017   7.598   1.00 36.05  ? 110 GLY A O   1 
ATOM   857  N  N   . VAL A 1 111 ? -6.343  5.485   5.387   1.00 37.81  ? 111 VAL A N   1 
ATOM   858  C  CA  . VAL A 1 111 ? -5.982  6.755   4.830   1.00 39.54  ? 111 VAL A CA  1 
ATOM   859  C  C   . VAL A 1 111 ? -6.990  7.870   4.914   1.00 74.08  ? 111 VAL A C   1 
ATOM   860  O  O   . VAL A 1 111 ? -6.605  9.007   4.696   1.00 86.61  ? 111 VAL A O   1 
ATOM   861  C  CB  . VAL A 1 111 ? -5.634  6.619   3.365   1.00 44.88  ? 111 VAL A CB  1 
ATOM   862  C  CG1 . VAL A 1 111 ? -4.761  7.802   2.977   1.00 53.71  ? 111 VAL A CG1 1 
ATOM   863  C  CG2 . VAL A 1 111 ? -4.825  5.335   3.208   1.00 46.49  ? 111 VAL A CG2 1 
ATOM   864  N  N   . ALA A 1 112 ? -8.253  7.585   5.220   1.00 78.45  ? 112 ALA A N   1 
ATOM   865  C  CA  . ALA A 1 112 ? -9.247  8.660   5.264   1.00 92.73  ? 112 ALA A CA  1 
ATOM   866  C  C   . ALA A 1 112 ? -9.170  9.535   6.539   1.00 78.82  ? 112 ALA A C   1 
ATOM   867  O  O   . ALA A 1 112 ? -9.658  10.681  6.552   1.00 83.44  ? 112 ALA A O   1 
ATOM   868  C  CB  . ALA A 1 112 ? -10.509 8.221   4.519   1.00 93.78  ? 112 ALA A CB  1 
ATOM   869  N  N   . GLY A 1 113 ? -8.478  9.014   7.581   1.00 61.23  ? 113 GLY A N   1 
ATOM   870  C  CA  . GLY A 1 113 ? -8.200  9.645   8.894   1.00 55.79  ? 113 GLY A CA  1 
ATOM   871  C  C   . GLY A 1 113 ? -6.974  10.605  8.880   1.00 62.67  ? 113 GLY A C   1 
ATOM   872  O  O   . GLY A 1 113 ? -6.543  11.200  9.894   1.00 45.16  ? 113 GLY A O   1 
ATOM   873  N  N   . PHE A 1 114 ? -6.402  10.736  7.680   1.00 23.35  ? 114 PHE A N   1 
ATOM   874  C  CA  . PHE A 1 114 ? -5.292  11.604  7.378   1.00 8.72   ? 114 PHE A CA  1 
ATOM   875  C  C   . PHE A 1 114 ? -5.840  12.925  6.854   1.00 10.12  ? 114 PHE A C   1 
ATOM   876  O  O   . PHE A 1 114 ? -5.186  13.674  6.130   1.00 19.12  ? 114 PHE A O   1 
ATOM   877  C  CB  . PHE A 1 114 ? -4.345  10.754  6.535   1.00 11.39  ? 114 PHE A CB  1 
ATOM   878  C  CG  . PHE A 1 114 ? -3.357  9.865   7.264   1.00 32.39  ? 114 PHE A CG  1 
ATOM   879  C  CD1 . PHE A 1 114 ? -3.750  8.612   7.747   1.00 28.42  ? 114 PHE A CD1 1 
ATOM   880  C  CD2 . PHE A 1 114 ? -2.015  10.226  7.375   1.00 17.99  ? 114 PHE A CD2 1 
ATOM   881  C  CE1 . PHE A 1 114 ? -2.844  7.770   8.388   1.00 22.90  ? 114 PHE A CE1 1 
ATOM   882  C  CE2 . PHE A 1 114 ? -1.090  9.408   8.019   1.00 15.42  ? 114 PHE A CE2 1 
ATOM   883  C  CZ  . PHE A 1 114 ? -1.507  8.160   8.488   1.00 25.69  ? 114 PHE A CZ  1 
ATOM   884  N  N   . THR A 1 115 ? -7.038  13.235  7.281   1.00 13.76  ? 115 THR A N   1 
ATOM   885  C  CA  . THR A 1 115 ? -7.652  14.431  6.824   1.00 10.42  ? 115 THR A CA  1 
ATOM   886  C  C   . THR A 1 115 ? -6.840  15.695  6.843   1.00 24.82  ? 115 THR A C   1 
ATOM   887  O  O   . THR A 1 115 ? -6.800  16.436  5.892   1.00 14.15  ? 115 THR A O   1 
ATOM   888  C  CB  . THR A 1 115 ? -8.634  14.884  7.862   1.00 28.41  ? 115 THR A CB  1 
ATOM   889  O  OG1 . THR A 1 115 ? -9.595  13.915  7.811   1.00 22.72  ? 115 THR A OG1 1 
ATOM   890  C  CG2 . THR A 1 115 ? -9.179  16.194  7.345   1.00 59.82  ? 115 THR A CG2 1 
ATOM   891  N  N   . ASN A 1 116 ? -6.214  15.969  7.970   1.00 14.74  ? 116 ASN A N   1 
ATOM   892  C  CA  . ASN A 1 116 ? -5.388  17.146  8.042   1.00 13.62  ? 116 ASN A CA  1 
ATOM   893  C  C   . ASN A 1 116 ? -4.191  17.058  7.051   1.00 15.35  ? 116 ASN A C   1 
ATOM   894  O  O   . ASN A 1 116 ? -3.809  18.010  6.346   1.00 18.40  ? 116 ASN A O   1 
ATOM   895  C  CB  . ASN A 1 116 ? -4.923  17.499  9.530   1.00 15.62  ? 116 ASN A CB  1 
ATOM   896  C  CG  . ASN A 1 116 ? -6.097  17.600  10.483  1.00 24.24  ? 116 ASN A CG  1 
ATOM   897  O  OD1 . ASN A 1 116 ? -7.071  18.255  10.120  1.00 35.67  ? 116 ASN A OD1 1 
ATOM   898  N  ND2 . ASN A 1 116 ? -6.015  17.003  11.699  1.00 15.99  ? 116 ASN A ND2 1 
ATOM   899  N  N   . SER A 1 117 ? -3.592  15.893  6.939   1.00 12.29  ? 117 SER A N   1 
ATOM   900  C  CA  . SER A 1 117 ? -2.496  15.805  6.018   1.00 7.63   ? 117 SER A CA  1 
ATOM   901  C  C   . SER A 1 117 ? -2.999  15.983  4.600   1.00 10.34  ? 117 SER A C   1 
ATOM   902  O  O   . SER A 1 117 ? -2.287  16.495  3.737   1.00 15.10  ? 117 SER A O   1 
ATOM   903  C  CB  . SER A 1 117 ? -1.912  14.388  6.046   1.00 21.52  ? 117 SER A CB  1 
ATOM   904  O  OG  . SER A 1 117 ? -1.482  14.023  7.343   1.00 17.96  ? 117 SER A OG  1 
ATOM   905  N  N   . LEU A 1 118 ? -4.224  15.433  4.340   1.00 12.97  ? 118 LEU A N   1 
ATOM   906  C  CA  . LEU A 1 118 ? -4.756  15.444  3.013   1.00 14.19  ? 118 LEU A CA  1 
ATOM   907  C  C   . LEU A 1 118 ? -4.930  16.870  2.569   1.00 13.02  ? 118 LEU A C   1 
ATOM   908  O  O   . LEU A 1 118 ? -4.733  17.283  1.439   1.00 11.21  ? 118 LEU A O   1 
ATOM   909  C  CB  . LEU A 1 118 ? -6.162  14.838  2.988   1.00 23.33  ? 118 LEU A CB  1 
ATOM   910  C  CG  . LEU A 1 118 ? -6.147  13.322  3.082   1.00 29.07  ? 118 LEU A CG  1 
ATOM   911  C  CD1 . LEU A 1 118 ? -7.589  12.868  3.233   1.00 31.61  ? 118 LEU A CD1 1 
ATOM   912  C  CD2 . LEU A 1 118 ? -5.286  12.668  1.963   1.00 16.14  ? 118 LEU A CD2 1 
ATOM   913  N  N   . ARG A 1 119 ? -5.359  17.639  3.524   1.00 7.05   ? 119 ARG A N   1 
ATOM   914  C  CA  . ARG A 1 119 ? -5.573  19.007  3.186   1.00 20.28  ? 119 ARG A CA  1 
ATOM   915  C  C   . ARG A 1 119 ? -4.284  19.714  2.891   1.00 23.79  ? 119 ARG A C   1 
ATOM   916  O  O   . ARG A 1 119 ? -4.240  20.574  1.980   1.00 24.43  ? 119 ARG A O   1 
ATOM   917  C  CB  . ARG A 1 119 ? -6.467  19.710  4.192   1.00 15.19  ? 119 ARG A CB  1 
ATOM   918  C  CG  . ARG A 1 119 ? -7.683  18.794  4.364   1.00 100.00 ? 119 ARG A CG  1 
ATOM   919  C  CD  . ARG A 1 119 ? -8.693  18.804  3.181   1.00 100.00 ? 119 ARG A CD  1 
ATOM   920  N  NE  . ARG A 1 119 ? -8.764  17.650  2.232   1.00 100.00 ? 119 ARG A NE  1 
ATOM   921  C  CZ  . ARG A 1 119 ? -9.844  16.861  1.963   1.00 100.00 ? 119 ARG A CZ  1 
ATOM   922  N  NH1 . ARG A 1 119 ? -11.021 16.987  2.581   1.00 100.00 ? 119 ARG A NH1 1 
ATOM   923  N  NH2 . ARG A 1 119 ? -9.766  15.877  1.057   1.00 73.76  ? 119 ARG A NH2 1 
ATOM   924  N  N   . MET A 1 120 ? -3.229  19.353  3.637   1.00 12.90  ? 120 MET A N   1 
ATOM   925  C  CA  . MET A 1 120 ? -1.985  20.081  3.394   1.00 14.93  ? 120 MET A CA  1 
ATOM   926  C  C   . MET A 1 120 ? -1.422  19.721  2.060   1.00 11.36  ? 120 MET A C   1 
ATOM   927  O  O   . MET A 1 120 ? -0.833  20.538  1.395   1.00 13.74  ? 120 MET A O   1 
ATOM   928  C  CB  . MET A 1 120 ? -0.935  19.842  4.505   1.00 6.49   ? 120 MET A CB  1 
ATOM   929  C  CG  . MET A 1 120 ? -1.419  20.401  5.801   1.00 26.96  ? 120 MET A CG  1 
ATOM   930  S  SD  . MET A 1 120 ? -0.324  19.806  7.101   1.00 28.55  ? 120 MET A SD  1 
ATOM   931  C  CE  . MET A 1 120 ? -1.117  20.175  8.646   1.00 17.52  ? 120 MET A CE  1 
ATOM   932  N  N   . LEU A 1 121 ? -1.570  18.452  1.722   1.00 12.82  ? 121 LEU A N   1 
ATOM   933  C  CA  . LEU A 1 121 ? -1.007  18.013  0.445   1.00 9.46   ? 121 LEU A CA  1 
ATOM   934  C  C   . LEU A 1 121 ? -1.774  18.720  -0.660  1.00 12.62  ? 121 LEU A C   1 
ATOM   935  O  O   . LEU A 1 121 ? -1.221  19.167  -1.657  1.00 11.58  ? 121 LEU A O   1 
ATOM   936  C  CB  . LEU A 1 121 ? -1.175  16.505  0.225   1.00 6.60   ? 121 LEU A CB  1 
ATOM   937  C  CG  . LEU A 1 121 ? -0.300  15.706  1.181   1.00 7.47   ? 121 LEU A CG  1 
ATOM   938  C  CD1 . LEU A 1 121 ? -0.686  14.246  1.041   1.00 17.22  ? 121 LEU A CD1 1 
ATOM   939  C  CD2 . LEU A 1 121 ? 1.179   15.751  0.742   1.00 11.25  ? 121 LEU A CD2 1 
ATOM   940  N  N   . GLN A 1 122 ? -3.064  18.812  -0.459  1.00 10.38  ? 122 GLN A N   1 
ATOM   941  C  CA  . GLN A 1 122 ? -3.851  19.460  -1.469  1.00 11.06  ? 122 GLN A CA  1 
ATOM   942  C  C   . GLN A 1 122 ? -3.417  20.905  -1.657  1.00 23.31  ? 122 GLN A C   1 
ATOM   943  O  O   . GLN A 1 122 ? -3.423  21.438  -2.740  1.00 15.56  ? 122 GLN A O   1 
ATOM   944  C  CB  . GLN A 1 122 ? -5.352  19.491  -1.129  1.00 13.18  ? 122 GLN A CB  1 
ATOM   945  C  CG  . GLN A 1 122 ? -6.071  19.988  -2.391  1.00 24.13  ? 122 GLN A CG  1 
ATOM   946  C  CD  . GLN A 1 122 ? -7.527  19.644  -2.369  1.00 39.49  ? 122 GLN A CD  1 
ATOM   947  O  OE1 . GLN A 1 122 ? -7.965  19.139  -1.331  1.00 43.44  ? 122 GLN A OE1 1 
ATOM   948  N  NE2 . GLN A 1 122 ? -8.261  19.936  -3.462  1.00 55.83  ? 122 GLN A NE2 1 
ATOM   949  N  N   . GLN A 1 123 ? -3.072  21.563  -0.580  1.00 9.56   ? 123 GLN A N   1 
ATOM   950  C  CA  . GLN A 1 123 ? -2.653  22.929  -0.678  1.00 10.98  ? 123 GLN A CA  1 
ATOM   951  C  C   . GLN A 1 123 ? -1.215  23.027  -1.053  1.00 17.33  ? 123 GLN A C   1 
ATOM   952  O  O   . GLN A 1 123 ? -0.671  24.134  -1.140  1.00 18.83  ? 123 GLN A O   1 
ATOM   953  C  CB  . GLN A 1 123 ? -2.595  23.492  0.734   1.00 16.13  ? 123 GLN A CB  1 
ATOM   954  C  CG  . GLN A 1 123 ? -3.999  23.646  1.279   1.00 18.21  ? 123 GLN A CG  1 
ATOM   955  C  CD  . GLN A 1 123 ? -4.142  24.548  2.538   1.00 52.93  ? 123 GLN A CD  1 
ATOM   956  O  OE1 . GLN A 1 123 ? -4.708  25.672  2.494   1.00 67.41  ? 123 GLN A OE1 1 
ATOM   957  N  NE2 . GLN A 1 123 ? -3.635  24.042  3.676   1.00 100.00 ? 123 GLN A NE2 1 
ATOM   958  N  N   . LYS A 1 124 ? -0.560  21.840  -1.220  1.00 10.87  ? 124 LYS A N   1 
ATOM   959  C  CA  . LYS A 1 124 ? 0.855   21.808  -1.651  1.00 2.56   ? 124 LYS A CA  1 
ATOM   960  C  C   . LYS A 1 124 ? 1.848   22.419  -0.660  1.00 11.76  ? 124 LYS A C   1 
ATOM   961  O  O   . LYS A 1 124 ? 2.919   22.945  -1.009  1.00 10.93  ? 124 LYS A O   1 
ATOM   962  C  CB  . LYS A 1 124 ? 1.281   22.386  -3.027  1.00 13.68  ? 124 LYS A CB  1 
ATOM   963  C  CG  . LYS A 1 124 ? 0.292   22.100  -4.171  1.00 10.23  ? 124 LYS A CG  1 
ATOM   964  C  CD  . LYS A 1 124 ? 0.837   22.183  -5.613  1.00 15.07  ? 124 LYS A CD  1 
ATOM   965  C  CE  . LYS A 1 124 ? -0.090  21.472  -6.614  1.00 11.10  ? 124 LYS A CE  1 
ATOM   966  N  NZ  . LYS A 1 124 ? -0.016  20.000  -6.458  1.00 16.62  ? 124 LYS A NZ  1 
ATOM   967  N  N   . ARG A 1 125 ? 1.509   22.232  0.601   1.00 11.37  ? 125 ARG A N   1 
ATOM   968  C  CA  . ARG A 1 125 ? 2.346   22.595  1.736   1.00 15.63  ? 125 ARG A CA  1 
ATOM   969  C  C   . ARG A 1 125 ? 3.171   21.346  2.090   1.00 17.10  ? 125 ARG A C   1 
ATOM   970  O  O   . ARG A 1 125 ? 2.897   20.700  3.091   1.00 13.88  ? 125 ARG A O   1 
ATOM   971  C  CB  . ARG A 1 125 ? 1.397   23.032  2.848   1.00 11.95  ? 125 ARG A CB  1 
ATOM   972  C  CG  . ARG A 1 125 ? 0.646   24.359  2.524   1.00 9.05   ? 125 ARG A CG  1 
ATOM   973  C  CD  . ARG A 1 125 ? -0.320  24.523  3.712   1.00 21.73  ? 125 ARG A CD  1 
ATOM   974  N  NE  . ARG A 1 125 ? -0.842  25.839  3.966   1.00 56.61  ? 125 ARG A NE  1 
ATOM   975  C  CZ  . ARG A 1 125 ? -1.272  26.622  2.976   1.00 100.00 ? 125 ARG A CZ  1 
ATOM   976  N  NH1 . ARG A 1 125 ? -1.223  26.248  1.680   1.00 100.00 ? 125 ARG A NH1 1 
ATOM   977  N  NH2 . ARG A 1 125 ? -1.745  27.828  3.300   1.00 70.92  ? 125 ARG A NH2 1 
ATOM   978  N  N   . TRP A 1 126 ? 4.217   21.057  1.280   1.00 16.32  ? 126 TRP A N   1 
ATOM   979  C  CA  . TRP A 1 126 ? 5.003   19.843  1.418   1.00 10.19  ? 126 TRP A CA  1 
ATOM   980  C  C   . TRP A 1 126 ? 5.661   19.579  2.771   1.00 17.97  ? 126 TRP A C   1 
ATOM   981  O  O   . TRP A 1 126 ? 5.598   18.519  3.289   1.00 7.52   ? 126 TRP A O   1 
ATOM   982  C  CB  . TRP A 1 126 ? 5.929   19.642  0.199   1.00 1.40   ? 126 TRP A CB  1 
ATOM   983  C  CG  . TRP A 1 126 ? 5.278   19.940  -1.144  1.00 11.95  ? 126 TRP A CG  1 
ATOM   984  C  CD1 . TRP A 1 126 ? 5.763   20.825  -2.073  1.00 13.50  ? 126 TRP A CD1 1 
ATOM   985  C  CD2 . TRP A 1 126 ? 4.125   19.344  -1.759  1.00 10.61  ? 126 TRP A CD2 1 
ATOM   986  N  NE1 . TRP A 1 126 ? 4.984   20.800  -3.214  1.00 9.29   ? 126 TRP A NE1 1 
ATOM   987  C  CE2 . TRP A 1 126 ? 3.985   19.907  -3.042  1.00 5.67   ? 126 TRP A CE2 1 
ATOM   988  C  CE3 . TRP A 1 126 ? 3.220   18.356  -1.363  1.00 8.19   ? 126 TRP A CE3 1 
ATOM   989  C  CZ2 . TRP A 1 126 ? 3.016   19.486  -3.933  1.00 10.86  ? 126 TRP A CZ2 1 
ATOM   990  C  CZ3 . TRP A 1 126 ? 2.154   18.061  -2.216  1.00 6.89   ? 126 TRP A CZ3 1 
ATOM   991  C  CH2 . TRP A 1 126 ? 2.095   18.570  -3.497  1.00 12.85  ? 126 TRP A CH2 1 
ATOM   992  N  N   . ASP A 1 127 ? 6.368   20.515  3.302   1.00 8.42   ? 127 ASP A N   1 
ATOM   993  C  CA  . ASP A 1 127 ? 7.070   20.283  4.513   1.00 4.99   ? 127 ASP A CA  1 
ATOM   994  C  C   . ASP A 1 127 ? 6.083   20.139  5.624   1.00 10.92  ? 127 ASP A C   1 
ATOM   995  O  O   . ASP A 1 127 ? 6.161   19.256  6.482   1.00 16.25  ? 127 ASP A O   1 
ATOM   996  C  CB  . ASP A 1 127 ? 8.064   21.414  4.651   1.00 16.22  ? 127 ASP A CB  1 
ATOM   997  C  CG  . ASP A 1 127 ? 9.224   21.382  3.699   1.00 17.43  ? 127 ASP A CG  1 
ATOM   998  O  OD1 . ASP A 1 127 ? 9.271   20.776  2.647   1.00 29.89  ? 127 ASP A OD1 1 
ATOM   999  O  OD2 . ASP A 1 127 ? 10.220  22.053  4.209   1.00 27.07  ? 127 ASP A OD2 1 
ATOM   1000 N  N   . GLU A 1 128 ? 5.059   20.965  5.595   1.00 13.73  ? 128 GLU A N   1 
ATOM   1001 C  CA  . GLU A 1 128 ? 4.067   20.840  6.624   1.00 11.41  ? 128 GLU A CA  1 
ATOM   1002 C  C   . GLU A 1 128 ? 3.397   19.497  6.620   1.00 14.71  ? 128 GLU A C   1 
ATOM   1003 O  O   . GLU A 1 128 ? 3.220   18.876  7.687   1.00 13.80  ? 128 GLU A O   1 
ATOM   1004 C  CB  . GLU A 1 128 ? 2.993   21.921  6.467   1.00 23.80  ? 128 GLU A CB  1 
ATOM   1005 C  CG  . GLU A 1 128 ? 3.523   23.283  6.941   1.00 23.63  ? 128 GLU A CG  1 
ATOM   1006 C  CD  . GLU A 1 128 ? 2.525   24.422  6.780   1.00 100.00 ? 128 GLU A CD  1 
ATOM   1007 O  OE1 . GLU A 1 128 ? 1.476   24.531  7.445   1.00 100.00 ? 128 GLU A OE1 1 
ATOM   1008 O  OE2 . GLU A 1 128 ? 2.943   25.283  5.861   1.00 100.00 ? 128 GLU A OE2 1 
ATOM   1009 N  N   . ALA A 1 129 ? 2.984   19.057  5.406   1.00 11.35  ? 129 ALA A N   1 
ATOM   1010 C  CA  . ALA A 1 129 ? 2.321   17.746  5.331   1.00 7.48   ? 129 ALA A CA  1 
ATOM   1011 C  C   . ALA A 1 129 ? 3.206   16.579  5.855   1.00 7.87   ? 129 ALA A C   1 
ATOM   1012 O  O   . ALA A 1 129 ? 2.721   15.648  6.507   1.00 9.80   ? 129 ALA A O   1 
ATOM   1013 C  CB  . ALA A 1 129 ? 1.902   17.508  3.923   1.00 5.34   ? 129 ALA A CB  1 
ATOM   1014 N  N   . ALA A 1 130 ? 4.494   16.672  5.524   1.00 12.20  ? 130 ALA A N   1 
ATOM   1015 C  CA  . ALA A 1 130 ? 5.450   15.687  5.885   1.00 4.16   ? 130 ALA A CA  1 
ATOM   1016 C  C   . ALA A 1 130 ? 5.582   15.628  7.384   1.00 13.22  ? 130 ALA A C   1 
ATOM   1017 O  O   . ALA A 1 130 ? 5.612   14.569  7.933   1.00 12.09  ? 130 ALA A O   1 
ATOM   1018 C  CB  . ALA A 1 130 ? 6.788   16.049  5.274   1.00 6.02   ? 130 ALA A CB  1 
ATOM   1019 N  N   . VAL A 1 131 ? 5.609   16.731  8.078   1.00 9.06   ? 131 VAL A N   1 
ATOM   1020 C  CA  . VAL A 1 131 ? 5.616   16.645  9.537   1.00 7.74   ? 131 VAL A CA  1 
ATOM   1021 C  C   . VAL A 1 131 ? 4.307   16.046  10.087  1.00 15.89  ? 131 VAL A C   1 
ATOM   1022 O  O   . VAL A 1 131 ? 4.253   15.234  10.988  1.00 12.88  ? 131 VAL A O   1 
ATOM   1023 C  CB  . VAL A 1 131 ? 5.816   18.050  10.139  1.00 12.51  ? 131 VAL A CB  1 
ATOM   1024 C  CG1 . VAL A 1 131 ? 5.561   18.116  11.634  1.00 17.07  ? 131 VAL A CG1 1 
ATOM   1025 C  CG2 . VAL A 1 131 ? 7.273   18.470  10.037  1.00 13.72  ? 131 VAL A CG2 1 
ATOM   1026 N  N   . ASN A 1 132 ? 3.184   16.476  9.571   1.00 15.09  ? 132 ASN A N   1 
ATOM   1027 C  CA  . ASN A 1 132 ? 1.901   15.960  10.005  1.00 5.45   ? 132 ASN A CA  1 
ATOM   1028 C  C   . ASN A 1 132 ? 1.765   14.428  9.762   1.00 16.38  ? 132 ASN A C   1 
ATOM   1029 O  O   . ASN A 1 132 ? 1.361   13.578  10.583  1.00 9.52   ? 132 ASN A O   1 
ATOM   1030 C  CB  . ASN A 1 132 ? 0.773   16.698  9.249   1.00 8.19   ? 132 ASN A CB  1 
ATOM   1031 C  CG  . ASN A 1 132 ? -0.620  16.375  9.808   1.00 13.63  ? 132 ASN A CG  1 
ATOM   1032 O  OD1 . ASN A 1 132 ? -1.403  15.501  9.358   1.00 11.82  ? 132 ASN A OD1 1 
ATOM   1033 N  ND2 . ASN A 1 132 ? -0.874  17.018  10.903  1.00 15.15  ? 132 ASN A ND2 1 
ATOM   1034 N  N   . LEU A 1 133 ? 2.199   14.016  8.613   1.00 10.90  ? 133 LEU A N   1 
ATOM   1035 C  CA  . LEU A 1 133 ? 2.079   12.581  8.348   1.00 14.03  ? 133 LEU A CA  1 
ATOM   1036 C  C   . LEU A 1 133 ? 2.893   11.700  9.347   1.00 1.73   ? 133 LEU A C   1 
ATOM   1037 O  O   . LEU A 1 133 ? 2.570   10.559  9.709   1.00 12.88  ? 133 LEU A O   1 
ATOM   1038 C  CB  . LEU A 1 133 ? 2.607   12.260  6.876   1.00 12.73  ? 133 LEU A CB  1 
ATOM   1039 C  CG  . LEU A 1 133 ? 1.722   12.621  5.640   1.00 10.28  ? 133 LEU A CG  1 
ATOM   1040 C  CD1 . LEU A 1 133 ? 2.698   12.712  4.422   1.00 10.03  ? 133 LEU A CD1 1 
ATOM   1041 C  CD2 . LEU A 1 133 ? 0.539   11.665  5.525   1.00 11.27  ? 133 LEU A CD2 1 
ATOM   1042 N  N   . ALA A 1 134 ? 3.967   12.265  9.861   1.00 9.59   ? 134 ALA A N   1 
ATOM   1043 C  CA  . ALA A 1 134 ? 4.834   11.484  10.733  1.00 12.86  ? 134 ALA A CA  1 
ATOM   1044 C  C   . ALA A 1 134 ? 4.218   11.288  12.076  1.00 9.19   ? 134 ALA A C   1 
ATOM   1045 O  O   . ALA A 1 134 ? 4.586   10.410  12.842  1.00 11.96  ? 134 ALA A O   1 
ATOM   1046 C  CB  . ALA A 1 134 ? 6.225   12.092  10.786  1.00 15.68  ? 134 ALA A CB  1 
ATOM   1047 N  N   . LYS A 1 135 ? 3.281   12.127  12.372  1.00 14.11  ? 135 LYS A N   1 
ATOM   1048 C  CA  . LYS A 1 135 ? 2.585   12.049  13.653  1.00 12.96  ? 135 LYS A CA  1 
ATOM   1049 C  C   . LYS A 1 135 ? 1.456   11.015  13.579  1.00 7.74   ? 135 LYS A C   1 
ATOM   1050 O  O   . LYS A 1 135 ? 0.271   11.312  13.603  1.00 17.03  ? 135 LYS A O   1 
ATOM   1051 C  CB  . LYS A 1 135 ? 2.080   13.440  14.153  1.00 16.87  ? 135 LYS A CB  1 
ATOM   1052 C  CG  . LYS A 1 135 ? 3.156   14.575  14.243  1.00 20.64  ? 135 LYS A CG  1 
ATOM   1053 C  CD  . LYS A 1 135 ? 2.749   15.954  14.862  1.00 29.93  ? 135 LYS A CD  1 
ATOM   1054 C  CE  . LYS A 1 135 ? 2.007   16.983  13.995  1.00 100.00 ? 135 LYS A CE  1 
ATOM   1055 N  NZ  . LYS A 1 135 ? 1.217   18.024  14.697  1.00 51.82  ? 135 LYS A NZ  1 
ATOM   1056 N  N   . SER A 1 136 ? 1.832   9.773   13.454  1.00 5.65   ? 136 SER A N   1 
ATOM   1057 C  CA  . SER A 1 136 ? 0.805   8.791   13.302  1.00 9.76   ? 136 SER A CA  1 
ATOM   1058 C  C   . SER A 1 136 ? 1.351   7.431   13.711  1.00 9.61   ? 136 SER A C   1 
ATOM   1059 O  O   . SER A 1 136 ? 2.556   7.164   13.738  1.00 11.30  ? 136 SER A O   1 
ATOM   1060 C  CB  . SER A 1 136 ? 0.420   8.612   11.782  1.00 19.12  ? 136 SER A CB  1 
ATOM   1061 O  OG  . SER A 1 136 ? 1.632   8.322   11.024  1.00 11.76  ? 136 SER A OG  1 
ATOM   1062 N  N   . ARG A 1 137 ? 0.412   6.547   13.967  1.00 12.78  ? 137 ARG A N   1 
ATOM   1063 C  CA  . ARG A 1 137 ? 0.736   5.190   14.321  1.00 10.46  ? 137 ARG A CA  1 
ATOM   1064 C  C   . ARG A 1 137 ? 1.474   4.581   13.147  1.00 14.20  ? 137 ARG A C   1 
ATOM   1065 O  O   . ARG A 1 137 ? 2.383   3.814   13.366  1.00 7.77   ? 137 ARG A O   1 
ATOM   1066 C  CB  . ARG A 1 137 ? -0.535  4.391   14.634  1.00 13.61  ? 137 ARG A CB  1 
ATOM   1067 C  CG  . ARG A 1 137 ? -0.132  2.938   14.803  1.00 19.81  ? 137 ARG A CG  1 
ATOM   1068 C  CD  . ARG A 1 137 ? -1.362  2.056   14.882  1.00 15.10  ? 137 ARG A CD  1 
ATOM   1069 N  NE  . ARG A 1 137 ? -1.068  0.728   15.403  1.00 34.05  ? 137 ARG A NE  1 
ATOM   1070 C  CZ  . ARG A 1 137 ? -0.699  -0.331  14.689  1.00 37.53  ? 137 ARG A CZ  1 
ATOM   1071 N  NH1 . ARG A 1 137 ? -0.550  -0.285  13.370  1.00 20.16  ? 137 ARG A NH1 1 
ATOM   1072 N  NH2 . ARG A 1 137 ? -0.441  -1.476  15.324  1.00 51.22  ? 137 ARG A NH2 1 
ATOM   1073 N  N   . TRP A 1 138 ? 1.000   4.882   11.897  1.00 10.85  ? 138 TRP A N   1 
ATOM   1074 C  CA  . TRP A 1 138 ? 1.620   4.364   10.668  1.00 8.11   ? 138 TRP A CA  1 
ATOM   1075 C  C   . TRP A 1 138 ? 3.130   4.671   10.683  1.00 13.57  ? 138 TRP A C   1 
ATOM   1076 O  O   . TRP A 1 138 ? 3.967   3.781   10.504  1.00 15.27  ? 138 TRP A O   1 
ATOM   1077 C  CB  . TRP A 1 138 ? 1.170   5.149   9.419   1.00 15.62  ? 138 TRP A CB  1 
ATOM   1078 C  CG  . TRP A 1 138 ? 1.912   4.923   8.123   1.00 6.48   ? 138 TRP A CG  1 
ATOM   1079 C  CD1 . TRP A 1 138 ? 2.038   3.744   7.411   1.00 14.70  ? 138 TRP A CD1 1 
ATOM   1080 C  CD2 . TRP A 1 138 ? 2.322   5.951   7.281   1.00 5.60   ? 138 TRP A CD2 1 
ATOM   1081 N  NE1 . TRP A 1 138 ? 2.673   3.987   6.202   1.00 7.39   ? 138 TRP A NE1 1 
ATOM   1082 C  CE2 . TRP A 1 138 ? 2.825   5.366   6.084   1.00 6.65   ? 138 TRP A CE2 1 
ATOM   1083 C  CE3 . TRP A 1 138 ? 2.275   7.323   7.410   1.00 8.58   ? 138 TRP A CE3 1 
ATOM   1084 C  CZ2 . TRP A 1 138 ? 3.291   6.159   5.002   1.00 12.78  ? 138 TRP A CZ2 1 
ATOM   1085 C  CZ3 . TRP A 1 138 ? 2.824   8.099   6.390   1.00 25.86  ? 138 TRP A CZ3 1 
ATOM   1086 C  CH2 . TRP A 1 138 ? 3.356   7.522   5.206   1.00 26.97  ? 138 TRP A CH2 1 
ATOM   1087 N  N   . TYR A 1 139 ? 3.510   5.939   10.939  1.00 7.86   ? 139 TYR A N   1 
ATOM   1088 C  CA  . TYR A 1 139 ? 4.976   6.159   10.927  1.00 1.00   ? 139 TYR A CA  1 
ATOM   1089 C  C   . TYR A 1 139 ? 5.681   5.445   12.104  1.00 19.71  ? 139 TYR A C   1 
ATOM   1090 O  O   . TYR A 1 139 ? 6.803   4.957   11.935  1.00 17.33  ? 139 TYR A O   1 
ATOM   1091 C  CB  . TYR A 1 139 ? 5.208   7.628   11.327  1.00 8.64   ? 139 TYR A CB  1 
ATOM   1092 C  CG  . TYR A 1 139 ? 6.635   8.104   11.417  1.00 15.41  ? 139 TYR A CG  1 
ATOM   1093 C  CD1 . TYR A 1 139 ? 7.376   8.495   10.301  1.00 25.89  ? 139 TYR A CD1 1 
ATOM   1094 C  CD2 . TYR A 1 139 ? 7.193   8.325   12.676  1.00 19.76  ? 139 TYR A CD2 1 
ATOM   1095 C  CE1 . TYR A 1 139 ? 8.666   9.016   10.396  1.00 33.59  ? 139 TYR A CE1 1 
ATOM   1096 C  CE2 . TYR A 1 139 ? 8.496   8.808   12.789  1.00 25.11  ? 139 TYR A CE2 1 
ATOM   1097 C  CZ  . TYR A 1 139 ? 9.229   9.180   11.662  1.00 53.18  ? 139 TYR A CZ  1 
ATOM   1098 O  OH  . TYR A 1 139 ? 10.498  9.682   11.811  1.00 100.00 ? 139 TYR A OH  1 
ATOM   1099 N  N   . ASN A 1 140 ? 5.062   5.420   13.349  1.00 13.16  ? 140 ASN A N   1 
ATOM   1100 C  CA  . ASN A 1 140 ? 5.686   4.738   14.498  1.00 6.77   ? 140 ASN A CA  1 
ATOM   1101 C  C   . ASN A 1 140 ? 5.768   3.230   14.337  1.00 10.43  ? 140 ASN A C   1 
ATOM   1102 O  O   . ASN A 1 140 ? 6.673   2.628   14.892  1.00 17.91  ? 140 ASN A O   1 
ATOM   1103 C  CB  . ASN A 1 140 ? 5.003   5.076   15.798  1.00 13.00  ? 140 ASN A CB  1 
ATOM   1104 C  CG  . ASN A 1 140 ? 5.259   6.518   16.078  1.00 22.34  ? 140 ASN A CG  1 
ATOM   1105 O  OD1 . ASN A 1 140 ? 4.460   7.405   15.716  1.00 19.52  ? 140 ASN A OD1 1 
ATOM   1106 N  ND2 . ASN A 1 140 ? 6.424   6.775   16.637  1.00 19.20  ? 140 ASN A ND2 1 
ATOM   1107 N  N   . GLN A 1 141 ? 4.801   2.595   13.672  1.00 11.02  ? 141 GLN A N   1 
ATOM   1108 C  CA  . GLN A 1 141 ? 4.887   1.146   13.483  1.00 10.74  ? 141 GLN A CA  1 
ATOM   1109 C  C   . GLN A 1 141 ? 5.811   0.727   12.350  1.00 15.50  ? 141 GLN A C   1 
ATOM   1110 O  O   . GLN A 1 141 ? 6.540   -0.279  12.422  1.00 15.28  ? 141 GLN A O   1 
ATOM   1111 C  CB  . GLN A 1 141 ? 3.536   0.526   13.197  1.00 17.26  ? 141 GLN A CB  1 
ATOM   1112 C  CG  . GLN A 1 141 ? 2.617   0.758   14.404  1.00 23.10  ? 141 GLN A CG  1 
ATOM   1113 C  CD  . GLN A 1 141 ? 3.184   0.214   15.714  1.00 71.35  ? 141 GLN A CD  1 
ATOM   1114 O  OE1 . GLN A 1 141 ? 3.226   0.857   16.775  1.00 21.84  ? 141 GLN A OE1 1 
ATOM   1115 N  NE2 . GLN A 1 141 ? 3.585   -1.037  15.676  1.00 16.16  ? 141 GLN A NE2 1 
ATOM   1116 N  N   . THR A 1 142 ? 5.828   1.482   11.270  1.00 6.26   ? 142 THR A N   1 
ATOM   1117 C  CA  . THR A 1 142 ? 6.728   1.109   10.167  1.00 1.73   ? 142 THR A CA  1 
ATOM   1118 C  C   . THR A 1 142 ? 7.468   2.328   9.652   1.00 18.24  ? 142 THR A C   1 
ATOM   1119 O  O   . THR A 1 142 ? 7.292   2.798   8.491   1.00 9.48   ? 142 THR A O   1 
ATOM   1120 C  CB  . THR A 1 142 ? 5.989   0.490   8.970   1.00 7.91   ? 142 THR A CB  1 
ATOM   1121 O  OG1 . THR A 1 142 ? 4.902   1.349   8.540   1.00 13.97  ? 142 THR A OG1 1 
ATOM   1122 C  CG2 . THR A 1 142 ? 5.292   -0.779  9.348   1.00 6.84   ? 142 THR A CG2 1 
ATOM   1123 N  N   . PRO A 1 143 ? 8.338   2.776   10.500  1.00 15.49  ? 143 PRO A N   1 
ATOM   1124 C  CA  . PRO A 1 143 ? 9.108   3.957   10.219  1.00 10.16  ? 143 PRO A CA  1 
ATOM   1125 C  C   . PRO A 1 143 ? 9.960   3.961   8.945   1.00 6.59   ? 143 PRO A C   1 
ATOM   1126 O  O   . PRO A 1 143 ? 10.109  5.002   8.248   1.00 8.84   ? 143 PRO A O   1 
ATOM   1127 C  CB  . PRO A 1 143 ? 9.981   4.115   11.505  1.00 11.27  ? 143 PRO A CB  1 
ATOM   1128 C  CG  . PRO A 1 143 ? 10.101  2.774   12.189  1.00 8.20   ? 143 PRO A CG  1 
ATOM   1129 C  CD  . PRO A 1 143 ? 8.792   2.114   11.767  1.00 12.13  ? 143 PRO A CD  1 
ATOM   1130 N  N   . ASN A 1 144 ? 10.656  2.870   8.669   1.00 1.32   ? 144 ASN A N   1 
ATOM   1131 C  CA  . ASN A 1 144 ? 11.550  2.974   7.524   1.00 6.60   ? 144 ASN A CA  1 
ATOM   1132 C  C   . ASN A 1 144 ? 10.767  3.166   6.226   1.00 17.89  ? 144 ASN A C   1 
ATOM   1133 O  O   . ASN A 1 144 ? 11.144  3.897   5.356   1.00 11.41  ? 144 ASN A O   1 
ATOM   1134 C  CB  . ASN A 1 144 ? 12.274  1.626   7.366   1.00 8.86   ? 144 ASN A CB  1 
ATOM   1135 C  CG  . ASN A 1 144 ? 13.393  1.433   8.415   1.00 66.22  ? 144 ASN A CG  1 
ATOM   1136 O  OD1 . ASN A 1 144 ? 13.881  2.362   9.048   1.00 26.22  ? 144 ASN A OD1 1 
ATOM   1137 N  ND2 . ASN A 1 144 ? 13.890  0.221   8.627   1.00 25.15  ? 144 ASN A ND2 1 
ATOM   1138 N  N   . ARG A 1 145 ? 9.678   2.422   6.107   1.00 9.95   ? 145 ARG A N   1 
ATOM   1139 C  CA  . ARG A 1 145 ? 8.796   2.513   4.921   1.00 4.35   ? 145 ARG A CA  1 
ATOM   1140 C  C   . ARG A 1 145 ? 8.095   3.873   4.883   1.00 7.67   ? 145 ARG A C   1 
ATOM   1141 O  O   . ARG A 1 145 ? 8.084   4.643   3.902   1.00 10.99  ? 145 ARG A O   1 
ATOM   1142 C  CB  . ARG A 1 145 ? 7.642   1.479   4.913   1.00 16.55  ? 145 ARG A CB  1 
ATOM   1143 C  CG  . ARG A 1 145 ? 7.062   1.190   3.484   1.00 11.94  ? 145 ARG A CG  1 
ATOM   1144 C  CD  . ARG A 1 145 ? 5.664   0.676   3.498   1.00 19.27  ? 145 ARG A CD  1 
ATOM   1145 N  NE  . ARG A 1 145 ? 4.896   0.844   2.277   1.00 12.14  ? 145 ARG A NE  1 
ATOM   1146 C  CZ  . ARG A 1 145 ? 4.228   -0.233  1.912   1.00 12.73  ? 145 ARG A CZ  1 
ATOM   1147 N  NH1 . ARG A 1 145 ? 4.381   -1.337  2.603   1.00 13.00  ? 145 ARG A NH1 1 
ATOM   1148 N  NH2 . ARG A 1 145 ? 3.440   -0.244  0.867   1.00 8.23   ? 145 ARG A NH2 1 
ATOM   1149 N  N   . ALA A 1 146 ? 7.484   4.170   6.004   1.00 8.67   ? 146 ALA A N   1 
ATOM   1150 C  CA  . ALA A 1 146 ? 6.806   5.468   6.101   1.00 7.21   ? 146 ALA A CA  1 
ATOM   1151 C  C   . ALA A 1 146 ? 7.777   6.590   5.770   1.00 13.81  ? 146 ALA A C   1 
ATOM   1152 O  O   . ALA A 1 146 ? 7.338   7.514   5.104   1.00 13.41  ? 146 ALA A O   1 
ATOM   1153 C  CB  . ALA A 1 146 ? 6.137   5.730   7.433   1.00 9.85   ? 146 ALA A CB  1 
ATOM   1154 N  N   . LYS A 1 147 ? 9.065   6.517   6.191   1.00 17.52  ? 147 LYS A N   1 
ATOM   1155 C  CA  . LYS A 1 147 ? 9.991   7.598   5.861   1.00 9.36   ? 147 LYS A CA  1 
ATOM   1156 C  C   . LYS A 1 147 ? 10.144  7.791   4.324   1.00 10.01  ? 147 LYS A C   1 
ATOM   1157 O  O   . LYS A 1 147 ? 10.218  8.916   3.783   1.00 16.90  ? 147 LYS A O   1 
ATOM   1158 C  CB  . LYS A 1 147 ? 11.421  7.412   6.406   1.00 10.65  ? 147 LYS A CB  1 
ATOM   1159 C  CG  . LYS A 1 147 ? 11.462  7.583   7.901   1.00 27.87  ? 147 LYS A CG  1 
ATOM   1160 C  CD  . LYS A 1 147 ? 12.767  7.249   8.594   1.00 34.13  ? 147 LYS A CD  1 
ATOM   1161 C  CE  . LYS A 1 147 ? 12.587  6.712   10.039  1.00 100.00 ? 147 LYS A CE  1 
ATOM   1162 N  NZ  . LYS A 1 147 ? 13.237  5.413   10.394  1.00 56.41  ? 147 LYS A NZ  1 
ATOM   1163 N  N   . ARG A 1 148 ? 10.206  6.678   3.619   1.00 9.34   ? 148 ARG A N   1 
ATOM   1164 C  CA  . ARG A 1 148 ? 10.342  6.662   2.172   1.00 2.38   ? 148 ARG A CA  1 
ATOM   1165 C  C   . ARG A 1 148 ? 9.150   7.272   1.504   1.00 6.28   ? 148 ARG A C   1 
ATOM   1166 O  O   . ARG A 1 148 ? 9.361   8.092   0.605   1.00 11.69  ? 148 ARG A O   1 
ATOM   1167 C  CB  . ARG A 1 148 ? 10.519  5.283   1.538   1.00 6.93   ? 148 ARG A CB  1 
ATOM   1168 C  CG  . ARG A 1 148 ? 11.822  4.625   1.981   1.00 11.36  ? 148 ARG A CG  1 
ATOM   1169 C  CD  . ARG A 1 148 ? 12.305  3.507   1.115   1.00 11.55  ? 148 ARG A CD  1 
ATOM   1170 N  NE  . ARG A 1 148 ? 11.481  2.312   1.376   1.00 12.08  ? 148 ARG A NE  1 
ATOM   1171 C  CZ  . ARG A 1 148 ? 11.733  1.446   2.365   1.00 17.81  ? 148 ARG A CZ  1 
ATOM   1172 N  NH1 . ARG A 1 148 ? 12.722  1.598   3.245   1.00 12.41  ? 148 ARG A NH1 1 
ATOM   1173 N  NH2 . ARG A 1 148 ? 10.953  0.408   2.549   1.00 17.13  ? 148 ARG A NH2 1 
ATOM   1174 N  N   . VAL A 1 149 ? 7.963   6.916   1.958   1.00 3.52   ? 149 VAL A N   1 
ATOM   1175 C  CA  . VAL A 1 149 ? 6.730   7.477   1.317   1.00 8.43   ? 149 VAL A CA  1 
ATOM   1176 C  C   . VAL A 1 149 ? 6.591   8.974   1.570   1.00 10.62  ? 149 VAL A C   1 
ATOM   1177 O  O   . VAL A 1 149 ? 6.277   9.750   0.681   1.00 10.24  ? 149 VAL A O   1 
ATOM   1178 C  CB  . VAL A 1 149 ? 5.456   6.794   1.778   1.00 11.53  ? 149 VAL A CB  1 
ATOM   1179 C  CG1 . VAL A 1 149 ? 4.153   7.444   1.215   1.00 1.45   ? 149 VAL A CG1 1 
ATOM   1180 C  CG2 . VAL A 1 149 ? 5.536   5.337   1.323   1.00 8.81   ? 149 VAL A CG2 1 
ATOM   1181 N  N   . ILE A 1 150 ? 6.880   9.348   2.843   1.00 13.06  ? 150 ILE A N   1 
ATOM   1182 C  CA  . ILE A 1 150 ? 6.881   10.737  3.310   1.00 5.61   ? 150 ILE A CA  1 
ATOM   1183 C  C   . ILE A 1 150 ? 7.847   11.589  2.512   1.00 13.47  ? 150 ILE A C   1 
ATOM   1184 O  O   . ILE A 1 150 ? 7.535   12.709  2.145   1.00 8.89   ? 150 ILE A O   1 
ATOM   1185 C  CB  . ILE A 1 150 ? 7.040   10.917  4.849   1.00 10.55  ? 150 ILE A CB  1 
ATOM   1186 C  CG1 . ILE A 1 150 ? 5.829   10.302  5.578   1.00 7.56   ? 150 ILE A CG1 1 
ATOM   1187 C  CG2 . ILE A 1 150 ? 7.223   12.394  5.239   1.00 12.49  ? 150 ILE A CG2 1 
ATOM   1188 C  CD1 . ILE A 1 150 ? 5.970   10.387  7.068   1.00 11.81  ? 150 ILE A CD1 1 
ATOM   1189 N  N   . THR A 1 151 ? 9.040   11.080  2.287   1.00 2.40   ? 151 THR A N   1 
ATOM   1190 C  CA  . THR A 1 151 ? 9.974   11.845  1.489   1.00 12.81  ? 151 THR A CA  1 
ATOM   1191 C  C   . THR A 1 151 ? 9.524   12.004  0.057   1.00 11.82  ? 151 THR A C   1 
ATOM   1192 O  O   . THR A 1 151 ? 9.878   12.987  -0.627  1.00 11.59  ? 151 THR A O   1 
ATOM   1193 C  CB  . THR A 1 151 ? 11.284  11.079  1.315   1.00 17.48  ? 151 THR A CB  1 
ATOM   1194 O  OG1 . THR A 1 151 ? 11.863  11.134  2.607   1.00 31.35  ? 151 THR A OG1 1 
ATOM   1195 C  CG2 . THR A 1 151 ? 12.233  11.584  0.202   1.00 20.27  ? 151 THR A CG2 1 
ATOM   1196 N  N   . THR A 1 152 ? 8.860   10.935  -0.362  1.00 13.29  ? 152 THR A N   1 
ATOM   1197 C  CA  . THR A 1 152 ? 8.298   10.959  -1.691  1.00 18.48  ? 152 THR A CA  1 
ATOM   1198 C  C   . THR A 1 152 ? 7.235   12.089  -1.754  1.00 20.80  ? 152 THR A C   1 
ATOM   1199 O  O   . THR A 1 152 ? 7.154   12.916  -2.694  1.00 10.04  ? 152 THR A O   1 
ATOM   1200 C  CB  . THR A 1 152 ? 7.808   9.568   -2.106  1.00 3.78   ? 152 THR A CB  1 
ATOM   1201 O  OG1 . THR A 1 152 ? 8.870   8.653   -2.060  1.00 6.00   ? 152 THR A OG1 1 
ATOM   1202 C  CG2 . THR A 1 152 ? 7.387   9.713   -3.577  1.00 6.80   ? 152 THR A CG2 1 
ATOM   1203 N  N   . PHE A 1 153 ? 6.364   12.134  -0.779  1.00 4.89   ? 153 PHE A N   1 
ATOM   1204 C  CA  . PHE A 1 153 ? 5.399   13.234  -0.865  1.00 10.88  ? 153 PHE A CA  1 
ATOM   1205 C  C   . PHE A 1 153 ? 6.038   14.627  -0.679  1.00 30.72  ? 153 PHE A C   1 
ATOM   1206 O  O   . PHE A 1 153 ? 5.610   15.641  -1.264  1.00 10.99  ? 153 PHE A O   1 
ATOM   1207 C  CB  . PHE A 1 153 ? 4.430   13.144  0.323   1.00 6.19   ? 153 PHE A CB  1 
ATOM   1208 C  CG  . PHE A 1 153 ? 3.279   12.187  0.164   1.00 15.76  ? 153 PHE A CG  1 
ATOM   1209 C  CD1 . PHE A 1 153 ? 3.130   11.146  1.084   1.00 12.78  ? 153 PHE A CD1 1 
ATOM   1210 C  CD2 . PHE A 1 153 ? 2.322   12.317  -0.864  1.00 10.81  ? 153 PHE A CD2 1 
ATOM   1211 C  CE1 . PHE A 1 153 ? 2.039   10.267  0.997   1.00 11.57  ? 153 PHE A CE1 1 
ATOM   1212 C  CE2 . PHE A 1 153 ? 1.211   11.459  -0.934  1.00 9.66   ? 153 PHE A CE2 1 
ATOM   1213 C  CZ  . PHE A 1 153 ? 1.077   10.408  -0.013  1.00 15.11  ? 153 PHE A CZ  1 
ATOM   1214 N  N   . ARG A 1 154 ? 7.066   14.694  0.189   1.00 9.86   ? 154 ARG A N   1 
ATOM   1215 C  CA  . ARG A 1 154 ? 7.711   15.955  0.488   1.00 14.95  ? 154 ARG A CA  1 
ATOM   1216 C  C   . ARG A 1 154 ? 8.472   16.551  -0.674  1.00 16.32  ? 154 ARG A C   1 
ATOM   1217 O  O   . ARG A 1 154 ? 8.403   17.759  -0.912  1.00 21.57  ? 154 ARG A O   1 
ATOM   1218 C  CB  . ARG A 1 154 ? 8.752   15.870  1.613   1.00 19.65  ? 154 ARG A CB  1 
ATOM   1219 C  CG  . ARG A 1 154 ? 9.210   17.236  2.152   1.00 14.45  ? 154 ARG A CG  1 
ATOM   1220 C  CD  . ARG A 1 154 ? 10.314  17.072  3.200   1.00 14.15  ? 154 ARG A CD  1 
ATOM   1221 N  NE  . ARG A 1 154 ? 9.742   17.154  4.541   1.00 100.00 ? 154 ARG A NE  1 
ATOM   1222 C  CZ  . ARG A 1 154 ? 9.892   18.183  5.407   1.00 100.00 ? 154 ARG A CZ  1 
ATOM   1223 N  NH1 . ARG A 1 154 ? 10.708  19.204  5.147   1.00 100.00 ? 154 ARG A NH1 1 
ATOM   1224 N  NH2 . ARG A 1 154 ? 9.280   18.116  6.610   1.00 100.00 ? 154 ARG A NH2 1 
ATOM   1225 N  N   . THR A 1 155 ? 9.134   15.683  -1.419  1.00 12.42  ? 155 THR A N   1 
ATOM   1226 C  CA  . THR A 1 155 ? 9.964   16.140  -2.535  1.00 10.47  ? 155 THR A CA  1 
ATOM   1227 C  C   . THR A 1 155 ? 9.420   15.963  -3.929  1.00 18.57  ? 155 THR A C   1 
ATOM   1228 O  O   . THR A 1 155 ? 9.926   16.541  -4.844  1.00 19.31  ? 155 THR A O   1 
ATOM   1229 C  CB  . THR A 1 155 ? 11.345  15.442  -2.653  1.00 15.90  ? 155 THR A CB  1 
ATOM   1230 O  OG1 . THR A 1 155 ? 11.277  14.053  -2.777  1.00 12.34  ? 155 THR A OG1 1 
ATOM   1231 C  CG2 . THR A 1 155 ? 12.133  15.678  -1.410  1.00 11.92  ? 155 THR A CG2 1 
ATOM   1232 N  N   . GLY A 1 156 ? 8.454   15.121  -4.153  1.00 16.17  ? 156 GLY A N   1 
ATOM   1233 C  CA  . GLY A 1 156 ? 8.069   14.875  -5.501  1.00 10.87  ? 156 GLY A CA  1 
ATOM   1234 C  C   . GLY A 1 156 ? 9.185   14.194  -6.343  1.00 17.59  ? 156 GLY A C   1 
ATOM   1235 O  O   . GLY A 1 156 ? 9.172   14.236  -7.563  1.00 12.07  ? 156 GLY A O   1 
ATOM   1236 N  N   . THR A 1 157 ? 10.198  13.527  -5.786  1.00 4.42   ? 157 THR A N   1 
ATOM   1237 C  CA  . THR A 1 157 ? 11.210  12.843  -6.590  1.00 6.25   ? 157 THR A CA  1 
ATOM   1238 C  C   . THR A 1 157 ? 11.340  11.405  -6.058  1.00 9.54   ? 157 THR A C   1 
ATOM   1239 O  O   . THR A 1 157 ? 10.678  11.061  -5.073  1.00 9.91   ? 157 THR A O   1 
ATOM   1240 C  CB  . THR A 1 157 ? 12.620  13.379  -6.234  1.00 18.38  ? 157 THR A CB  1 
ATOM   1241 O  OG1 . THR A 1 157 ? 12.898  12.952  -4.909  1.00 14.04  ? 157 THR A OG1 1 
ATOM   1242 C  CG2 . THR A 1 157 ? 12.789  14.883  -6.353  1.00 17.06  ? 157 THR A CG2 1 
ATOM   1243 N  N   . TRP A 1 158 ? 12.075  10.524  -6.718  1.00 9.48   ? 158 TRP A N   1 
ATOM   1244 C  CA  . TRP A 1 158 ? 12.260  9.167   -6.243  1.00 8.31   ? 158 TRP A CA  1 
ATOM   1245 C  C   . TRP A 1 158 ? 13.513  8.992   -5.409  1.00 21.13  ? 158 TRP A C   1 
ATOM   1246 O  O   . TRP A 1 158 ? 13.998  7.924   -5.229  1.00 10.70  ? 158 TRP A O   1 
ATOM   1247 C  CB  . TRP A 1 158 ? 12.551  8.220   -7.404  1.00 13.81  ? 158 TRP A CB  1 
ATOM   1248 C  CG  . TRP A 1 158 ? 11.283  8.081   -8.164  1.00 14.81  ? 158 TRP A CG  1 
ATOM   1249 C  CD1 . TRP A 1 158 ? 11.101  8.638   -9.374  1.00 14.20  ? 158 TRP A CD1 1 
ATOM   1250 C  CD2 . TRP A 1 158 ? 9.994   7.416   -7.817  1.00 22.22  ? 158 TRP A CD2 1 
ATOM   1251 N  NE1 . TRP A 1 158 ? 9.817   8.417   -9.795  1.00 14.36  ? 158 TRP A NE1 1 
ATOM   1252 C  CE2 . TRP A 1 158 ? 9.111   7.610   -8.898  1.00 11.33  ? 158 TRP A CE2 1 
ATOM   1253 C  CE3 . TRP A 1 158 ? 9.480   6.659   -6.773  1.00 9.84   ? 158 TRP A CE3 1 
ATOM   1254 C  CZ2 . TRP A 1 158 ? 7.796   7.052   -8.967  1.00 13.05  ? 158 TRP A CZ2 1 
ATOM   1255 C  CZ3 . TRP A 1 158 ? 8.192   6.081   -6.851  1.00 15.08  ? 158 TRP A CZ3 1 
ATOM   1256 C  CH2 . TRP A 1 158 ? 7.319   6.309   -7.888  1.00 12.40  ? 158 TRP A CH2 1 
ATOM   1257 N  N   . ASP A 1 159 ? 14.060  10.056  -4.904  1.00 14.18  ? 159 ASP A N   1 
ATOM   1258 C  CA  . ASP A 1 159 ? 15.305  9.905   -4.157  1.00 13.09  ? 159 ASP A CA  1 
ATOM   1259 C  C   . ASP A 1 159 ? 15.344  8.877   -3.021  1.00 21.69  ? 159 ASP A C   1 
ATOM   1260 O  O   . ASP A 1 159 ? 16.336  8.209   -2.772  1.00 16.75  ? 159 ASP A O   1 
ATOM   1261 C  CB  . ASP A 1 159 ? 15.862  11.311  -3.763  1.00 22.30  ? 159 ASP A CB  1 
ATOM   1262 C  CG  . ASP A 1 159 ? 16.059  12.372  -4.889  1.00 31.35  ? 159 ASP A CG  1 
ATOM   1263 O  OD1 . ASP A 1 159 ? 16.395  12.116  -6.049  1.00 47.93  ? 159 ASP A OD1 1 
ATOM   1264 O  OD2 . ASP A 1 159 ? 15.800  13.608  -4.476  1.00 76.54  ? 159 ASP A OD2 1 
ATOM   1265 N  N   . ALA A 1 160 ? 14.249  8.670   -2.337  1.00 12.10  ? 160 ALA A N   1 
ATOM   1266 C  CA  . ALA A 1 160 ? 14.254  7.743   -1.221  1.00 13.36  ? 160 ALA A CA  1 
ATOM   1267 C  C   . ALA A 1 160 ? 14.257  6.320   -1.720  1.00 19.53  ? 160 ALA A C   1 
ATOM   1268 O  O   . ALA A 1 160 ? 14.539  5.417   -0.972  1.00 18.31  ? 160 ALA A O   1 
ATOM   1269 C  CB  . ALA A 1 160 ? 13.024  8.029   -0.301  1.00 10.61  ? 160 ALA A CB  1 
ATOM   1270 N  N   . TYR A 1 161 ? 13.965  6.131   -2.993  1.00 17.96  ? 161 TYR A N   1 
ATOM   1271 C  CA  . TYR A 1 161 ? 13.979  4.798   -3.522  1.00 12.91  ? 161 TYR A CA  1 
ATOM   1272 C  C   . TYR A 1 161 ? 15.255  4.544   -4.279  1.00 28.20  ? 161 TYR A C   1 
ATOM   1273 O  O   . TYR A 1 161 ? 15.435  3.426   -4.743  1.00 24.71  ? 161 TYR A O   1 
ATOM   1274 C  CB  . TYR A 1 161 ? 12.722  4.562   -4.349  1.00 7.28   ? 161 TYR A CB  1 
ATOM   1275 C  CG  . TYR A 1 161 ? 11.548  4.329   -3.421  1.00 11.57  ? 161 TYR A CG  1 
ATOM   1276 C  CD1 . TYR A 1 161 ? 10.914  5.480   -2.951  1.00 5.90   ? 161 TYR A CD1 1 
ATOM   1277 C  CD2 . TYR A 1 161 ? 11.155  3.061   -2.985  1.00 5.98   ? 161 TYR A CD2 1 
ATOM   1278 C  CE1 . TYR A 1 161 ? 9.798   5.384   -2.130  1.00 8.51   ? 161 TYR A CE1 1 
ATOM   1279 C  CE2 . TYR A 1 161 ? 10.073  2.938   -2.121  1.00 5.29   ? 161 TYR A CE2 1 
ATOM   1280 C  CZ  . TYR A 1 161 ? 9.395   4.107   -1.733  1.00 8.63   ? 161 TYR A CZ  1 
ATOM   1281 O  OH  . TYR A 1 161 ? 8.346   4.029   -0.809  1.00 11.88  ? 161 TYR A OH  1 
ATOM   1282 N  N   . LYS A 1 162 ? 16.117  5.574   -4.336  1.00 52.90  ? 162 LYS A N   1 
ATOM   1283 C  CA  . LYS A 1 162 ? 17.447  5.619   -4.958  1.00 33.39  ? 162 LYS A CA  1 
ATOM   1284 C  C   . LYS A 1 162 ? 17.334  5.520   -6.477  1.00 100.00 ? 162 LYS A C   1 
ATOM   1285 O  O   . LYS A 1 162 ? 16.716  6.376   -7.138  1.00 67.37  ? 162 LYS A O   1 
ATOM   1286 C  CB  . LYS A 1 162 ? 18.471  4.950   -4.056  1.00 35.11  ? 162 LYS A CB  1 
ATOM   1287 C  CG  . LYS A 1 162 ? 19.110  3.726   -4.686  1.00 24.99  ? 162 LYS A CG  1 
ATOM   1288 C  CD  . LYS A 1 162 ? 19.775  2.905   -3.569  1.00 74.83  ? 162 LYS A CD  1 
ATOM   1289 C  CE  . LYS A 1 162 ? 19.172  1.516   -3.308  1.00 71.03  ? 162 LYS A CE  1 
ATOM   1290 N  NZ  . LYS A 1 162 ? 18.141  1.490   -2.249  1.00 100.00 ? 162 LYS A NZ  1 
HETATM 1291 CL CL  . CL  B 2 .   ? 9.278   -0.048  7.922   1.00 33.64  ? 173 CL  A CL  1 
HETATM 1292 CL CL  . CL  C 2 .   ? -8.099  -13.053 -7.276  1.00 41.39  ? 178 CL  A CL  1 
HETATM 1293 C  C1  . BME D 3 .   ? -8.017  1.239   -13.717 1.00 25.40  ? 169 BME A C1  1 
HETATM 1294 C  C2  . BME D 3 .   ? -6.989  2.039   -12.871 1.00 69.98  ? 169 BME A C2  1 
HETATM 1295 O  O1  . BME D 3 .   ? -7.509  0.006   -14.208 1.00 37.50  ? 169 BME A O1  1 
HETATM 1296 S  S2  . BME D 3 .   ? -7.696  3.601   -12.229 1.00 71.86  ? 169 BME A S2  1 
HETATM 1297 C  C1  . BME E 3 .   ? 0.148   5.113   -12.638 1.00 18.19  ? 170 BME A C1  1 
HETATM 1298 C  C2  . BME E 3 .   ? -1.367  4.891   -12.808 1.00 62.39  ? 170 BME A C2  1 
HETATM 1299 O  O1  . BME E 3 .   ? 0.522   5.469   -11.275 1.00 30.65  ? 170 BME A O1  1 
HETATM 1300 S  S2  . BME E 3 .   ? -1.760  3.172   -12.467 1.00 64.49  ? 170 BME A S2  1 
HETATM 1301 C  C4  A 5AN F 4 .   ? -5.114  9.971   -2.186  0.60 24.07  ? 401 5AN A C4  1 
HETATM 1302 C  C4  B 5AN F 4 .   ? -4.462  11.285  -2.039  0.40 17.61  ? 401 5AN A C4  1 
HETATM 1303 C  C5  A 5AN F 4 .   ? -4.860  8.917   -1.309  0.60 20.51  ? 401 5AN A C5  1 
HETATM 1304 C  C5  B 5AN F 4 .   ? -5.009  10.001  -2.081  0.40 16.63  ? 401 5AN A C5  1 
HETATM 1305 C  C3  A 5AN F 4 .   ? -4.398  11.159  -2.038  0.60 16.17  ? 401 5AN A C3  1 
HETATM 1306 C  C3  B 5AN F 4 .   ? -3.504  11.604  -1.081  0.40 25.34  ? 401 5AN A C3  1 
HETATM 1307 C  C6  A 5AN F 4 .   ? -3.915  9.069   -0.301  0.60 44.86  ? 401 5AN A C6  1 
HETATM 1308 C  C6  B 5AN F 4 .   ? -4.586  9.054   -1.142  0.40 13.33  ? 401 5AN A C6  1 
HETATM 1309 C  C2  A 5AN F 4 .   ? -3.440  11.299  -1.034  0.60 24.32  ? 401 5AN A C2  1 
HETATM 1310 C  C2  B 5AN F 4 .   ? -3.096  10.656  -0.146  0.40 19.47  ? 401 5AN A C2  1 
HETATM 1311 C  C1  A 5AN F 4 .   ? -3.197  10.252  -0.146  0.60 22.55  ? 401 5AN A C1  1 
HETATM 1312 C  C1  B 5AN F 4 .   ? -3.636  9.371   -0.162  0.40 2.06   ? 401 5AN A C1  1 
HETATM 1313 N  N   A 5AN F 4 .   ? -2.219  10.347  0.814   0.60 24.54  ? 401 5AN A N   1 
HETATM 1314 N  N   B 5AN F 4 .   ? -3.189  8.477   0.789   0.40 17.97  ? 401 5AN A N   1 
HETATM 1315 F  F5  A 5AN F 4 .   ? -5.512  7.806   -1.362  0.60 42.99  ? 401 5AN A F5  1 
HETATM 1316 F  F5  B 5AN F 4 .   ? -5.885  9.684   -3.060  0.40 22.07  ? 401 5AN A F5  1 
HETATM 1317 F  F3  A 5AN F 4 .   ? -4.563  12.156  -2.847  0.60 44.16  ? 401 5AN A F3  1 
HETATM 1318 F  F3  B 5AN F 4 .   ? -3.044  12.828  -1.023  0.40 23.28  ? 401 5AN A F3  1 
HETATM 1319 O  O   . HOH G 5 .   ? -0.225  -8.121  -4.261  1.00 9.28   ? 171 HOH A O   1 
HETATM 1320 O  O   . HOH G 5 .   ? 2.129   0.878   9.837   1.00 38.77  ? 172 HOH A O   1 
HETATM 1321 O  O   . HOH G 5 .   ? 7.207   -2.391  14.011  1.00 16.62  ? 174 HOH A O   1 
HETATM 1322 O  O   . HOH G 5 .   ? 11.499  9.469   -2.628  1.00 21.19  ? 175 HOH A O   1 
HETATM 1323 O  O   . HOH G 5 .   ? -3.772  -22.857 -0.089  1.00 13.31  ? 176 HOH A O   1 
HETATM 1324 O  O   . HOH G 5 .   ? -7.707  -10.824 -13.481 1.00 22.45  ? 177 HOH A O   1 
HETATM 1325 O  O   . HOH G 5 .   ? 0.970   -10.563 -4.908  1.00 8.43   ? 179 HOH A O   1 
HETATM 1326 O  O   . HOH G 5 .   ? 13.519  4.917   5.365   1.00 19.48  ? 180 HOH A O   1 
HETATM 1327 O  O   . HOH G 5 .   ? -0.857  16.079  -12.247 1.00 21.59  ? 181 HOH A O   1 
HETATM 1328 O  O   . HOH G 5 .   ? -6.239  -8.968  -5.901  1.00 25.03  ? 182 HOH A O   1 
HETATM 1329 O  O   . HOH G 5 .   ? -7.767  -13.854 -11.074 1.00 26.81  ? 183 HOH A O   1 
HETATM 1330 O  O   . HOH G 5 .   ? -6.737  -4.959  -13.224 1.00 37.74  ? 185 HOH A O   1 
HETATM 1331 O  O   . HOH G 5 .   ? 2.681   -7.186  -11.476 1.00 23.27  ? 186 HOH A O   1 
HETATM 1332 O  O   . HOH G 5 .   ? 11.143  2.620   -14.341 1.00 35.04  ? 187 HOH A O   1 
HETATM 1333 O  O   . HOH G 5 .   ? -4.120  -13.270 9.722   1.00 22.88  ? 190 HOH A O   1 
HETATM 1334 O  O   . HOH G 5 .   ? -2.950  -13.803 12.417  1.00 35.07  ? 191 HOH A O   1 
HETATM 1335 O  O   . HOH G 5 .   ? -8.380  18.456  -7.575  1.00 20.51  ? 193 HOH A O   1 
HETATM 1336 O  O   . HOH G 5 .   ? 3.950   4.637   -11.642 1.00 17.17  ? 195 HOH A O   1 
HETATM 1337 O  O   . HOH G 5 .   ? 1.156   -24.572 -5.035  1.00 38.75  ? 196 HOH A O   1 
HETATM 1338 O  O   . HOH G 5 .   ? -13.124 -19.193 1.614   1.00 23.93  ? 198 HOH A O   1 
HETATM 1339 O  O   . HOH G 5 .   ? 1.467   8.070   -11.939 1.00 21.76  ? 199 HOH A O   1 
HETATM 1340 O  O   . HOH G 5 .   ? -7.691  -12.429 -1.614  1.00 27.81  ? 200 HOH A O   1 
HETATM 1341 O  O   . HOH G 5 .   ? -7.719  -5.705  -11.341 1.00 48.11  ? 201 HOH A O   1 
HETATM 1342 O  O   . HOH G 5 .   ? -0.628  -7.614  4.260   1.00 23.79  ? 203 HOH A O   1 
HETATM 1343 O  O   . HOH G 5 .   ? 1.926   -6.643  3.552   1.00 30.06  ? 204 HOH A O   1 
HETATM 1344 O  O   . HOH G 5 .   ? 5.734   -2.137  5.217   1.00 36.90  ? 207 HOH A O   1 
HETATM 1345 O  O   . HOH G 5 .   ? 2.828   3.294   2.684   1.00 6.18   ? 208 HOH A O   1 
HETATM 1346 O  O   . HOH G 5 .   ? 7.359   15.713  -9.236  1.00 34.16  ? 210 HOH A O   1 
HETATM 1347 O  O   . HOH G 5 .   ? 14.756  3.330   3.176   1.00 26.04  ? 211 HOH A O   1 
HETATM 1348 O  O   . HOH G 5 .   ? -1.553  18.831  -4.435  1.00 10.67  ? 213 HOH A O   1 
HETATM 1349 O  O   . HOH G 5 .   ? 9.076   21.427  0.116   1.00 27.38  ? 217 HOH A O   1 
HETATM 1350 O  O   . HOH G 5 .   ? 2.648   20.224  10.031  1.00 24.23  ? 218 HOH A O   1 
HETATM 1351 O  O   . HOH G 5 .   ? 1.083   18.859  12.181  1.00 18.76  ? 219 HOH A O   1 
HETATM 1352 O  O   . HOH G 5 .   ? 10.139  1.257   -17.542 1.00 41.84  ? 221 HOH A O   1 
HETATM 1353 O  O   . HOH G 5 .   ? 8.943   2.955   -15.475 1.00 27.78  ? 223 HOH A O   1 
HETATM 1354 O  O   . HOH G 5 .   ? -8.910  10.789  -12.539 1.00 29.27  ? 226 HOH A O   1 
HETATM 1355 O  O   . HOH G 5 .   ? 4.496   -7.306  3.148   1.00 35.39  ? 229 HOH A O   1 
HETATM 1356 O  O   . HOH G 5 .   ? 13.504  11.321  -9.154  1.00 41.94  ? 231 HOH A O   1 
HETATM 1357 O  O   . HOH G 5 .   ? 6.734   23.348  2.132   1.00 29.75  ? 235 HOH A O   1 
HETATM 1358 O  O   . HOH G 5 .   ? 9.467   20.211  -1.847  1.00 28.58  ? 238 HOH A O   1 
HETATM 1359 O  O   . HOH G 5 .   ? -5.891  -14.835 -9.952  1.00 26.92  ? 239 HOH A O   1 
HETATM 1360 O  O   . HOH G 5 .   ? 1.603   -12.609 -13.999 1.00 27.21  ? 240 HOH A O   1 
HETATM 1361 O  O   . HOH G 5 .   ? -11.570 -0.727  -5.652  1.00 43.98  ? 242 HOH A O   1 
HETATM 1362 O  O   . HOH G 5 .   ? 6.816   14.937  12.930  1.00 36.79  ? 251 HOH A O   1 
HETATM 1363 O  O   . HOH G 5 .   ? -1.063  -5.517  2.524   1.00 40.00  ? 256 HOH A O   1 
HETATM 1364 O  O   . HOH G 5 .   ? 1.505   -20.231 -12.633 1.00 38.35  ? 260 HOH A O   1 
HETATM 1365 O  O   . HOH G 5 .   ? -16.996 8.937   -0.675  1.00 47.70  ? 268 HOH A O   1 
HETATM 1366 O  O   . HOH G 5 .   ? 6.288   -9.454  8.190   1.00 31.69  ? 269 HOH A O   1 
HETATM 1367 O  O   . HOH G 5 .   ? -1.876  5.921   11.523  1.00 14.20  ? 270 HOH A O   1 
HETATM 1368 O  O   . HOH G 5 .   ? 10.482  14.473  -9.987  1.00 20.28  ? 273 HOH A O   1 
HETATM 1369 O  O   . HOH G 5 .   ? 8.262   20.362  -5.041  1.00 33.63  ? 277 HOH A O   1 
HETATM 1370 O  O   . HOH G 5 .   ? -5.080  -25.788 -0.238  1.00 35.03  ? 278 HOH A O   1 
HETATM 1371 O  O   . HOH G 5 .   ? -8.748  -12.648 1.064   1.00 34.57  ? 281 HOH A O   1 
HETATM 1372 O  O   . HOH G 5 .   ? -8.392  -11.433 -4.590  1.00 20.91  ? 282 HOH A O   1 
HETATM 1373 O  O   . HOH G 5 .   ? -3.195  20.914  -8.604  1.00 25.86  ? 291 HOH A O   1 
HETATM 1374 O  O   . HOH G 5 .   ? 4.973   23.601  3.905   1.00 19.00  ? 293 HOH A O   1 
HETATM 1375 O  O   . HOH G 5 .   ? 12.471  7.249   -12.940 1.00 46.02  ? 296 HOH A O   1 
HETATM 1376 O  O   . HOH G 5 .   ? 6.226   23.467  -0.544  1.00 35.61  ? 311 HOH A O   1 
HETATM 1377 O  O   . HOH G 5 .   ? -0.403  -10.674 -14.310 1.00 24.83  ? 320 HOH A O   1 
HETATM 1378 O  O   . HOH G 5 .   ? -10.429 -22.856 -6.080  1.00 31.54  ? 322 HOH A O   1 
HETATM 1379 O  O   . HOH G 5 .   ? 12.358  -1.893  8.560   1.00 41.09  ? 323 HOH A O   1 
# 
loop_
_pdbx_poly_seq_scheme.asym_id 
_pdbx_poly_seq_scheme.entity_id 
_pdbx_poly_seq_scheme.seq_id 
_pdbx_poly_seq_scheme.mon_id 
_pdbx_poly_seq_scheme.ndb_seq_num 
_pdbx_poly_seq_scheme.pdb_seq_num 
_pdbx_poly_seq_scheme.auth_seq_num 
_pdbx_poly_seq_scheme.pdb_mon_id 
_pdbx_poly_seq_scheme.auth_mon_id 
_pdbx_poly_seq_scheme.pdb_strand_id 
_pdbx_poly_seq_scheme.pdb_ins_code 
_pdbx_poly_seq_scheme.hetero 
A 1 1   MET 1   1   1   MET MET A . n 
A 1 2   ASN 2   2   2   ASN ASN A . n 
A 1 3   ILE 3   3   3   ILE ILE A . n 
A 1 4   PHE 4   4   4   PHE PHE A . n 
A 1 5   GLU 5   5   5   GLU GLU A . n 
A 1 6   MET 6   6   6   MET MET A . n 
A 1 7   LEU 7   7   7   LEU LEU A . n 
A 1 8   ARG 8   8   8   ARG ARG A . n 
A 1 9   ILE 9   9   9   ILE ILE A . n 
A 1 10  ASP 10  10  10  ASP ASP A . n 
A 1 11  GLU 11  11  11  GLU GLU A . n 
A 1 12  GLY 12  12  12  GLY GLY A . n 
A 1 13  LEU 13  13  13  LEU LEU A . n 
A 1 14  ARG 14  14  14  ARG ARG A . n 
A 1 15  LEU 15  15  15  LEU LEU A . n 
A 1 16  LYS 16  16  16  LYS LYS A . n 
A 1 17  ILE 17  17  17  ILE ILE A . n 
A 1 18  TYR 18  18  18  TYR TYR A . n 
A 1 19  LYS 19  19  19  LYS LYS A . n 
A 1 20  ASP 20  20  20  ASP ASP A . n 
A 1 21  THR 21  21  21  THR THR A . n 
A 1 22  GLU 22  22  22  GLU GLU A . n 
A 1 23  GLY 23  23  23  GLY GLY A . n 
A 1 24  TYR 24  24  24  TYR TYR A . n 
A 1 25  TYR 25  25  25  TYR TYR A . n 
A 1 26  THR 26  26  26  THR THR A . n 
A 1 27  ILE 27  27  27  ILE ILE A . n 
A 1 28  GLY 28  28  28  GLY GLY A . n 
A 1 29  ILE 29  29  29  ILE ILE A . n 
A 1 30  GLY 30  30  30  GLY GLY A . n 
A 1 31  HIS 31  31  31  HIS HIS A . n 
A 1 32  LEU 32  32  32  LEU LEU A . n 
A 1 33  LEU 33  33  33  LEU LEU A . n 
A 1 34  THR 34  34  34  THR THR A . n 
A 1 35  LYS 35  35  35  LYS LYS A . n 
A 1 36  SER 36  36  36  SER SER A . n 
A 1 37  PRO 37  37  37  PRO PRO A . n 
A 1 38  SER 38  38  38  SER SER A . n 
A 1 39  LEU 39  39  39  LEU LEU A . n 
A 1 40  ASN 40  40  40  ASN ASN A . n 
A 1 41  ALA 41  41  41  ALA ALA A . n 
A 1 42  ALA 42  42  42  ALA ALA A . n 
A 1 43  LYS 43  43  43  LYS LYS A . n 
A 1 44  SER 44  44  44  SER SER A . n 
A 1 45  GLU 45  45  45  GLU GLU A . n 
A 1 46  LEU 46  46  46  LEU LEU A . n 
A 1 47  ASP 47  47  47  ASP ASP A . n 
A 1 48  LYS 48  48  48  LYS LYS A . n 
A 1 49  ALA 49  49  49  ALA ALA A . n 
A 1 50  ILE 50  50  50  ILE ILE A . n 
A 1 51  GLY 51  51  51  GLY GLY A . n 
A 1 52  ARG 52  52  52  ARG ARG A . n 
A 1 53  ASN 53  53  53  ASN ASN A . n 
A 1 54  CYS 54  54  54  CYS CYS A . n 
A 1 55  ASN 55  55  55  ASN ASN A . n 
A 1 56  GLY 56  56  56  GLY GLY A . n 
A 1 57  VAL 57  57  57  VAL VAL A . n 
A 1 58  ILE 58  58  58  ILE ILE A . n 
A 1 59  THR 59  59  59  THR THR A . n 
A 1 60  LYS 60  60  60  LYS LYS A . n 
A 1 61  ASP 61  61  61  ASP ASP A . n 
A 1 62  GLU 62  62  62  GLU GLU A . n 
A 1 63  ALA 63  63  63  ALA ALA A . n 
A 1 64  GLU 64  64  64  GLU GLU A . n 
A 1 65  LYS 65  65  65  LYS LYS A . n 
A 1 66  LEU 66  66  66  LEU LEU A . n 
A 1 67  PHE 67  67  67  PHE PHE A . n 
A 1 68  ASN 68  68  68  ASN ASN A . n 
A 1 69  GLN 69  69  69  GLN GLN A . n 
A 1 70  ASP 70  70  70  ASP ASP A . n 
A 1 71  VAL 71  71  71  VAL VAL A . n 
A 1 72  ASP 72  72  72  ASP ASP A . n 
A 1 73  ALA 73  73  73  ALA ALA A . n 
A 1 74  ALA 74  74  74  ALA ALA A . n 
A 1 75  VAL 75  75  75  VAL VAL A . n 
A 1 76  ARG 76  76  76  ARG ARG A . n 
A 1 77  GLY 77  77  77  GLY GLY A . n 
A 1 78  ILE 78  78  78  ILE ILE A . n 
A 1 79  LEU 79  79  79  LEU LEU A . n 
A 1 80  ARG 80  80  80  ARG ARG A . n 
A 1 81  ASN 81  81  81  ASN ASN A . n 
A 1 82  ALA 82  82  82  ALA ALA A . n 
A 1 83  LYS 83  83  83  LYS LYS A . n 
A 1 84  LEU 84  84  84  LEU LEU A . n 
A 1 85  LYS 85  85  85  LYS LYS A . n 
A 1 86  PRO 86  86  86  PRO PRO A . n 
A 1 87  VAL 87  87  87  VAL VAL A . n 
A 1 88  TYR 88  88  88  TYR TYR A . n 
A 1 89  ASP 89  89  89  ASP ASP A . n 
A 1 90  SER 90  90  90  SER SER A . n 
A 1 91  LEU 91  91  91  LEU LEU A . n 
A 1 92  ASP 92  92  92  ASP ASP A . n 
A 1 93  ALA 93  93  93  ALA ALA A . n 
A 1 94  VAL 94  94  94  VAL VAL A . n 
A 1 95  ARG 95  95  95  ARG ARG A . n 
A 1 96  ARG 96  96  96  ARG ARG A . n 
A 1 97  CYS 97  97  97  CYS CYS A . n 
A 1 98  ALA 98  98  98  ALA ALA A . n 
A 1 99  ALA 99  99  99  ALA ALA A . n 
A 1 100 ILE 100 100 100 ILE ILE A . n 
A 1 101 ASN 101 101 101 ASN ASN A . n 
A 1 102 GLN 102 102 102 GLN GLN A . n 
A 1 103 VAL 103 103 103 VAL VAL A . n 
A 1 104 PHE 104 104 104 PHE PHE A . n 
A 1 105 GLN 105 105 105 GLN GLN A . n 
A 1 106 MET 106 106 106 MET MET A . n 
A 1 107 GLY 107 107 107 GLY GLY A . n 
A 1 108 GLU 108 108 108 GLU GLU A . n 
A 1 109 THR 109 109 109 THR THR A . n 
A 1 110 GLY 110 110 110 GLY GLY A . n 
A 1 111 VAL 111 111 111 VAL VAL A . n 
A 1 112 ALA 112 112 112 ALA ALA A . n 
A 1 113 GLY 113 113 113 GLY GLY A . n 
A 1 114 PHE 114 114 114 PHE PHE A . n 
A 1 115 THR 115 115 115 THR THR A . n 
A 1 116 ASN 116 116 116 ASN ASN A . n 
A 1 117 SER 117 117 117 SER SER A . n 
A 1 118 LEU 118 118 118 LEU LEU A . n 
A 1 119 ARG 119 119 119 ARG ARG A . n 
A 1 120 MET 120 120 120 MET MET A . n 
A 1 121 LEU 121 121 121 LEU LEU A . n 
A 1 122 GLN 122 122 122 GLN GLN A . n 
A 1 123 GLN 123 123 123 GLN GLN A . n 
A 1 124 LYS 124 124 124 LYS LYS A . n 
A 1 125 ARG 125 125 125 ARG ARG A . n 
A 1 126 TRP 126 126 126 TRP TRP A . n 
A 1 127 ASP 127 127 127 ASP ASP A . n 
A 1 128 GLU 128 128 128 GLU GLU A . n 
A 1 129 ALA 129 129 129 ALA ALA A . n 
A 1 130 ALA 130 130 130 ALA ALA A . n 
A 1 131 VAL 131 131 131 VAL VAL A . n 
A 1 132 ASN 132 132 132 ASN ASN A . n 
A 1 133 LEU 133 133 133 LEU LEU A . n 
A 1 134 ALA 134 134 134 ALA ALA A . n 
A 1 135 LYS 135 135 135 LYS LYS A . n 
A 1 136 SER 136 136 136 SER SER A . n 
A 1 137 ARG 137 137 137 ARG ARG A . n 
A 1 138 TRP 138 138 138 TRP TRP A . n 
A 1 139 TYR 139 139 139 TYR TYR A . n 
A 1 140 ASN 140 140 140 ASN ASN A . n 
A 1 141 GLN 141 141 141 GLN GLN A . n 
A 1 142 THR 142 142 142 THR THR A . n 
A 1 143 PRO 143 143 143 PRO PRO A . n 
A 1 144 ASN 144 144 144 ASN ASN A . n 
A 1 145 ARG 145 145 145 ARG ARG A . n 
A 1 146 ALA 146 146 146 ALA ALA A . n 
A 1 147 LYS 147 147 147 LYS LYS A . n 
A 1 148 ARG 148 148 148 ARG ARG A . n 
A 1 149 VAL 149 149 149 VAL VAL A . n 
A 1 150 ILE 150 150 150 ILE ILE A . n 
A 1 151 THR 151 151 151 THR THR A . n 
A 1 152 THR 152 152 152 THR THR A . n 
A 1 153 PHE 153 153 153 PHE PHE A . n 
A 1 154 ARG 154 154 154 ARG ARG A . n 
A 1 155 THR 155 155 155 THR THR A . n 
A 1 156 GLY 156 156 156 GLY GLY A . n 
A 1 157 THR 157 157 157 THR THR A . n 
A 1 158 TRP 158 158 158 TRP TRP A . n 
A 1 159 ASP 159 159 159 ASP ASP A . n 
A 1 160 ALA 160 160 160 ALA ALA A . n 
A 1 161 TYR 161 161 161 TYR TYR A . n 
A 1 162 LYS 162 162 162 LYS LYS A . n 
A 1 163 ASN 163 163 ?   ?   ?   A . n 
A 1 164 LEU 164 164 ?   ?   ?   A . n 
# 
loop_
_pdbx_nonpoly_scheme.asym_id 
_pdbx_nonpoly_scheme.entity_id 
_pdbx_nonpoly_scheme.mon_id 
_pdbx_nonpoly_scheme.ndb_seq_num 
_pdbx_nonpoly_scheme.pdb_seq_num 
_pdbx_nonpoly_scheme.auth_seq_num 
_pdbx_nonpoly_scheme.pdb_mon_id 
_pdbx_nonpoly_scheme.auth_mon_id 
_pdbx_nonpoly_scheme.pdb_strand_id 
_pdbx_nonpoly_scheme.pdb_ins_code 
B 2 CL  1  173 173 CL  SOL A . 
C 2 CL  1  178 178 CL  SOL A . 
D 3 BME 1  169 169 BME BME A . 
E 3 BME 1  170 170 BME BME A . 
F 4 5AN 1  401 401 5AN ANI A . 
G 5 HOH 1  171 171 HOH SOL A . 
G 5 HOH 2  172 172 HOH SOL A . 
G 5 HOH 3  174 174 HOH SOL A . 
G 5 HOH 4  175 175 HOH SOL A . 
G 5 HOH 5  176 176 HOH SOL A . 
G 5 HOH 6  177 177 HOH SOL A . 
G 5 HOH 7  179 179 HOH SOL A . 
G 5 HOH 8  180 180 HOH SOL A . 
G 5 HOH 9  181 181 HOH SOL A . 
G 5 HOH 10 182 182 HOH SOL A . 
G 5 HOH 11 183 183 HOH SOL A . 
G 5 HOH 12 185 185 HOH SOL A . 
G 5 HOH 13 186 186 HOH SOL A . 
G 5 HOH 14 187 187 HOH SOL A . 
G 5 HOH 15 190 190 HOH SOL A . 
G 5 HOH 16 191 191 HOH SOL A . 
G 5 HOH 17 193 193 HOH SOL A . 
G 5 HOH 18 195 195 HOH SOL A . 
G 5 HOH 19 196 196 HOH SOL A . 
G 5 HOH 20 198 198 HOH SOL A . 
G 5 HOH 21 199 199 HOH SOL A . 
G 5 HOH 22 200 200 HOH SOL A . 
G 5 HOH 23 201 201 HOH SOL A . 
G 5 HOH 24 203 203 HOH SOL A . 
G 5 HOH 25 204 204 HOH SOL A . 
G 5 HOH 26 207 207 HOH SOL A . 
G 5 HOH 27 208 208 HOH SOL A . 
G 5 HOH 28 210 210 HOH SOL A . 
G 5 HOH 29 211 211 HOH SOL A . 
G 5 HOH 30 213 213 HOH SOL A . 
G 5 HOH 31 217 217 HOH SOL A . 
G 5 HOH 32 218 218 HOH SOL A . 
G 5 HOH 33 219 219 HOH SOL A . 
G 5 HOH 34 221 221 HOH SOL A . 
G 5 HOH 35 223 223 HOH SOL A . 
G 5 HOH 36 226 226 HOH SOL A . 
G 5 HOH 37 229 229 HOH SOL A . 
G 5 HOH 38 231 231 HOH SOL A . 
G 5 HOH 39 235 235 HOH SOL A . 
G 5 HOH 40 238 238 HOH SOL A . 
G 5 HOH 41 239 239 HOH SOL A . 
G 5 HOH 42 240 240 HOH SOL A . 
G 5 HOH 43 242 242 HOH SOL A . 
G 5 HOH 44 251 251 HOH SOL A . 
G 5 HOH 45 256 256 HOH SOL A . 
G 5 HOH 46 260 260 HOH SOL A . 
G 5 HOH 47 268 268 HOH SOL A . 
G 5 HOH 48 269 269 HOH SOL A . 
G 5 HOH 49 270 270 HOH SOL A . 
G 5 HOH 50 273 273 HOH SOL A . 
G 5 HOH 51 277 277 HOH SOL A . 
G 5 HOH 52 278 278 HOH SOL A . 
G 5 HOH 53 281 281 HOH SOL A . 
G 5 HOH 54 282 282 HOH SOL A . 
G 5 HOH 55 291 291 HOH SOL A . 
G 5 HOH 56 293 293 HOH SOL A . 
G 5 HOH 57 296 296 HOH SOL A . 
G 5 HOH 58 311 311 HOH SOL A . 
G 5 HOH 59 320 320 HOH SOL A . 
G 5 HOH 60 322 322 HOH SOL A . 
G 5 HOH 61 323 323 HOH SOL A . 
# 
_pdbx_struct_assembly.id                   1 
_pdbx_struct_assembly.details              author_defined_assembly 
_pdbx_struct_assembly.method_details       ? 
_pdbx_struct_assembly.oligomeric_details   monomeric 
_pdbx_struct_assembly.oligomeric_count     1 
# 
_pdbx_struct_assembly_gen.assembly_id       1 
_pdbx_struct_assembly_gen.oper_expression   1 
_pdbx_struct_assembly_gen.asym_id_list      A,B,C,D,E,F,G 
# 
_pdbx_struct_oper_list.id                   1 
_pdbx_struct_oper_list.type                 'identity operation' 
_pdbx_struct_oper_list.name                 1_555 
_pdbx_struct_oper_list.symmetry_operation   x,y,z 
_pdbx_struct_oper_list.matrix[1][1]         1.0000000000 
_pdbx_struct_oper_list.matrix[1][2]         0.0000000000 
_pdbx_struct_oper_list.matrix[1][3]         0.0000000000 
_pdbx_struct_oper_list.vector[1]            0.0000000000 
_pdbx_struct_oper_list.matrix[2][1]         0.0000000000 
_pdbx_struct_oper_list.matrix[2][2]         1.0000000000 
_pdbx_struct_oper_list.matrix[2][3]         0.0000000000 
_pdbx_struct_oper_list.vector[2]            0.0000000000 
_pdbx_struct_oper_list.matrix[3][1]         0.0000000000 
_pdbx_struct_oper_list.matrix[3][2]         0.0000000000 
_pdbx_struct_oper_list.matrix[3][3]         1.0000000000 
_pdbx_struct_oper_list.vector[3]            0.0000000000 
# 
loop_
_pdbx_audit_revision_history.ordinal 
_pdbx_audit_revision_history.data_content_type 
_pdbx_audit_revision_history.major_revision 
_pdbx_audit_revision_history.minor_revision 
_pdbx_audit_revision_history.revision_date 
1 'Structure model' 1 0 2002-05-08 
2 'Structure model' 1 1 2008-04-28 
3 'Structure model' 1 2 2011-07-13 
4 'Structure model' 1 3 2021-10-27 
5 'Structure model' 1 4 2023-08-16 
# 
_pdbx_audit_revision_details.ordinal             1 
_pdbx_audit_revision_details.revision_ordinal    1 
_pdbx_audit_revision_details.data_content_type   'Structure model' 
_pdbx_audit_revision_details.provider            repository 
_pdbx_audit_revision_details.type                'Initial release' 
_pdbx_audit_revision_details.description         ? 
_pdbx_audit_revision_details.details             ? 
# 
loop_
_pdbx_audit_revision_group.ordinal 
_pdbx_audit_revision_group.revision_ordinal 
_pdbx_audit_revision_group.data_content_type 
_pdbx_audit_revision_group.group 
1 2 'Structure model' 'Version format compliance' 
2 3 'Structure model' 'Version format compliance' 
3 4 'Structure model' 'Database references'       
4 4 'Structure model' 'Derived calculations'      
5 5 'Structure model' 'Data collection'           
6 5 'Structure model' 'Refinement description'    
# 
loop_
_pdbx_audit_revision_category.ordinal 
_pdbx_audit_revision_category.revision_ordinal 
_pdbx_audit_revision_category.data_content_type 
_pdbx_audit_revision_category.category 
1 4 'Structure model' database_2                    
2 4 'Structure model' struct_ref_seq_dif            
3 4 'Structure model' struct_site                   
4 5 'Structure model' chem_comp_atom                
5 5 'Structure model' chem_comp_bond                
6 5 'Structure model' pdbx_initial_refinement_model 
# 
loop_
_pdbx_audit_revision_item.ordinal 
_pdbx_audit_revision_item.revision_ordinal 
_pdbx_audit_revision_item.data_content_type 
_pdbx_audit_revision_item.item 
1 4 'Structure model' '_database_2.pdbx_DOI'                
2 4 'Structure model' '_database_2.pdbx_database_accession' 
3 4 'Structure model' '_struct_ref_seq_dif.details'         
4 4 'Structure model' '_struct_site.pdbx_auth_asym_id'      
5 4 'Structure model' '_struct_site.pdbx_auth_comp_id'      
6 4 'Structure model' '_struct_site.pdbx_auth_seq_id'       
# 
loop_
_software.name 
_software.classification 
_software.version 
_software.citation_id 
_software.pdbx_ordinal 
SDMS 'data collection' . ? 1 
SDMS 'data reduction'  . ? 2 
TNT  refinement        . ? 3 
SDMS 'data scaling'    . ? 4 
TNT  phasing           . ? 5 
# 
_pdbx_validate_rmsd_bond.id                        1 
_pdbx_validate_rmsd_bond.PDB_model_num             1 
_pdbx_validate_rmsd_bond.auth_atom_id_1            CD 
_pdbx_validate_rmsd_bond.auth_asym_id_1            A 
_pdbx_validate_rmsd_bond.auth_comp_id_1            GLU 
_pdbx_validate_rmsd_bond.auth_seq_id_1             128 
_pdbx_validate_rmsd_bond.PDB_ins_code_1            ? 
_pdbx_validate_rmsd_bond.label_alt_id_1            ? 
_pdbx_validate_rmsd_bond.auth_atom_id_2            OE2 
_pdbx_validate_rmsd_bond.auth_asym_id_2            A 
_pdbx_validate_rmsd_bond.auth_comp_id_2            GLU 
_pdbx_validate_rmsd_bond.auth_seq_id_2             128 
_pdbx_validate_rmsd_bond.PDB_ins_code_2            ? 
_pdbx_validate_rmsd_bond.label_alt_id_2            ? 
_pdbx_validate_rmsd_bond.bond_value                1.326 
_pdbx_validate_rmsd_bond.bond_target_value         1.252 
_pdbx_validate_rmsd_bond.bond_deviation            0.074 
_pdbx_validate_rmsd_bond.bond_standard_deviation   0.011 
_pdbx_validate_rmsd_bond.linker_flag               N 
# 
loop_
_pdbx_validate_rmsd_angle.id 
_pdbx_validate_rmsd_angle.PDB_model_num 
_pdbx_validate_rmsd_angle.auth_atom_id_1 
_pdbx_validate_rmsd_angle.auth_asym_id_1 
_pdbx_validate_rmsd_angle.auth_comp_id_1 
_pdbx_validate_rmsd_angle.auth_seq_id_1 
_pdbx_validate_rmsd_angle.PDB_ins_code_1 
_pdbx_validate_rmsd_angle.label_alt_id_1 
_pdbx_validate_rmsd_angle.auth_atom_id_2 
_pdbx_validate_rmsd_angle.auth_asym_id_2 
_pdbx_validate_rmsd_angle.auth_comp_id_2 
_pdbx_validate_rmsd_angle.auth_seq_id_2 
_pdbx_validate_rmsd_angle.PDB_ins_code_2 
_pdbx_validate_rmsd_angle.label_alt_id_2 
_pdbx_validate_rmsd_angle.auth_atom_id_3 
_pdbx_validate_rmsd_angle.auth_asym_id_3 
_pdbx_validate_rmsd_angle.auth_comp_id_3 
_pdbx_validate_rmsd_angle.auth_seq_id_3 
_pdbx_validate_rmsd_angle.PDB_ins_code_3 
_pdbx_validate_rmsd_angle.label_alt_id_3 
_pdbx_validate_rmsd_angle.angle_value 
_pdbx_validate_rmsd_angle.angle_target_value 
_pdbx_validate_rmsd_angle.angle_deviation 
_pdbx_validate_rmsd_angle.angle_standard_deviation 
_pdbx_validate_rmsd_angle.linker_flag 
1  1 NE  A ARG 8   ? ? CZ A ARG 8   ? ? NH1 A ARG 8   ? ? 123.70 120.30 3.40   0.50 N 
2  1 CB  A ASP 20  ? ? CG A ASP 20  ? ? OD1 A ASP 20  ? ? 126.56 118.30 8.26   0.90 N 
3  1 CB  A ASP 20  ? ? CG A ASP 20  ? ? OD2 A ASP 20  ? ? 111.25 118.30 -7.05  0.90 N 
4  1 CA  A THR 21  ? ? CB A THR 21  ? ? CG2 A THR 21  ? ? 103.60 112.40 -8.80  1.40 N 
5  1 CB  A ASN 40  ? ? CA A ASN 40  ? ? C   A ASN 40  ? ? 126.03 110.40 15.63  2.00 N 
6  1 CB  A ASP 47  ? ? CG A ASP 47  ? ? OD1 A ASP 47  ? ? 128.24 118.30 9.94   0.90 N 
7  1 CB  A ASP 47  ? ? CG A ASP 47  ? ? OD2 A ASP 47  ? ? 111.15 118.30 -7.15  0.90 N 
8  1 CG1 A VAL 57  ? ? CB A VAL 57  ? ? CG2 A VAL 57  ? ? 122.92 110.90 12.02  1.60 N 
9  1 NE  A ARG 80  ? ? CZ A ARG 80  ? ? NH1 A ARG 80  ? ? 126.28 120.30 5.98   0.50 N 
10 1 NE  A ARG 80  ? ? CZ A ARG 80  ? ? NH2 A ARG 80  ? ? 117.02 120.30 -3.28  0.50 N 
11 1 NE  A ARG 96  ? ? CZ A ARG 96  ? ? NH1 A ARG 96  ? ? 116.50 120.30 -3.80  0.50 N 
12 1 CG1 A VAL 103 ? ? CB A VAL 103 ? ? CG2 A VAL 103 ? ? 94.56  110.90 -16.34 1.60 N 
13 1 CB  A GLU 108 ? ? CA A GLU 108 ? ? C   A GLU 108 ? ? 125.57 110.40 15.17  2.00 N 
14 1 CA  A THR 109 ? ? CB A THR 109 ? ? CG2 A THR 109 ? ? 101.05 112.40 -11.35 1.40 N 
15 1 CB  A ALA 112 ? ? CA A ALA 112 ? ? C   A ALA 112 ? ? 127.13 110.10 17.03  1.50 N 
16 1 CB  A THR 115 ? ? CA A THR 115 ? ? C   A THR 115 ? ? 95.21  111.60 -16.39 2.70 N 
17 1 NE  A ARG 119 ? ? CZ A ARG 119 ? ? NH1 A ARG 119 ? ? 123.48 120.30 3.18   0.50 N 
18 1 CB  A ASP 127 ? ? CG A ASP 127 ? ? OD1 A ASP 127 ? ? 126.16 118.30 7.86   0.90 N 
19 1 CB  A ASP 127 ? ? CG A ASP 127 ? ? OD2 A ASP 127 ? ? 109.32 118.30 -8.98  0.90 N 
20 1 CD  A ARG 145 ? ? NE A ARG 145 ? ? CZ  A ARG 145 ? ? 113.97 123.60 -9.63  1.40 N 
21 1 NE  A ARG 148 ? ? CZ A ARG 148 ? ? NH1 A ARG 148 ? ? 123.60 120.30 3.30   0.50 N 
22 1 CB  A ASP 159 ? ? CG A ASP 159 ? ? OD1 A ASP 159 ? ? 124.84 118.30 6.54   0.90 N 
23 1 CB  A ASP 159 ? ? CG A ASP 159 ? ? OD2 A ASP 159 ? ? 112.54 118.30 -5.76  0.90 N 
24 1 CB  A TYR 161 ? ? CG A TYR 161 ? ? CD1 A TYR 161 ? ? 115.60 121.00 -5.40  0.60 N 
25 1 CB  A LYS 162 ? ? CA A LYS 162 ? ? C   A LYS 162 ? ? 127.74 110.40 17.34  2.00 N 
# 
loop_
_pdbx_validate_torsion.id 
_pdbx_validate_torsion.PDB_model_num 
_pdbx_validate_torsion.auth_comp_id 
_pdbx_validate_torsion.auth_asym_id 
_pdbx_validate_torsion.auth_seq_id 
_pdbx_validate_torsion.PDB_ins_code 
_pdbx_validate_torsion.label_alt_id 
_pdbx_validate_torsion.phi 
_pdbx_validate_torsion.psi 
1 1 ILE A 29 ? ? -103.15 67.69  
2 1 ARG A 52 ? ? 176.57  162.92 
# 
loop_
_pdbx_unobs_or_zero_occ_residues.id 
_pdbx_unobs_or_zero_occ_residues.PDB_model_num 
_pdbx_unobs_or_zero_occ_residues.polymer_flag 
_pdbx_unobs_or_zero_occ_residues.occupancy_flag 
_pdbx_unobs_or_zero_occ_residues.auth_asym_id 
_pdbx_unobs_or_zero_occ_residues.auth_comp_id 
_pdbx_unobs_or_zero_occ_residues.auth_seq_id 
_pdbx_unobs_or_zero_occ_residues.PDB_ins_code 
_pdbx_unobs_or_zero_occ_residues.label_asym_id 
_pdbx_unobs_or_zero_occ_residues.label_comp_id 
_pdbx_unobs_or_zero_occ_residues.label_seq_id 
1 1 Y 1 A ASN 163 ? A ASN 163 
2 1 Y 1 A LEU 164 ? A LEU 164 
# 
loop_
_chem_comp_atom.comp_id 
_chem_comp_atom.atom_id 
_chem_comp_atom.type_symbol 
_chem_comp_atom.pdbx_aromatic_flag 
_chem_comp_atom.pdbx_stereo_config 
_chem_comp_atom.pdbx_ordinal 
5AN C4   C  Y N 1   
5AN C5   C  Y N 2   
5AN C3   C  Y N 3   
5AN C6   C  Y N 4   
5AN C2   C  Y N 5   
5AN C1   C  Y N 6   
5AN N    N  N N 7   
5AN F5   F  N N 8   
5AN F3   F  N N 9   
5AN HC4  H  N N 10  
5AN HC6  H  N N 11  
5AN HC2  H  N N 12  
5AN HN1  H  N N 13  
5AN HN2  H  N N 14  
ALA N    N  N N 15  
ALA CA   C  N S 16  
ALA C    C  N N 17  
ALA O    O  N N 18  
ALA CB   C  N N 19  
ALA OXT  O  N N 20  
ALA H    H  N N 21  
ALA H2   H  N N 22  
ALA HA   H  N N 23  
ALA HB1  H  N N 24  
ALA HB2  H  N N 25  
ALA HB3  H  N N 26  
ALA HXT  H  N N 27  
ARG N    N  N N 28  
ARG CA   C  N S 29  
ARG C    C  N N 30  
ARG O    O  N N 31  
ARG CB   C  N N 32  
ARG CG   C  N N 33  
ARG CD   C  N N 34  
ARG NE   N  N N 35  
ARG CZ   C  N N 36  
ARG NH1  N  N N 37  
ARG NH2  N  N N 38  
ARG OXT  O  N N 39  
ARG H    H  N N 40  
ARG H2   H  N N 41  
ARG HA   H  N N 42  
ARG HB2  H  N N 43  
ARG HB3  H  N N 44  
ARG HG2  H  N N 45  
ARG HG3  H  N N 46  
ARG HD2  H  N N 47  
ARG HD3  H  N N 48  
ARG HE   H  N N 49  
ARG HH11 H  N N 50  
ARG HH12 H  N N 51  
ARG HH21 H  N N 52  
ARG HH22 H  N N 53  
ARG HXT  H  N N 54  
ASN N    N  N N 55  
ASN CA   C  N S 56  
ASN C    C  N N 57  
ASN O    O  N N 58  
ASN CB   C  N N 59  
ASN CG   C  N N 60  
ASN OD1  O  N N 61  
ASN ND2  N  N N 62  
ASN OXT  O  N N 63  
ASN H    H  N N 64  
ASN H2   H  N N 65  
ASN HA   H  N N 66  
ASN HB2  H  N N 67  
ASN HB3  H  N N 68  
ASN HD21 H  N N 69  
ASN HD22 H  N N 70  
ASN HXT  H  N N 71  
ASP N    N  N N 72  
ASP CA   C  N S 73  
ASP C    C  N N 74  
ASP O    O  N N 75  
ASP CB   C  N N 76  
ASP CG   C  N N 77  
ASP OD1  O  N N 78  
ASP OD2  O  N N 79  
ASP OXT  O  N N 80  
ASP H    H  N N 81  
ASP H2   H  N N 82  
ASP HA   H  N N 83  
ASP HB2  H  N N 84  
ASP HB3  H  N N 85  
ASP HD2  H  N N 86  
ASP HXT  H  N N 87  
BME C1   C  N N 88  
BME C2   C  N N 89  
BME O1   O  N N 90  
BME S2   S  N N 91  
BME H11  H  N N 92  
BME H12  H  N N 93  
BME H21  H  N N 94  
BME H22  H  N N 95  
BME HO1  H  N N 96  
BME HS2  H  N N 97  
CL  CL   CL N N 98  
CYS N    N  N N 99  
CYS CA   C  N R 100 
CYS C    C  N N 101 
CYS O    O  N N 102 
CYS CB   C  N N 103 
CYS SG   S  N N 104 
CYS OXT  O  N N 105 
CYS H    H  N N 106 
CYS H2   H  N N 107 
CYS HA   H  N N 108 
CYS HB2  H  N N 109 
CYS HB3  H  N N 110 
CYS HG   H  N N 111 
CYS HXT  H  N N 112 
GLN N    N  N N 113 
GLN CA   C  N S 114 
GLN C    C  N N 115 
GLN O    O  N N 116 
GLN CB   C  N N 117 
GLN CG   C  N N 118 
GLN CD   C  N N 119 
GLN OE1  O  N N 120 
GLN NE2  N  N N 121 
GLN OXT  O  N N 122 
GLN H    H  N N 123 
GLN H2   H  N N 124 
GLN HA   H  N N 125 
GLN HB2  H  N N 126 
GLN HB3  H  N N 127 
GLN HG2  H  N N 128 
GLN HG3  H  N N 129 
GLN HE21 H  N N 130 
GLN HE22 H  N N 131 
GLN HXT  H  N N 132 
GLU N    N  N N 133 
GLU CA   C  N S 134 
GLU C    C  N N 135 
GLU O    O  N N 136 
GLU CB   C  N N 137 
GLU CG   C  N N 138 
GLU CD   C  N N 139 
GLU OE1  O  N N 140 
GLU OE2  O  N N 141 
GLU OXT  O  N N 142 
GLU H    H  N N 143 
GLU H2   H  N N 144 
GLU HA   H  N N 145 
GLU HB2  H  N N 146 
GLU HB3  H  N N 147 
GLU HG2  H  N N 148 
GLU HG3  H  N N 149 
GLU HE2  H  N N 150 
GLU HXT  H  N N 151 
GLY N    N  N N 152 
GLY CA   C  N N 153 
GLY C    C  N N 154 
GLY O    O  N N 155 
GLY OXT  O  N N 156 
GLY H    H  N N 157 
GLY H2   H  N N 158 
GLY HA2  H  N N 159 
GLY HA3  H  N N 160 
GLY HXT  H  N N 161 
HIS N    N  N N 162 
HIS CA   C  N S 163 
HIS C    C  N N 164 
HIS O    O  N N 165 
HIS CB   C  N N 166 
HIS CG   C  Y N 167 
HIS ND1  N  Y N 168 
HIS CD2  C  Y N 169 
HIS CE1  C  Y N 170 
HIS NE2  N  Y N 171 
HIS OXT  O  N N 172 
HIS H    H  N N 173 
HIS H2   H  N N 174 
HIS HA   H  N N 175 
HIS HB2  H  N N 176 
HIS HB3  H  N N 177 
HIS HD1  H  N N 178 
HIS HD2  H  N N 179 
HIS HE1  H  N N 180 
HIS HE2  H  N N 181 
HIS HXT  H  N N 182 
HOH O    O  N N 183 
HOH H1   H  N N 184 
HOH H2   H  N N 185 
ILE N    N  N N 186 
ILE CA   C  N S 187 
ILE C    C  N N 188 
ILE O    O  N N 189 
ILE CB   C  N S 190 
ILE CG1  C  N N 191 
ILE CG2  C  N N 192 
ILE CD1  C  N N 193 
ILE OXT  O  N N 194 
ILE H    H  N N 195 
ILE H2   H  N N 196 
ILE HA   H  N N 197 
ILE HB   H  N N 198 
ILE HG12 H  N N 199 
ILE HG13 H  N N 200 
ILE HG21 H  N N 201 
ILE HG22 H  N N 202 
ILE HG23 H  N N 203 
ILE HD11 H  N N 204 
ILE HD12 H  N N 205 
ILE HD13 H  N N 206 
ILE HXT  H  N N 207 
LEU N    N  N N 208 
LEU CA   C  N S 209 
LEU C    C  N N 210 
LEU O    O  N N 211 
LEU CB   C  N N 212 
LEU CG   C  N N 213 
LEU CD1  C  N N 214 
LEU CD2  C  N N 215 
LEU OXT  O  N N 216 
LEU H    H  N N 217 
LEU H2   H  N N 218 
LEU HA   H  N N 219 
LEU HB2  H  N N 220 
LEU HB3  H  N N 221 
LEU HG   H  N N 222 
LEU HD11 H  N N 223 
LEU HD12 H  N N 224 
LEU HD13 H  N N 225 
LEU HD21 H  N N 226 
LEU HD22 H  N N 227 
LEU HD23 H  N N 228 
LEU HXT  H  N N 229 
LYS N    N  N N 230 
LYS CA   C  N S 231 
LYS C    C  N N 232 
LYS O    O  N N 233 
LYS CB   C  N N 234 
LYS CG   C  N N 235 
LYS CD   C  N N 236 
LYS CE   C  N N 237 
LYS NZ   N  N N 238 
LYS OXT  O  N N 239 
LYS H    H  N N 240 
LYS H2   H  N N 241 
LYS HA   H  N N 242 
LYS HB2  H  N N 243 
LYS HB3  H  N N 244 
LYS HG2  H  N N 245 
LYS HG3  H  N N 246 
LYS HD2  H  N N 247 
LYS HD3  H  N N 248 
LYS HE2  H  N N 249 
LYS HE3  H  N N 250 
LYS HZ1  H  N N 251 
LYS HZ2  H  N N 252 
LYS HZ3  H  N N 253 
LYS HXT  H  N N 254 
MET N    N  N N 255 
MET CA   C  N S 256 
MET C    C  N N 257 
MET O    O  N N 258 
MET CB   C  N N 259 
MET CG   C  N N 260 
MET SD   S  N N 261 
MET CE   C  N N 262 
MET OXT  O  N N 263 
MET H    H  N N 264 
MET H2   H  N N 265 
MET HA   H  N N 266 
MET HB2  H  N N 267 
MET HB3  H  N N 268 
MET HG2  H  N N 269 
MET HG3  H  N N 270 
MET HE1  H  N N 271 
MET HE2  H  N N 272 
MET HE3  H  N N 273 
MET HXT  H  N N 274 
PHE N    N  N N 275 
PHE CA   C  N S 276 
PHE C    C  N N 277 
PHE O    O  N N 278 
PHE CB   C  N N 279 
PHE CG   C  Y N 280 
PHE CD1  C  Y N 281 
PHE CD2  C  Y N 282 
PHE CE1  C  Y N 283 
PHE CE2  C  Y N 284 
PHE CZ   C  Y N 285 
PHE OXT  O  N N 286 
PHE H    H  N N 287 
PHE H2   H  N N 288 
PHE HA   H  N N 289 
PHE HB2  H  N N 290 
PHE HB3  H  N N 291 
PHE HD1  H  N N 292 
PHE HD2  H  N N 293 
PHE HE1  H  N N 294 
PHE HE2  H  N N 295 
PHE HZ   H  N N 296 
PHE HXT  H  N N 297 
PRO N    N  N N 298 
PRO CA   C  N S 299 
PRO C    C  N N 300 
PRO O    O  N N 301 
PRO CB   C  N N 302 
PRO CG   C  N N 303 
PRO CD   C  N N 304 
PRO OXT  O  N N 305 
PRO H    H  N N 306 
PRO HA   H  N N 307 
PRO HB2  H  N N 308 
PRO HB3  H  N N 309 
PRO HG2  H  N N 310 
PRO HG3  H  N N 311 
PRO HD2  H  N N 312 
PRO HD3  H  N N 313 
PRO HXT  H  N N 314 
SER N    N  N N 315 
SER CA   C  N S 316 
SER C    C  N N 317 
SER O    O  N N 318 
SER CB   C  N N 319 
SER OG   O  N N 320 
SER OXT  O  N N 321 
SER H    H  N N 322 
SER H2   H  N N 323 
SER HA   H  N N 324 
SER HB2  H  N N 325 
SER HB3  H  N N 326 
SER HG   H  N N 327 
SER HXT  H  N N 328 
THR N    N  N N 329 
THR CA   C  N S 330 
THR C    C  N N 331 
THR O    O  N N 332 
THR CB   C  N R 333 
THR OG1  O  N N 334 
THR CG2  C  N N 335 
THR OXT  O  N N 336 
THR H    H  N N 337 
THR H2   H  N N 338 
THR HA   H  N N 339 
THR HB   H  N N 340 
THR HG1  H  N N 341 
THR HG21 H  N N 342 
THR HG22 H  N N 343 
THR HG23 H  N N 344 
THR HXT  H  N N 345 
TRP N    N  N N 346 
TRP CA   C  N S 347 
TRP C    C  N N 348 
TRP O    O  N N 349 
TRP CB   C  N N 350 
TRP CG   C  Y N 351 
TRP CD1  C  Y N 352 
TRP CD2  C  Y N 353 
TRP NE1  N  Y N 354 
TRP CE2  C  Y N 355 
TRP CE3  C  Y N 356 
TRP CZ2  C  Y N 357 
TRP CZ3  C  Y N 358 
TRP CH2  C  Y N 359 
TRP OXT  O  N N 360 
TRP H    H  N N 361 
TRP H2   H  N N 362 
TRP HA   H  N N 363 
TRP HB2  H  N N 364 
TRP HB3  H  N N 365 
TRP HD1  H  N N 366 
TRP HE1  H  N N 367 
TRP HE3  H  N N 368 
TRP HZ2  H  N N 369 
TRP HZ3  H  N N 370 
TRP HH2  H  N N 371 
TRP HXT  H  N N 372 
TYR N    N  N N 373 
TYR CA   C  N S 374 
TYR C    C  N N 375 
TYR O    O  N N 376 
TYR CB   C  N N 377 
TYR CG   C  Y N 378 
TYR CD1  C  Y N 379 
TYR CD2  C  Y N 380 
TYR CE1  C  Y N 381 
TYR CE2  C  Y N 382 
TYR CZ   C  Y N 383 
TYR OH   O  N N 384 
TYR OXT  O  N N 385 
TYR H    H  N N 386 
TYR H2   H  N N 387 
TYR HA   H  N N 388 
TYR HB2  H  N N 389 
TYR HB3  H  N N 390 
TYR HD1  H  N N 391 
TYR HD2  H  N N 392 
TYR HE1  H  N N 393 
TYR HE2  H  N N 394 
TYR HH   H  N N 395 
TYR HXT  H  N N 396 
VAL N    N  N N 397 
VAL CA   C  N S 398 
VAL C    C  N N 399 
VAL O    O  N N 400 
VAL CB   C  N N 401 
VAL CG1  C  N N 402 
VAL CG2  C  N N 403 
VAL OXT  O  N N 404 
VAL H    H  N N 405 
VAL H2   H  N N 406 
VAL HA   H  N N 407 
VAL HB   H  N N 408 
VAL HG11 H  N N 409 
VAL HG12 H  N N 410 
VAL HG13 H  N N 411 
VAL HG21 H  N N 412 
VAL HG22 H  N N 413 
VAL HG23 H  N N 414 
VAL HXT  H  N N 415 
# 
loop_
_chem_comp_bond.comp_id 
_chem_comp_bond.atom_id_1 
_chem_comp_bond.atom_id_2 
_chem_comp_bond.value_order 
_chem_comp_bond.pdbx_aromatic_flag 
_chem_comp_bond.pdbx_stereo_config 
_chem_comp_bond.pdbx_ordinal 
5AN C4  C5   doub Y N 1   
5AN C4  C3   sing Y N 2   
5AN C4  HC4  sing N N 3   
5AN C5  C6   sing Y N 4   
5AN C5  F5   sing N N 5   
5AN C3  C2   doub Y N 6   
5AN C3  F3   sing N N 7   
5AN C6  C1   doub Y N 8   
5AN C6  HC6  sing N N 9   
5AN C2  C1   sing Y N 10  
5AN C2  HC2  sing N N 11  
5AN C1  N    sing N N 12  
5AN N   HN1  sing N N 13  
5AN N   HN2  sing N N 14  
ALA N   CA   sing N N 15  
ALA N   H    sing N N 16  
ALA N   H2   sing N N 17  
ALA CA  C    sing N N 18  
ALA CA  CB   sing N N 19  
ALA CA  HA   sing N N 20  
ALA C   O    doub N N 21  
ALA C   OXT  sing N N 22  
ALA CB  HB1  sing N N 23  
ALA CB  HB2  sing N N 24  
ALA CB  HB3  sing N N 25  
ALA OXT HXT  sing N N 26  
ARG N   CA   sing N N 27  
ARG N   H    sing N N 28  
ARG N   H2   sing N N 29  
ARG CA  C    sing N N 30  
ARG CA  CB   sing N N 31  
ARG CA  HA   sing N N 32  
ARG C   O    doub N N 33  
ARG C   OXT  sing N N 34  
ARG CB  CG   sing N N 35  
ARG CB  HB2  sing N N 36  
ARG CB  HB3  sing N N 37  
ARG CG  CD   sing N N 38  
ARG CG  HG2  sing N N 39  
ARG CG  HG3  sing N N 40  
ARG CD  NE   sing N N 41  
ARG CD  HD2  sing N N 42  
ARG CD  HD3  sing N N 43  
ARG NE  CZ   sing N N 44  
ARG NE  HE   sing N N 45  
ARG CZ  NH1  sing N N 46  
ARG CZ  NH2  doub N N 47  
ARG NH1 HH11 sing N N 48  
ARG NH1 HH12 sing N N 49  
ARG NH2 HH21 sing N N 50  
ARG NH2 HH22 sing N N 51  
ARG OXT HXT  sing N N 52  
ASN N   CA   sing N N 53  
ASN N   H    sing N N 54  
ASN N   H2   sing N N 55  
ASN CA  C    sing N N 56  
ASN CA  CB   sing N N 57  
ASN CA  HA   sing N N 58  
ASN C   O    doub N N 59  
ASN C   OXT  sing N N 60  
ASN CB  CG   sing N N 61  
ASN CB  HB2  sing N N 62  
ASN CB  HB3  sing N N 63  
ASN CG  OD1  doub N N 64  
ASN CG  ND2  sing N N 65  
ASN ND2 HD21 sing N N 66  
ASN ND2 HD22 sing N N 67  
ASN OXT HXT  sing N N 68  
ASP N   CA   sing N N 69  
ASP N   H    sing N N 70  
ASP N   H2   sing N N 71  
ASP CA  C    sing N N 72  
ASP CA  CB   sing N N 73  
ASP CA  HA   sing N N 74  
ASP C   O    doub N N 75  
ASP C   OXT  sing N N 76  
ASP CB  CG   sing N N 77  
ASP CB  HB2  sing N N 78  
ASP CB  HB3  sing N N 79  
ASP CG  OD1  doub N N 80  
ASP CG  OD2  sing N N 81  
ASP OD2 HD2  sing N N 82  
ASP OXT HXT  sing N N 83  
BME C1  C2   sing N N 84  
BME C1  O1   sing N N 85  
BME C1  H11  sing N N 86  
BME C1  H12  sing N N 87  
BME C2  S2   sing N N 88  
BME C2  H21  sing N N 89  
BME C2  H22  sing N N 90  
BME O1  HO1  sing N N 91  
BME S2  HS2  sing N N 92  
CYS N   CA   sing N N 93  
CYS N   H    sing N N 94  
CYS N   H2   sing N N 95  
CYS CA  C    sing N N 96  
CYS CA  CB   sing N N 97  
CYS CA  HA   sing N N 98  
CYS C   O    doub N N 99  
CYS C   OXT  sing N N 100 
CYS CB  SG   sing N N 101 
CYS CB  HB2  sing N N 102 
CYS CB  HB3  sing N N 103 
CYS SG  HG   sing N N 104 
CYS OXT HXT  sing N N 105 
GLN N   CA   sing N N 106 
GLN N   H    sing N N 107 
GLN N   H2   sing N N 108 
GLN CA  C    sing N N 109 
GLN CA  CB   sing N N 110 
GLN CA  HA   sing N N 111 
GLN C   O    doub N N 112 
GLN C   OXT  sing N N 113 
GLN CB  CG   sing N N 114 
GLN CB  HB2  sing N N 115 
GLN CB  HB3  sing N N 116 
GLN CG  CD   sing N N 117 
GLN CG  HG2  sing N N 118 
GLN CG  HG3  sing N N 119 
GLN CD  OE1  doub N N 120 
GLN CD  NE2  sing N N 121 
GLN NE2 HE21 sing N N 122 
GLN NE2 HE22 sing N N 123 
GLN OXT HXT  sing N N 124 
GLU N   CA   sing N N 125 
GLU N   H    sing N N 126 
GLU N   H2   sing N N 127 
GLU CA  C    sing N N 128 
GLU CA  CB   sing N N 129 
GLU CA  HA   sing N N 130 
GLU C   O    doub N N 131 
GLU C   OXT  sing N N 132 
GLU CB  CG   sing N N 133 
GLU CB  HB2  sing N N 134 
GLU CB  HB3  sing N N 135 
GLU CG  CD   sing N N 136 
GLU CG  HG2  sing N N 137 
GLU CG  HG3  sing N N 138 
GLU CD  OE1  doub N N 139 
GLU CD  OE2  sing N N 140 
GLU OE2 HE2  sing N N 141 
GLU OXT HXT  sing N N 142 
GLY N   CA   sing N N 143 
GLY N   H    sing N N 144 
GLY N   H2   sing N N 145 
GLY CA  C    sing N N 146 
GLY CA  HA2  sing N N 147 
GLY CA  HA3  sing N N 148 
GLY C   O    doub N N 149 
GLY C   OXT  sing N N 150 
GLY OXT HXT  sing N N 151 
HIS N   CA   sing N N 152 
HIS N   H    sing N N 153 
HIS N   H2   sing N N 154 
HIS CA  C    sing N N 155 
HIS CA  CB   sing N N 156 
HIS CA  HA   sing N N 157 
HIS C   O    doub N N 158 
HIS C   OXT  sing N N 159 
HIS CB  CG   sing N N 160 
HIS CB  HB2  sing N N 161 
HIS CB  HB3  sing N N 162 
HIS CG  ND1  sing Y N 163 
HIS CG  CD2  doub Y N 164 
HIS ND1 CE1  doub Y N 165 
HIS ND1 HD1  sing N N 166 
HIS CD2 NE2  sing Y N 167 
HIS CD2 HD2  sing N N 168 
HIS CE1 NE2  sing Y N 169 
HIS CE1 HE1  sing N N 170 
HIS NE2 HE2  sing N N 171 
HIS OXT HXT  sing N N 172 
HOH O   H1   sing N N 173 
HOH O   H2   sing N N 174 
ILE N   CA   sing N N 175 
ILE N   H    sing N N 176 
ILE N   H2   sing N N 177 
ILE CA  C    sing N N 178 
ILE CA  CB   sing N N 179 
ILE CA  HA   sing N N 180 
ILE C   O    doub N N 181 
ILE C   OXT  sing N N 182 
ILE CB  CG1  sing N N 183 
ILE CB  CG2  sing N N 184 
ILE CB  HB   sing N N 185 
ILE CG1 CD1  sing N N 186 
ILE CG1 HG12 sing N N 187 
ILE CG1 HG13 sing N N 188 
ILE CG2 HG21 sing N N 189 
ILE CG2 HG22 sing N N 190 
ILE CG2 HG23 sing N N 191 
ILE CD1 HD11 sing N N 192 
ILE CD1 HD12 sing N N 193 
ILE CD1 HD13 sing N N 194 
ILE OXT HXT  sing N N 195 
LEU N   CA   sing N N 196 
LEU N   H    sing N N 197 
LEU N   H2   sing N N 198 
LEU CA  C    sing N N 199 
LEU CA  CB   sing N N 200 
LEU CA  HA   sing N N 201 
LEU C   O    doub N N 202 
LEU C   OXT  sing N N 203 
LEU CB  CG   sing N N 204 
LEU CB  HB2  sing N N 205 
LEU CB  HB3  sing N N 206 
LEU CG  CD1  sing N N 207 
LEU CG  CD2  sing N N 208 
LEU CG  HG   sing N N 209 
LEU CD1 HD11 sing N N 210 
LEU CD1 HD12 sing N N 211 
LEU CD1 HD13 sing N N 212 
LEU CD2 HD21 sing N N 213 
LEU CD2 HD22 sing N N 214 
LEU CD2 HD23 sing N N 215 
LEU OXT HXT  sing N N 216 
LYS N   CA   sing N N 217 
LYS N   H    sing N N 218 
LYS N   H2   sing N N 219 
LYS CA  C    sing N N 220 
LYS CA  CB   sing N N 221 
LYS CA  HA   sing N N 222 
LYS C   O    doub N N 223 
LYS C   OXT  sing N N 224 
LYS CB  CG   sing N N 225 
LYS CB  HB2  sing N N 226 
LYS CB  HB3  sing N N 227 
LYS CG  CD   sing N N 228 
LYS CG  HG2  sing N N 229 
LYS CG  HG3  sing N N 230 
LYS CD  CE   sing N N 231 
LYS CD  HD2  sing N N 232 
LYS CD  HD3  sing N N 233 
LYS CE  NZ   sing N N 234 
LYS CE  HE2  sing N N 235 
LYS CE  HE3  sing N N 236 
LYS NZ  HZ1  sing N N 237 
LYS NZ  HZ2  sing N N 238 
LYS NZ  HZ3  sing N N 239 
LYS OXT HXT  sing N N 240 
MET N   CA   sing N N 241 
MET N   H    sing N N 242 
MET N   H2   sing N N 243 
MET CA  C    sing N N 244 
MET CA  CB   sing N N 245 
MET CA  HA   sing N N 246 
MET C   O    doub N N 247 
MET C   OXT  sing N N 248 
MET CB  CG   sing N N 249 
MET CB  HB2  sing N N 250 
MET CB  HB3  sing N N 251 
MET CG  SD   sing N N 252 
MET CG  HG2  sing N N 253 
MET CG  HG3  sing N N 254 
MET SD  CE   sing N N 255 
MET CE  HE1  sing N N 256 
MET CE  HE2  sing N N 257 
MET CE  HE3  sing N N 258 
MET OXT HXT  sing N N 259 
PHE N   CA   sing N N 260 
PHE N   H    sing N N 261 
PHE N   H2   sing N N 262 
PHE CA  C    sing N N 263 
PHE CA  CB   sing N N 264 
PHE CA  HA   sing N N 265 
PHE C   O    doub N N 266 
PHE C   OXT  sing N N 267 
PHE CB  CG   sing N N 268 
PHE CB  HB2  sing N N 269 
PHE CB  HB3  sing N N 270 
PHE CG  CD1  doub Y N 271 
PHE CG  CD2  sing Y N 272 
PHE CD1 CE1  sing Y N 273 
PHE CD1 HD1  sing N N 274 
PHE CD2 CE2  doub Y N 275 
PHE CD2 HD2  sing N N 276 
PHE CE1 CZ   doub Y N 277 
PHE CE1 HE1  sing N N 278 
PHE CE2 CZ   sing Y N 279 
PHE CE2 HE2  sing N N 280 
PHE CZ  HZ   sing N N 281 
PHE OXT HXT  sing N N 282 
PRO N   CA   sing N N 283 
PRO N   CD   sing N N 284 
PRO N   H    sing N N 285 
PRO CA  C    sing N N 286 
PRO CA  CB   sing N N 287 
PRO CA  HA   sing N N 288 
PRO C   O    doub N N 289 
PRO C   OXT  sing N N 290 
PRO CB  CG   sing N N 291 
PRO CB  HB2  sing N N 292 
PRO CB  HB3  sing N N 293 
PRO CG  CD   sing N N 294 
PRO CG  HG2  sing N N 295 
PRO CG  HG3  sing N N 296 
PRO CD  HD2  sing N N 297 
PRO CD  HD3  sing N N 298 
PRO OXT HXT  sing N N 299 
SER N   CA   sing N N 300 
SER N   H    sing N N 301 
SER N   H2   sing N N 302 
SER CA  C    sing N N 303 
SER CA  CB   sing N N 304 
SER CA  HA   sing N N 305 
SER C   O    doub N N 306 
SER C   OXT  sing N N 307 
SER CB  OG   sing N N 308 
SER CB  HB2  sing N N 309 
SER CB  HB3  sing N N 310 
SER OG  HG   sing N N 311 
SER OXT HXT  sing N N 312 
THR N   CA   sing N N 313 
THR N   H    sing N N 314 
THR N   H2   sing N N 315 
THR CA  C    sing N N 316 
THR CA  CB   sing N N 317 
THR CA  HA   sing N N 318 
THR C   O    doub N N 319 
THR C   OXT  sing N N 320 
THR CB  OG1  sing N N 321 
THR CB  CG2  sing N N 322 
THR CB  HB   sing N N 323 
THR OG1 HG1  sing N N 324 
THR CG2 HG21 sing N N 325 
THR CG2 HG22 sing N N 326 
THR CG2 HG23 sing N N 327 
THR OXT HXT  sing N N 328 
TRP N   CA   sing N N 329 
TRP N   H    sing N N 330 
TRP N   H2   sing N N 331 
TRP CA  C    sing N N 332 
TRP CA  CB   sing N N 333 
TRP CA  HA   sing N N 334 
TRP C   O    doub N N 335 
TRP C   OXT  sing N N 336 
TRP CB  CG   sing N N 337 
TRP CB  HB2  sing N N 338 
TRP CB  HB3  sing N N 339 
TRP CG  CD1  doub Y N 340 
TRP CG  CD2  sing Y N 341 
TRP CD1 NE1  sing Y N 342 
TRP CD1 HD1  sing N N 343 
TRP CD2 CE2  doub Y N 344 
TRP CD2 CE3  sing Y N 345 
TRP NE1 CE2  sing Y N 346 
TRP NE1 HE1  sing N N 347 
TRP CE2 CZ2  sing Y N 348 
TRP CE3 CZ3  doub Y N 349 
TRP CE3 HE3  sing N N 350 
TRP CZ2 CH2  doub Y N 351 
TRP CZ2 HZ2  sing N N 352 
TRP CZ3 CH2  sing Y N 353 
TRP CZ3 HZ3  sing N N 354 
TRP CH2 HH2  sing N N 355 
TRP OXT HXT  sing N N 356 
TYR N   CA   sing N N 357 
TYR N   H    sing N N 358 
TYR N   H2   sing N N 359 
TYR CA  C    sing N N 360 
TYR CA  CB   sing N N 361 
TYR CA  HA   sing N N 362 
TYR C   O    doub N N 363 
TYR C   OXT  sing N N 364 
TYR CB  CG   sing N N 365 
TYR CB  HB2  sing N N 366 
TYR CB  HB3  sing N N 367 
TYR CG  CD1  doub Y N 368 
TYR CG  CD2  sing Y N 369 
TYR CD1 CE1  sing Y N 370 
TYR CD1 HD1  sing N N 371 
TYR CD2 CE2  doub Y N 372 
TYR CD2 HD2  sing N N 373 
TYR CE1 CZ   doub Y N 374 
TYR CE1 HE1  sing N N 375 
TYR CE2 CZ   sing Y N 376 
TYR CE2 HE2  sing N N 377 
TYR CZ  OH   sing N N 378 
TYR OH  HH   sing N N 379 
TYR OXT HXT  sing N N 380 
VAL N   CA   sing N N 381 
VAL N   H    sing N N 382 
VAL N   H2   sing N N 383 
VAL CA  C    sing N N 384 
VAL CA  CB   sing N N 385 
VAL CA  HA   sing N N 386 
VAL C   O    doub N N 387 
VAL C   OXT  sing N N 388 
VAL CB  CG1  sing N N 389 
VAL CB  CG2  sing N N 390 
VAL CB  HB   sing N N 391 
VAL CG1 HG11 sing N N 392 
VAL CG1 HG12 sing N N 393 
VAL CG1 HG13 sing N N 394 
VAL CG2 HG21 sing N N 395 
VAL CG2 HG22 sing N N 396 
VAL CG2 HG23 sing N N 397 
VAL OXT HXT  sing N N 398 
# 
loop_
_pdbx_entity_nonpoly.entity_id 
_pdbx_entity_nonpoly.name 
_pdbx_entity_nonpoly.comp_id 
2 'CHLORIDE ION'       CL  
3 BETA-MERCAPTOETHANOL BME 
4 3,5-DIFLUOROANILINE  5AN 
5 water                HOH 
# 
_pdbx_initial_refinement_model.id               1 
_pdbx_initial_refinement_model.entity_id_list   ? 
_pdbx_initial_refinement_model.type             'experimental model' 
_pdbx_initial_refinement_model.source_name      PDB 
_pdbx_initial_refinement_model.accession_code   1LGU 
_pdbx_initial_refinement_model.details          'PDB ENTRY 1LGU' 
# 
